data_5ZQE
#
_entry.id   5ZQE
#
_cell.length_a   75.041
_cell.length_b   99.258
_cell.length_c   155.050
_cell.angle_alpha   90.00
_cell.angle_beta   103.93
_cell.angle_gamma   90.00
#
_symmetry.space_group_name_H-M   'P 1 21 1'
#
loop_
_entity.id
_entity.type
_entity.pdbx_description
1 polymer 'Lmo2812 protein'
2 non-polymer '2-[CARBOXY-(2-FURAN-2-YL-2-METHOXYIMINO-ACETYLAMINO)-METHYL]-5-METHYL-3,6-DIHYDRO-2H-[1,3]THIAZINE-4-CARBOXYLIC ACID'
3 non-polymer GLYCEROL
4 non-polymer DI(HYDROXYETHYL)ETHER
5 water water
#
_entity_poly.entity_id   1
_entity_poly.type   'polypeptide(L)'
_entity_poly.pdbx_seq_one_letter_code
;HHHHHHDYDIPTTENLYFQGAMGSSTEQPNLYLSANAAAVYSVENGEALYEQNADKVMPIASLSKLMTAFLVLEAVDNNE
LSWDEKLDLVRLDDPSAVSLYAITQKRTWSVRDLYSAMLTMSANDAAETLGDRLDGADFPKEMNNQAKKLGMSSKTTFVS
ASGLDVDGKSAVSTTKDLFLLSSKLISTHPEVLETTSKPTVTTDKGAKLESTNDLLGSIQGLDGLKTGFTDEAGYCFIGT
AERGGKRVISIVLDAGTAEKRFKDTEKLMEVGFKED
;
_entity_poly.pdbx_strand_id   A,B,C,D,E,F,G,H
#
# COMPACT_ATOMS: atom_id res chain seq x y z
N GLN A 28 -42.17 -26.81 -7.29
CA GLN A 28 -40.79 -26.59 -7.71
C GLN A 28 -39.87 -27.70 -7.17
N PRO A 29 -38.77 -27.97 -7.88
CA PRO A 29 -37.86 -29.03 -7.45
C PRO A 29 -37.21 -28.73 -6.10
N ASN A 30 -36.77 -29.80 -5.44
CA ASN A 30 -36.12 -29.72 -4.14
C ASN A 30 -34.61 -29.62 -4.35
N LEU A 31 -34.11 -28.40 -4.45
CA LEU A 31 -32.68 -28.21 -4.60
C LEU A 31 -32.03 -28.04 -3.24
N TYR A 32 -30.75 -28.39 -3.18
CA TYR A 32 -29.92 -28.25 -1.98
C TYR A 32 -28.78 -27.33 -2.38
N LEU A 33 -29.03 -26.04 -2.30
CA LEU A 33 -28.09 -25.03 -2.75
C LEU A 33 -27.24 -24.53 -1.60
N SER A 34 -26.06 -24.04 -1.95
CA SER A 34 -25.24 -23.33 -0.96
C SER A 34 -25.83 -21.97 -0.65
N ALA A 35 -26.38 -21.31 -1.67
CA ALA A 35 -26.86 -19.94 -1.56
C ALA A 35 -27.92 -19.80 -0.48
N ASN A 36 -27.91 -18.66 0.21
CA ASN A 36 -29.01 -18.36 1.12
C ASN A 36 -30.26 -17.94 0.37
N ALA A 37 -30.12 -17.17 -0.69
CA ALA A 37 -31.22 -16.73 -1.54
C ALA A 37 -30.88 -17.03 -2.99
N ALA A 38 -31.87 -17.54 -3.74
CA ALA A 38 -31.62 -17.93 -5.12
C ALA A 38 -32.94 -18.08 -5.87
N ALA A 39 -32.84 -18.02 -7.19
CA ALA A 39 -34.00 -18.23 -8.06
C ALA A 39 -33.55 -18.34 -9.51
N VAL A 40 -34.41 -18.94 -10.33
CA VAL A 40 -34.25 -18.92 -11.78
C VAL A 40 -35.59 -18.56 -12.40
N TYR A 41 -35.56 -17.68 -13.41
CA TYR A 41 -36.75 -17.15 -14.06
C TYR A 41 -36.64 -17.32 -15.57
N SER A 42 -37.76 -17.60 -16.21
CA SER A 42 -37.83 -17.55 -17.67
C SER A 42 -38.05 -16.12 -18.12
N VAL A 43 -37.23 -15.65 -19.06
CA VAL A 43 -37.33 -14.26 -19.51
C VAL A 43 -38.65 -14.01 -20.23
N GLU A 44 -39.17 -15.04 -20.93
CA GLU A 44 -40.33 -14.89 -21.79
C GLU A 44 -41.54 -14.33 -21.04
N ASN A 45 -41.91 -14.98 -19.93
CA ASN A 45 -43.03 -14.50 -19.13
C ASN A 45 -42.62 -13.92 -17.79
N GLY A 46 -41.32 -13.83 -17.51
CA GLY A 46 -40.86 -13.37 -16.20
C GLY A 46 -41.28 -14.25 -15.05
N GLU A 47 -41.57 -15.52 -15.30
CA GLU A 47 -42.13 -16.34 -14.25
C GLU A 47 -41.08 -17.26 -13.64
N ALA A 48 -41.23 -17.50 -12.35
CA ALA A 48 -40.23 -18.23 -11.58
C ALA A 48 -40.35 -19.72 -11.82
N LEU A 49 -39.21 -20.36 -12.04
CA LEU A 49 -39.14 -21.82 -12.05
C LEU A 49 -38.57 -22.39 -10.77
N TYR A 50 -37.95 -21.56 -9.94
CA TYR A 50 -37.49 -21.94 -8.62
C TYR A 50 -37.22 -20.64 -7.88
N GLU A 51 -37.63 -20.58 -6.62
CA GLU A 51 -37.41 -19.42 -5.76
C GLU A 51 -37.11 -19.88 -4.35
N GLN A 52 -36.06 -19.32 -3.75
CA GLN A 52 -35.74 -19.54 -2.35
C GLN A 52 -35.38 -18.19 -1.74
N ASN A 53 -36.24 -17.69 -0.85
CA ASN A 53 -36.00 -16.40 -0.16
C ASN A 53 -35.92 -15.25 -1.16
N ALA A 54 -36.79 -15.28 -2.18
CA ALA A 54 -36.68 -14.37 -3.31
C ALA A 54 -37.17 -12.95 -3.01
N ASP A 55 -37.79 -12.74 -1.85
CA ASP A 55 -38.17 -11.41 -1.37
C ASP A 55 -37.22 -10.87 -0.31
N LYS A 56 -36.23 -11.65 0.13
CA LYS A 56 -35.41 -11.26 1.26
C LYS A 56 -34.34 -10.26 0.82
N VAL A 57 -34.23 -9.16 1.57
CA VAL A 57 -33.27 -8.12 1.23
C VAL A 57 -31.86 -8.61 1.53
N MET A 58 -30.99 -8.59 0.52
CA MET A 58 -29.64 -9.13 0.58
C MET A 58 -28.62 -8.11 0.11
N PRO A 59 -27.43 -8.09 0.73
CA PRO A 59 -26.32 -7.34 0.13
C PRO A 59 -25.95 -7.95 -1.22
N ILE A 60 -25.59 -7.09 -2.17
CA ILE A 60 -25.34 -7.53 -3.55
C ILE A 60 -23.94 -7.21 -4.05
N ALA A 61 -23.23 -6.26 -3.45
CA ALA A 61 -21.79 -6.02 -3.73
C ALA A 61 -21.59 -5.71 -5.22
N SER A 62 -20.69 -6.43 -5.90
CA SER A 62 -20.29 -6.07 -7.26
C SER A 62 -21.40 -6.24 -8.28
N LEU A 63 -22.52 -6.87 -7.90
CA LEU A 63 -23.67 -6.94 -8.78
C LEU A 63 -24.24 -5.56 -9.09
N SER A 64 -23.86 -4.55 -8.29
CA SER A 64 -24.20 -3.16 -8.58
C SER A 64 -23.67 -2.70 -9.92
N LYS A 65 -22.55 -3.28 -10.37
CA LYS A 65 -21.92 -2.88 -11.63
C LYS A 65 -22.81 -3.14 -12.84
N LEU A 66 -23.85 -3.98 -12.71
CA LEU A 66 -24.78 -4.18 -13.82
C LEU A 66 -25.65 -2.94 -14.05
N MET A 67 -26.02 -2.24 -12.98
CA MET A 67 -26.71 -0.96 -13.13
C MET A 67 -25.79 0.09 -13.74
N THR A 68 -24.52 0.08 -13.34
CA THR A 68 -23.56 1.01 -13.93
C THR A 68 -23.39 0.73 -15.41
N ALA A 69 -23.32 -0.54 -15.80
CA ALA A 69 -23.25 -0.88 -17.21
C ALA A 69 -24.48 -0.37 -17.97
N PHE A 70 -25.67 -0.56 -17.39
CA PHE A 70 -26.88 -0.09 -18.06
C PHE A 70 -26.81 1.40 -18.34
N LEU A 71 -26.41 2.19 -17.34
CA LEU A 71 -26.35 3.63 -17.49
C LEU A 71 -25.22 4.08 -18.41
N VAL A 72 -24.10 3.36 -18.46
CA VAL A 72 -23.07 3.64 -19.48
C VAL A 72 -23.62 3.38 -20.87
N LEU A 73 -24.32 2.26 -21.05
CA LEU A 73 -24.84 1.94 -22.37
C LEU A 73 -25.93 2.93 -22.78
N GLU A 74 -26.78 3.36 -21.83
CA GLU A 74 -27.77 4.40 -22.11
C GLU A 74 -27.10 5.70 -22.56
N ALA A 75 -25.99 6.08 -21.90
CA ALA A 75 -25.37 7.36 -22.20
C ALA A 75 -24.74 7.35 -23.59
N VAL A 76 -24.18 6.22 -24.01
CA VAL A 76 -23.65 6.13 -25.37
C VAL A 76 -24.78 6.30 -26.37
N ASP A 77 -25.90 5.60 -26.15
CA ASP A 77 -27.05 5.72 -27.05
C ASP A 77 -27.61 7.14 -27.07
N ASN A 78 -27.50 7.86 -25.95
CA ASN A 78 -28.06 9.21 -25.86
C ASN A 78 -27.11 10.26 -26.38
N ASN A 79 -26.01 9.88 -27.03
CA ASN A 79 -25.03 10.83 -27.56
C ASN A 79 -24.39 11.65 -26.45
N GLU A 80 -24.20 11.04 -25.28
CA GLU A 80 -23.67 11.74 -24.13
C GLU A 80 -22.34 11.20 -23.66
N LEU A 81 -21.81 10.16 -24.30
CA LEU A 81 -20.56 9.55 -23.88
C LEU A 81 -19.95 8.84 -25.08
N SER A 82 -18.63 8.90 -25.18
CA SER A 82 -17.89 8.29 -26.26
C SER A 82 -17.14 7.07 -25.76
N TRP A 83 -17.21 5.98 -26.54
CA TRP A 83 -16.42 4.79 -26.25
C TRP A 83 -14.91 5.07 -26.27
N ASP A 84 -14.47 6.03 -27.09
CA ASP A 84 -13.04 6.32 -27.22
C ASP A 84 -12.57 7.46 -26.32
N GLU A 85 -13.43 8.02 -25.48
CA GLU A 85 -12.99 9.01 -24.50
C GLU A 85 -11.97 8.40 -23.54
N LYS A 86 -10.89 9.13 -23.28
CA LYS A 86 -9.85 8.67 -22.37
C LYS A 86 -10.08 9.26 -20.99
N LEU A 87 -10.16 8.40 -19.97
CA LEU A 87 -10.37 8.82 -18.59
C LEU A 87 -9.27 8.29 -17.68
N ASP A 88 -8.97 9.07 -16.64
CA ASP A 88 -8.01 8.65 -15.61
C ASP A 88 -8.75 7.93 -14.49
N LEU A 89 -8.26 6.76 -14.12
CA LEU A 89 -8.89 5.98 -13.07
C LEU A 89 -8.95 6.78 -11.77
N VAL A 90 -10.12 6.80 -11.14
CA VAL A 90 -10.23 7.43 -9.82
C VAL A 90 -9.54 6.55 -8.80
N ARG A 91 -8.97 7.18 -7.77
CA ARG A 91 -8.30 6.44 -6.72
C ARG A 91 -9.31 5.98 -5.68
N LEU A 92 -9.13 4.74 -5.21
CA LEU A 92 -10.04 4.16 -4.22
C LEU A 92 -9.49 4.40 -2.82
N ASP A 93 -10.40 4.71 -1.89
CA ASP A 93 -10.00 4.98 -0.51
C ASP A 93 -9.22 3.83 0.09
N ASP A 94 -9.54 2.59 -0.29
CA ASP A 94 -8.73 1.43 0.10
C ASP A 94 -7.92 0.97 -1.11
N PRO A 95 -6.60 1.17 -1.13
CA PRO A 95 -5.79 0.65 -2.25
C PRO A 95 -5.76 -0.87 -2.32
N SER A 96 -6.36 -1.58 -1.35
CA SER A 96 -6.33 -3.04 -1.37
C SER A 96 -7.41 -3.65 -2.28
N ALA A 97 -8.51 -2.94 -2.52
CA ALA A 97 -9.61 -3.51 -3.28
C ALA A 97 -9.16 -3.86 -4.71
N VAL A 98 -9.89 -4.80 -5.32
CA VAL A 98 -9.58 -5.20 -6.68
C VAL A 98 -9.65 -3.98 -7.60
N SER A 99 -8.58 -3.74 -8.34
CA SER A 99 -8.48 -2.51 -9.10
C SER A 99 -7.66 -2.73 -10.36
N LEU A 100 -8.11 -2.08 -11.44
CA LEU A 100 -7.37 -2.13 -12.69
C LEU A 100 -5.99 -1.49 -12.53
N TYR A 101 -5.90 -0.42 -11.73
CA TYR A 101 -4.63 0.29 -11.59
C TYR A 101 -3.57 -0.59 -10.94
N ALA A 102 -3.94 -1.38 -9.93
CA ALA A 102 -2.96 -2.20 -9.23
C ALA A 102 -2.40 -3.29 -10.14
N ILE A 103 -3.23 -3.81 -11.05
CA ILE A 103 -2.85 -4.87 -11.96
C ILE A 103 -2.01 -4.36 -13.13
N THR A 104 -1.99 -3.06 -13.37
CA THR A 104 -1.40 -2.57 -14.61
C THR A 104 -0.42 -1.42 -14.40
N GLN A 105 -0.62 -0.63 -13.34
CA GLN A 105 0.11 0.63 -13.13
C GLN A 105 -0.20 1.65 -14.23
N LYS A 106 -1.35 1.51 -14.87
CA LYS A 106 -1.77 2.35 -15.98
C LYS A 106 -3.01 3.11 -15.54
N ARG A 107 -2.96 4.44 -15.62
CA ARG A 107 -4.07 5.25 -15.13
C ARG A 107 -5.08 5.64 -16.20
N THR A 108 -4.62 5.90 -17.43
CA THR A 108 -5.52 6.38 -18.48
C THR A 108 -6.05 5.21 -19.30
N TRP A 109 -7.36 5.19 -19.50
CA TRP A 109 -8.02 4.10 -20.20
C TRP A 109 -9.20 4.67 -20.96
N SER A 110 -9.56 4.00 -22.05
CA SER A 110 -10.76 4.40 -22.78
C SER A 110 -12.01 3.93 -22.04
N VAL A 111 -13.12 4.62 -22.32
CA VAL A 111 -14.40 4.21 -21.77
C VAL A 111 -14.70 2.76 -22.13
N ARG A 112 -14.34 2.35 -23.35
CA ARG A 112 -14.57 0.98 -23.78
C ARG A 112 -13.85 -0.01 -22.86
N ASP A 113 -12.58 0.24 -22.57
CA ASP A 113 -11.79 -0.69 -21.78
C ASP A 113 -12.18 -0.66 -20.30
N LEU A 114 -12.54 0.51 -19.79
CA LEU A 114 -13.06 0.62 -18.43
C LEU A 114 -14.35 -0.17 -18.29
N TYR A 115 -15.23 -0.06 -19.28
CA TYR A 115 -16.47 -0.84 -19.30
C TYR A 115 -16.19 -2.34 -19.33
N SER A 116 -15.27 -2.78 -20.19
CA SER A 116 -14.88 -4.19 -20.21
C SER A 116 -14.30 -4.63 -18.87
N ALA A 117 -13.40 -3.81 -18.31
CA ALA A 117 -12.79 -4.18 -17.03
C ALA A 117 -13.84 -4.33 -15.94
N MET A 118 -14.82 -3.45 -15.94
CA MET A 118 -15.88 -3.51 -14.94
C MET A 118 -16.65 -4.82 -15.03
N LEU A 119 -16.91 -5.29 -16.25
CA LEU A 119 -17.74 -6.48 -16.46
C LEU A 119 -16.97 -7.79 -16.45
N THR A 120 -15.67 -7.78 -16.75
CA THR A 120 -14.92 -9.04 -16.80
C THR A 120 -14.29 -9.35 -15.44
N MET A 121 -13.35 -8.53 -15.01
CA MET A 121 -12.62 -8.75 -13.78
C MET A 121 -13.23 -8.04 -12.58
N SER A 122 -14.30 -7.27 -12.77
CA SER A 122 -14.97 -6.50 -11.71
C SER A 122 -14.03 -5.47 -11.07
N ALA A 123 -13.26 -4.76 -11.89
CA ALA A 123 -12.42 -3.67 -11.44
C ALA A 123 -13.26 -2.56 -10.80
N ASN A 124 -13.09 -2.35 -9.50
CA ASN A 124 -13.93 -1.37 -8.81
C ASN A 124 -13.59 0.05 -9.20
N ASP A 125 -12.32 0.33 -9.48
CA ASP A 125 -11.99 1.72 -9.83
C ASP A 125 -12.48 2.07 -11.23
N ALA A 126 -12.56 1.07 -12.12
CA ALA A 126 -13.21 1.26 -13.41
C ALA A 126 -14.66 1.67 -13.24
N ALA A 127 -15.40 0.95 -12.40
CA ALA A 127 -16.80 1.27 -12.18
C ALA A 127 -16.97 2.67 -11.60
N GLU A 128 -16.13 3.05 -10.64
CA GLU A 128 -16.25 4.38 -10.03
C GLU A 128 -15.86 5.49 -11.01
N THR A 129 -14.86 5.24 -11.85
CA THR A 129 -14.49 6.24 -12.85
C THR A 129 -15.64 6.49 -13.83
N LEU A 130 -16.30 5.42 -14.26
CA LEU A 130 -17.44 5.55 -15.17
C LEU A 130 -18.60 6.30 -14.50
N GLY A 131 -18.96 5.92 -13.28
CA GLY A 131 -20.05 6.60 -12.60
C GLY A 131 -19.78 8.07 -12.36
N ASP A 132 -18.53 8.41 -12.03
CA ASP A 132 -18.17 9.80 -11.80
C ASP A 132 -18.23 10.62 -13.08
N ARG A 133 -17.76 10.05 -14.20
CA ARG A 133 -17.87 10.71 -15.49
C ARG A 133 -19.34 10.97 -15.85
N LEU A 134 -20.22 10.03 -15.53
CA LEU A 134 -21.62 10.17 -15.94
C LEU A 134 -22.33 11.23 -15.12
N ASP A 135 -22.21 11.18 -13.80
CA ASP A 135 -23.03 12.02 -12.94
C ASP A 135 -22.27 12.57 -11.73
N GLY A 136 -20.95 12.43 -11.71
CA GLY A 136 -20.17 12.99 -10.61
C GLY A 136 -20.61 12.41 -9.28
N ALA A 137 -20.85 13.31 -8.32
CA ALA A 137 -21.30 12.90 -6.98
C ALA A 137 -22.72 12.37 -6.98
N ASP A 138 -23.55 12.73 -7.95
CA ASP A 138 -24.95 12.34 -7.96
C ASP A 138 -25.19 10.99 -8.61
N PHE A 139 -24.17 10.19 -8.83
CA PHE A 139 -24.40 8.97 -9.59
C PHE A 139 -25.22 7.91 -8.83
N PRO A 140 -25.05 7.73 -7.52
CA PRO A 140 -25.97 6.82 -6.82
C PRO A 140 -27.44 7.20 -6.97
N LYS A 141 -27.77 8.49 -6.88
CA LYS A 141 -29.14 8.93 -7.12
C LYS A 141 -29.64 8.48 -8.48
N GLU A 142 -28.78 8.53 -9.49
CA GLU A 142 -29.15 8.10 -10.83
C GLU A 142 -29.37 6.60 -10.88
N MET A 143 -28.52 5.84 -10.18
CA MET A 143 -28.74 4.40 -10.10
C MET A 143 -30.09 4.07 -9.48
N ASN A 144 -30.45 4.78 -8.42
CA ASN A 144 -31.73 4.51 -7.75
C ASN A 144 -32.90 5.08 -8.53
N ASN A 145 -32.74 6.23 -9.17
CA ASN A 145 -33.76 6.71 -10.10
C ASN A 145 -34.05 5.65 -11.15
N GLN A 146 -33.00 5.15 -11.81
CA GLN A 146 -33.13 4.12 -12.83
C GLN A 146 -33.66 2.79 -12.26
N ALA A 147 -33.31 2.44 -11.03
CA ALA A 147 -33.90 1.25 -10.44
C ALA A 147 -35.42 1.36 -10.40
N LYS A 148 -35.94 2.54 -10.06
CA LYS A 148 -37.38 2.73 -10.03
C LYS A 148 -37.99 2.65 -11.43
N LYS A 149 -37.33 3.26 -12.42
CA LYS A 149 -37.86 3.19 -13.78
C LYS A 149 -37.86 1.78 -14.34
N LEU A 150 -37.04 0.88 -13.80
CA LEU A 150 -36.97 -0.48 -14.31
C LEU A 150 -37.86 -1.44 -13.56
N GLY A 151 -38.75 -0.94 -12.70
CA GLY A 151 -39.68 -1.80 -11.99
C GLY A 151 -39.14 -2.44 -10.75
N MET A 152 -37.89 -2.14 -10.35
CA MET A 152 -37.36 -2.65 -9.10
C MET A 152 -38.13 -2.06 -7.92
N SER A 153 -38.32 -2.86 -6.88
CA SER A 153 -39.06 -2.43 -5.69
C SER A 153 -38.22 -1.47 -4.86
N SER A 154 -38.88 -0.82 -3.90
CA SER A 154 -38.18 0.09 -2.99
C SER A 154 -37.27 -0.64 -2.00
N LYS A 155 -37.19 -1.97 -2.04
CA LYS A 155 -36.20 -2.66 -1.23
C LYS A 155 -34.81 -2.59 -1.82
N THR A 156 -34.68 -2.24 -3.10
CA THR A 156 -33.38 -2.08 -3.72
C THR A 156 -32.78 -0.72 -3.36
N THR A 157 -31.51 -0.72 -2.97
CA THR A 157 -30.77 0.50 -2.72
C THR A 157 -29.38 0.33 -3.29
N PHE A 158 -29.03 1.17 -4.25
CA PHE A 158 -27.65 1.27 -4.72
C PHE A 158 -26.95 2.39 -3.96
N VAL A 159 -25.67 2.18 -3.64
CA VAL A 159 -24.89 3.21 -2.97
C VAL A 159 -23.69 3.65 -3.77
N SER A 160 -23.19 2.86 -4.72
CA SER A 160 -22.05 3.29 -5.50
C SER A 160 -22.02 2.53 -6.82
N ALA A 161 -21.24 3.07 -7.77
CA ALA A 161 -21.11 2.46 -9.08
C ALA A 161 -20.50 1.06 -9.01
N SER A 162 -19.61 0.84 -8.06
CA SER A 162 -18.91 -0.45 -7.95
C SER A 162 -19.57 -1.42 -6.99
N GLY A 163 -20.46 -0.98 -6.13
CA GLY A 163 -20.98 -1.84 -5.09
C GLY A 163 -20.16 -1.82 -3.82
N LEU A 164 -19.07 -1.07 -3.78
CA LEU A 164 -18.35 -0.84 -2.53
C LEU A 164 -19.19 -0.01 -1.57
N ASP A 165 -19.11 -0.36 -0.28
CA ASP A 165 -19.80 0.38 0.77
C ASP A 165 -19.42 1.85 0.75
N VAL A 166 -20.38 2.72 1.09
CA VAL A 166 -20.14 4.15 1.22
C VAL A 166 -20.75 4.62 2.53
N ASP A 167 -19.95 5.29 3.35
CA ASP A 167 -20.38 5.74 4.68
C ASP A 167 -20.97 4.59 5.49
N GLY A 168 -20.37 3.41 5.35
CA GLY A 168 -20.87 2.23 6.03
C GLY A 168 -22.15 1.67 5.46
N LYS A 169 -22.71 2.29 4.42
CA LYS A 169 -23.98 1.86 3.81
C LYS A 169 -23.70 0.92 2.66
N SER A 170 -24.47 -0.16 2.58
CA SER A 170 -24.26 -1.23 1.61
C SER A 170 -25.38 -1.28 0.57
N ALA A 171 -25.04 -1.73 -0.63
CA ALA A 171 -26.05 -1.90 -1.66
C ALA A 171 -26.82 -3.18 -1.39
N VAL A 172 -28.15 -3.10 -1.45
CA VAL A 172 -29.00 -4.25 -1.17
C VAL A 172 -30.09 -4.36 -2.22
N SER A 173 -30.60 -5.57 -2.39
CA SER A 173 -31.68 -5.83 -3.33
C SER A 173 -32.32 -7.18 -2.97
N THR A 174 -33.16 -7.69 -3.88
CA THR A 174 -33.73 -9.03 -3.78
C THR A 174 -33.51 -9.75 -5.11
N THR A 175 -33.62 -11.08 -5.09
CA THR A 175 -33.44 -11.83 -6.34
C THR A 175 -34.50 -11.46 -7.36
N LYS A 176 -35.69 -11.06 -6.90
CA LYS A 176 -36.74 -10.64 -7.80
C LYS A 176 -36.40 -9.31 -8.46
N ASP A 177 -35.89 -8.34 -7.68
CA ASP A 177 -35.46 -7.08 -8.28
C ASP A 177 -34.23 -7.27 -9.15
N LEU A 178 -33.34 -8.17 -8.75
CA LEU A 178 -32.16 -8.43 -9.57
C LEU A 178 -32.54 -9.04 -10.91
N PHE A 179 -33.55 -9.91 -10.92
CA PHE A 179 -34.07 -10.42 -12.18
C PHE A 179 -34.60 -9.29 -13.05
N LEU A 180 -35.37 -8.37 -12.47
CA LEU A 180 -35.96 -7.29 -13.25
C LEU A 180 -34.89 -6.42 -13.88
N LEU A 181 -33.85 -6.08 -13.11
CA LEU A 181 -32.73 -5.34 -13.66
C LEU A 181 -32.04 -6.12 -14.77
N SER A 182 -31.74 -7.41 -14.52
CA SER A 182 -30.99 -8.19 -15.49
C SER A 182 -31.74 -8.31 -16.81
N SER A 183 -33.02 -8.71 -16.77
CA SER A 183 -33.75 -8.90 -18.01
C SER A 183 -33.95 -7.59 -18.75
N LYS A 184 -34.12 -6.49 -18.01
CA LYS A 184 -34.24 -5.19 -18.65
C LYS A 184 -32.92 -4.76 -19.29
N LEU A 185 -31.80 -5.02 -18.61
CA LEU A 185 -30.50 -4.74 -19.20
C LEU A 185 -30.33 -5.52 -20.51
N ILE A 186 -30.67 -6.80 -20.49
CA ILE A 186 -30.43 -7.67 -21.65
C ILE A 186 -31.36 -7.32 -22.79
N SER A 187 -32.61 -6.97 -22.51
CA SER A 187 -33.51 -6.69 -23.61
C SER A 187 -33.30 -5.29 -24.16
N THR A 188 -32.81 -4.36 -23.33
CA THR A 188 -32.54 -3.00 -23.78
C THR A 188 -31.19 -2.90 -24.49
N HIS A 189 -30.18 -3.61 -23.99
CA HIS A 189 -28.84 -3.55 -24.55
C HIS A 189 -28.31 -4.96 -24.73
N PRO A 190 -28.85 -5.71 -25.70
CA PRO A 190 -28.38 -7.09 -25.90
C PRO A 190 -26.89 -7.18 -26.14
N GLU A 191 -26.25 -6.12 -26.63
CA GLU A 191 -24.82 -6.16 -26.86
C GLU A 191 -24.01 -6.33 -25.58
N VAL A 192 -24.63 -6.15 -24.41
CA VAL A 192 -23.92 -6.39 -23.17
C VAL A 192 -23.40 -7.82 -23.14
N LEU A 193 -24.15 -8.76 -23.72
CA LEU A 193 -23.75 -10.16 -23.71
C LEU A 193 -22.55 -10.41 -24.62
N GLU A 194 -22.28 -9.52 -25.58
CA GLU A 194 -21.07 -9.63 -26.37
C GLU A 194 -19.82 -9.43 -25.51
N THR A 195 -19.95 -8.75 -24.38
CA THR A 195 -18.81 -8.60 -23.47
C THR A 195 -18.80 -9.67 -22.38
N THR A 196 -19.96 -9.98 -21.76
CA THR A 196 -19.94 -10.91 -20.64
C THR A 196 -19.79 -12.37 -21.06
N SER A 197 -19.99 -12.70 -22.34
CA SER A 197 -19.79 -14.07 -22.80
C SER A 197 -18.34 -14.45 -23.05
N LYS A 198 -17.40 -13.51 -22.90
CA LYS A 198 -16.01 -13.76 -23.25
C LYS A 198 -15.20 -14.14 -22.02
N PRO A 199 -14.59 -15.33 -21.98
CA PRO A 199 -13.66 -15.63 -20.87
C PRO A 199 -12.54 -14.62 -20.73
N THR A 200 -12.01 -14.10 -21.83
CA THR A 200 -10.99 -13.05 -21.80
C THR A 200 -11.39 -11.95 -22.77
N VAL A 201 -11.18 -10.71 -22.38
CA VAL A 201 -11.30 -9.57 -23.29
C VAL A 201 -9.93 -8.98 -23.49
N THR A 202 -9.52 -8.86 -24.74
CA THR A 202 -8.27 -8.20 -25.10
C THR A 202 -8.61 -6.82 -25.64
N THR A 203 -8.07 -5.78 -25.01
CA THR A 203 -8.32 -4.44 -25.49
C THR A 203 -7.55 -4.20 -26.78
N ASP A 204 -7.79 -3.04 -27.40
CA ASP A 204 -7.11 -2.72 -28.65
C ASP A 204 -5.59 -2.72 -28.46
N LYS A 205 -5.12 -2.19 -27.33
CA LYS A 205 -3.70 -2.08 -27.08
C LYS A 205 -3.09 -3.34 -26.45
N GLY A 206 -3.88 -4.40 -26.28
CA GLY A 206 -3.34 -5.69 -25.94
C GLY A 206 -3.44 -6.10 -24.50
N ALA A 207 -4.13 -5.33 -23.66
CA ALA A 207 -4.33 -5.73 -22.28
C ALA A 207 -5.36 -6.86 -22.19
N LYS A 208 -5.04 -7.88 -21.40
CA LYS A 208 -5.92 -9.03 -21.23
C LYS A 208 -6.71 -8.87 -19.94
N LEU A 209 -8.04 -8.98 -20.04
CA LEU A 209 -8.93 -8.79 -18.89
C LEU A 209 -9.73 -10.08 -18.69
N GLU A 210 -9.37 -10.82 -17.64
CA GLU A 210 -9.90 -12.17 -17.42
C GLU A 210 -11.23 -12.11 -16.69
N SER A 211 -12.21 -12.85 -17.19
CA SER A 211 -13.54 -12.84 -16.60
C SER A 211 -13.55 -13.64 -15.29
N THR A 212 -14.36 -13.19 -14.34
CA THR A 212 -14.61 -13.93 -13.10
C THR A 212 -15.67 -15.01 -13.27
N ASN A 213 -16.31 -15.10 -14.43
CA ASN A 213 -17.38 -16.07 -14.68
C ASN A 213 -16.74 -17.37 -15.13
N ASP A 214 -16.55 -18.30 -14.21
CA ASP A 214 -15.87 -19.53 -14.57
C ASP A 214 -16.76 -20.55 -15.23
N LEU A 215 -18.06 -20.26 -15.39
CA LEU A 215 -18.95 -21.19 -16.08
C LEU A 215 -18.97 -20.99 -17.60
N LEU A 216 -18.37 -19.91 -18.10
CA LEU A 216 -18.30 -19.70 -19.54
C LEU A 216 -17.61 -20.88 -20.22
N GLY A 217 -18.29 -21.50 -21.18
CA GLY A 217 -17.78 -22.69 -21.82
C GLY A 217 -18.11 -24.00 -21.12
N SER A 218 -18.83 -23.98 -20.00
CA SER A 218 -19.19 -25.20 -19.30
C SER A 218 -20.66 -25.54 -19.41
N ILE A 219 -21.53 -24.55 -19.40
CA ILE A 219 -22.95 -24.71 -19.67
C ILE A 219 -23.22 -24.19 -21.06
N GLN A 220 -23.84 -25.02 -21.90
CA GLN A 220 -24.12 -24.63 -23.27
C GLN A 220 -25.16 -23.52 -23.30
N GLY A 221 -24.85 -22.42 -23.95
CA GLY A 221 -25.75 -21.29 -24.01
C GLY A 221 -25.51 -20.21 -22.99
N LEU A 222 -24.66 -20.45 -21.98
CA LEU A 222 -24.42 -19.44 -20.96
C LEU A 222 -23.57 -18.30 -21.51
N ASP A 223 -24.06 -17.06 -21.39
CA ASP A 223 -23.33 -15.91 -21.92
C ASP A 223 -23.22 -14.73 -20.95
N GLY A 224 -23.66 -14.88 -19.71
CA GLY A 224 -23.52 -13.83 -18.71
C GLY A 224 -23.67 -14.47 -17.35
N LEU A 225 -23.65 -13.63 -16.29
CA LEU A 225 -23.75 -12.18 -16.41
C LEU A 225 -22.81 -11.40 -15.46
N LYS A 226 -22.77 -11.70 -14.15
CA LYS A 226 -21.96 -10.93 -13.22
C LYS A 226 -21.74 -11.67 -11.91
N THR A 227 -20.49 -11.66 -11.41
CA THR A 227 -20.15 -12.19 -10.09
C THR A 227 -20.10 -11.07 -9.04
N GLY A 228 -20.15 -11.49 -7.78
CA GLY A 228 -19.93 -10.57 -6.67
C GLY A 228 -19.51 -11.32 -5.43
N PHE A 229 -18.79 -10.62 -4.55
CA PHE A 229 -18.39 -11.17 -3.25
C PHE A 229 -18.04 -10.04 -2.30
N THR A 230 -18.59 -10.10 -1.09
CA THR A 230 -18.02 -9.49 0.11
C THR A 230 -18.27 -10.45 1.25
N ASP A 231 -17.64 -10.19 2.38
CA ASP A 231 -17.89 -11.00 3.57
C ASP A 231 -19.37 -11.03 3.90
N GLU A 232 -20.04 -9.88 3.80
CA GLU A 232 -21.45 -9.78 4.15
C GLU A 232 -22.34 -10.40 3.08
N ALA A 233 -21.99 -10.23 1.82
CA ALA A 233 -22.82 -10.71 0.73
C ALA A 233 -22.59 -12.19 0.42
N GLY A 234 -21.48 -12.77 0.87
CA GLY A 234 -21.16 -14.11 0.41
C GLY A 234 -20.77 -14.07 -1.06
N TYR A 235 -20.76 -15.26 -1.67
CA TYR A 235 -20.40 -15.41 -3.07
C TYR A 235 -21.67 -15.41 -3.90
N CYS A 236 -21.75 -14.50 -4.86
CA CYS A 236 -22.96 -14.19 -5.60
C CYS A 236 -22.71 -14.30 -7.09
N PHE A 237 -23.76 -14.62 -7.85
CA PHE A 237 -23.63 -14.70 -9.30
C PHE A 237 -25.00 -14.55 -9.93
N ILE A 238 -25.09 -13.70 -10.96
CA ILE A 238 -26.24 -13.66 -11.85
C ILE A 238 -25.81 -14.31 -13.15
N GLY A 239 -26.50 -15.36 -13.56
CA GLY A 239 -26.18 -16.04 -14.81
C GLY A 239 -27.30 -15.93 -15.83
N THR A 240 -26.98 -16.14 -17.11
CA THR A 240 -28.02 -16.13 -18.13
C THR A 240 -27.59 -17.04 -19.26
N ALA A 241 -28.57 -17.74 -19.84
CA ALA A 241 -28.30 -18.67 -20.92
C ALA A 241 -29.51 -18.71 -21.84
N GLU A 242 -29.27 -18.96 -23.12
CA GLU A 242 -30.36 -19.09 -24.07
C GLU A 242 -30.15 -20.34 -24.92
N ARG A 243 -31.20 -21.17 -25.02
CA ARG A 243 -31.22 -22.31 -25.92
C ARG A 243 -32.52 -22.28 -26.72
N GLY A 244 -32.40 -22.17 -28.04
CA GLY A 244 -33.57 -22.26 -28.90
C GLY A 244 -34.63 -21.24 -28.63
N GLY A 245 -34.25 -19.96 -28.58
CA GLY A 245 -35.18 -18.88 -28.35
C GLY A 245 -35.62 -18.70 -26.91
N LYS A 246 -35.28 -19.63 -26.01
CA LYS A 246 -35.68 -19.56 -24.62
C LYS A 246 -34.48 -19.08 -23.81
N ARG A 247 -34.66 -17.97 -23.09
CA ARG A 247 -33.63 -17.42 -22.22
C ARG A 247 -34.06 -17.59 -20.75
N VAL A 248 -33.09 -17.91 -19.90
CA VAL A 248 -33.34 -17.94 -18.46
C VAL A 248 -32.30 -17.06 -17.78
N ILE A 249 -32.66 -16.55 -16.61
CA ILE A 249 -31.76 -15.76 -15.78
C ILE A 249 -31.82 -16.36 -14.38
N SER A 250 -30.65 -16.76 -13.86
CA SER A 250 -30.52 -17.29 -12.51
C SER A 250 -29.79 -16.29 -11.63
N ILE A 251 -30.14 -16.28 -10.35
CA ILE A 251 -29.58 -15.38 -9.35
C ILE A 251 -29.21 -16.22 -8.13
N VAL A 252 -27.95 -16.13 -7.69
CA VAL A 252 -27.44 -16.82 -6.53
C VAL A 252 -26.81 -15.79 -5.61
N LEU A 253 -27.21 -15.78 -4.34
CA LEU A 253 -26.71 -14.83 -3.36
C LEU A 253 -26.25 -15.58 -2.12
N ASP A 254 -25.07 -15.22 -1.61
CA ASP A 254 -24.55 -15.74 -0.34
C ASP A 254 -24.25 -17.24 -0.41
N ALA A 255 -23.54 -17.65 -1.45
CA ALA A 255 -23.02 -19.01 -1.45
C ALA A 255 -21.76 -19.07 -0.60
N GLY A 256 -21.33 -20.29 -0.27
CA GLY A 256 -20.29 -20.48 0.71
C GLY A 256 -18.87 -20.34 0.19
N THR A 257 -18.63 -20.69 -1.06
CA THR A 257 -17.30 -20.55 -1.66
C THR A 257 -17.45 -20.00 -3.05
N ALA A 258 -16.31 -19.60 -3.62
CA ALA A 258 -16.29 -19.10 -4.99
C ALA A 258 -16.73 -20.17 -5.97
N GLU A 259 -16.47 -21.44 -5.67
CA GLU A 259 -16.90 -22.50 -6.57
C GLU A 259 -18.38 -22.84 -6.40
N LYS A 260 -18.93 -22.67 -5.19
CA LYS A 260 -20.28 -23.17 -4.93
C LYS A 260 -21.36 -22.31 -5.56
N ARG A 261 -21.15 -21.00 -5.72
CA ARG A 261 -22.14 -20.20 -6.44
C ARG A 261 -22.29 -20.69 -7.87
N PHE A 262 -21.26 -21.33 -8.41
CA PHE A 262 -21.35 -21.86 -9.76
C PHE A 262 -22.02 -23.22 -9.78
N LYS A 263 -21.72 -24.07 -8.80
CA LYS A 263 -22.46 -25.33 -8.66
C LYS A 263 -23.94 -25.08 -8.45
N ASP A 264 -24.28 -24.04 -7.68
CA ASP A 264 -25.69 -23.66 -7.51
C ASP A 264 -26.29 -23.23 -8.85
N THR A 265 -25.55 -22.43 -9.61
CA THR A 265 -26.04 -21.99 -10.92
C THR A 265 -26.29 -23.17 -11.86
N GLU A 266 -25.38 -24.15 -11.84
CA GLU A 266 -25.56 -25.35 -12.67
C GLU A 266 -26.88 -26.05 -12.34
N LYS A 267 -27.26 -26.09 -11.06
CA LYS A 267 -28.53 -26.70 -10.68
C LYS A 267 -29.70 -25.85 -11.12
N LEU A 268 -29.55 -24.53 -11.06
CA LEU A 268 -30.65 -23.65 -11.46
C LEU A 268 -30.84 -23.65 -12.97
N MET A 269 -29.75 -23.73 -13.74
CA MET A 269 -29.87 -23.80 -15.18
C MET A 269 -30.55 -25.10 -15.61
N GLU A 270 -30.27 -26.21 -14.90
CA GLU A 270 -30.90 -27.48 -15.19
C GLU A 270 -32.41 -27.41 -14.97
N VAL A 271 -32.83 -26.69 -13.93
CA VAL A 271 -34.25 -26.46 -13.71
C VAL A 271 -34.80 -25.54 -14.80
N GLY A 272 -34.00 -24.55 -15.21
CA GLY A 272 -34.47 -23.56 -16.17
C GLY A 272 -34.77 -24.13 -17.55
N PHE A 273 -34.01 -25.16 -17.97
CA PHE A 273 -34.19 -25.74 -19.29
C PHE A 273 -34.85 -27.11 -19.23
N LYS A 274 -35.52 -27.43 -18.13
CA LYS A 274 -36.20 -28.71 -17.98
C LYS A 274 -37.26 -28.88 -19.06
N GLN B 28 0.35 3.56 12.02
CA GLN B 28 1.30 4.67 12.15
C GLN B 28 0.71 5.96 11.56
N PRO B 29 1.11 7.11 12.11
CA PRO B 29 0.59 8.39 11.59
C PRO B 29 0.87 8.56 10.11
N ASN B 30 0.16 9.50 9.49
CA ASN B 30 0.37 9.85 8.09
C ASN B 30 1.25 11.09 8.05
N LEU B 31 2.56 10.89 7.95
CA LEU B 31 3.46 12.01 7.80
C LEU B 31 3.64 12.36 6.33
N TYR B 32 4.02 13.61 6.07
CA TYR B 32 4.36 14.09 4.74
C TYR B 32 5.79 14.61 4.81
N LEU B 33 6.74 13.67 4.75
CA LEU B 33 8.14 13.97 4.97
C LEU B 33 8.82 14.30 3.64
N SER B 34 9.84 15.14 3.72
CA SER B 34 10.67 15.37 2.54
C SER B 34 11.46 14.11 2.18
N ALA B 35 11.89 13.36 3.18
CA ALA B 35 12.81 12.25 2.97
C ALA B 35 12.15 11.13 2.16
N ASN B 36 12.99 10.43 1.38
CA ASN B 36 12.53 9.24 0.67
C ASN B 36 12.42 8.03 1.59
N ALA B 37 13.34 7.88 2.53
CA ALA B 37 13.31 6.82 3.53
C ALA B 37 13.43 7.41 4.92
N ALA B 38 12.58 6.95 5.84
CA ALA B 38 12.60 7.54 7.17
C ALA B 38 11.93 6.60 8.17
N ALA B 39 12.27 6.81 9.45
CA ALA B 39 11.72 5.95 10.49
C ALA B 39 12.08 6.55 11.85
N VAL B 40 11.31 6.16 12.86
CA VAL B 40 11.66 6.43 14.25
C VAL B 40 11.36 5.17 15.05
N TYR B 41 12.24 4.85 15.98
CA TYR B 41 12.18 3.62 16.78
C TYR B 41 12.37 3.94 18.25
N SER B 42 11.66 3.22 19.10
CA SER B 42 11.92 3.28 20.53
C SER B 42 13.04 2.32 20.88
N VAL B 43 13.99 2.78 21.69
CA VAL B 43 15.16 1.97 22.02
C VAL B 43 14.79 0.83 22.96
N GLU B 44 13.80 1.05 23.83
CA GLU B 44 13.41 0.07 24.85
C GLU B 44 13.21 -1.31 24.25
N ASN B 45 12.32 -1.43 23.26
CA ASN B 45 12.05 -2.71 22.63
C ASN B 45 12.57 -2.80 21.21
N GLY B 46 13.09 -1.71 20.65
CA GLY B 46 13.50 -1.70 19.26
C GLY B 46 12.36 -1.63 18.28
N GLU B 47 11.17 -1.24 18.69
CA GLU B 47 10.05 -1.38 17.79
C GLU B 47 9.74 -0.07 17.08
N ALA B 48 9.31 -0.20 15.83
CA ALA B 48 9.07 0.95 14.97
C ALA B 48 7.83 1.71 15.41
N LEU B 49 7.95 3.03 15.50
CA LEU B 49 6.82 3.92 15.71
C LEU B 49 6.34 4.58 14.43
N TYR B 50 7.16 4.55 13.38
CA TYR B 50 6.84 5.03 12.05
C TYR B 50 7.91 4.50 11.12
N GLU B 51 7.51 4.07 9.92
CA GLU B 51 8.43 3.49 8.96
C GLU B 51 7.99 3.87 7.55
N GLN B 52 8.95 4.29 6.73
CA GLN B 52 8.73 4.58 5.32
C GLN B 52 9.96 4.11 4.55
N ASN B 53 9.78 3.14 3.65
CA ASN B 53 10.88 2.57 2.87
C ASN B 53 12.02 2.11 3.77
N ALA B 54 11.69 1.44 4.87
CA ALA B 54 12.68 1.13 5.88
C ALA B 54 13.59 -0.05 5.52
N ASP B 55 13.22 -0.84 4.52
CA ASP B 55 14.07 -1.91 3.99
C ASP B 55 14.84 -1.47 2.75
N LYS B 56 14.68 -0.23 2.31
CA LYS B 56 15.24 0.19 1.03
C LYS B 56 16.71 0.55 1.20
N VAL B 57 17.54 0.01 0.31
CA VAL B 57 18.98 0.23 0.38
C VAL B 57 19.26 1.63 -0.13
N MET B 58 19.93 2.44 0.70
CA MET B 58 20.12 3.85 0.44
C MET B 58 21.57 4.22 0.68
N PRO B 59 22.15 5.12 -0.13
CA PRO B 59 23.44 5.71 0.22
C PRO B 59 23.37 6.48 1.52
N ILE B 60 24.41 6.33 2.36
CA ILE B 60 24.40 6.91 3.70
C ILE B 60 25.49 7.95 3.94
N ALA B 61 26.56 7.97 3.13
CA ALA B 61 27.56 9.08 3.14
C ALA B 61 28.16 9.23 4.55
N SER B 62 28.11 10.43 5.14
CA SER B 62 28.81 10.73 6.38
C SER B 62 28.24 10.01 7.59
N LEU B 63 27.07 9.39 7.46
CA LEU B 63 26.57 8.53 8.53
C LEU B 63 27.53 7.38 8.79
N SER B 64 28.37 7.03 7.81
CA SER B 64 29.45 6.06 8.01
C SER B 64 30.35 6.42 9.18
N LYS B 65 30.42 7.70 9.55
CA LYS B 65 31.35 8.10 10.61
C LYS B 65 30.93 7.61 11.98
N LEU B 66 29.67 7.17 12.14
CA LEU B 66 29.24 6.58 13.40
C LEU B 66 29.85 5.20 13.62
N MET B 67 30.08 4.45 12.55
CA MET B 67 30.81 3.21 12.67
C MET B 67 32.29 3.48 13.01
N THR B 68 32.86 4.52 12.41
CA THR B 68 34.23 4.90 12.76
C THR B 68 34.31 5.31 14.24
N ALA B 69 33.36 6.12 14.70
CA ALA B 69 33.34 6.49 16.12
C ALA B 69 33.25 5.26 17.02
N PHE B 70 32.38 4.31 16.67
CA PHE B 70 32.24 3.09 17.45
C PHE B 70 33.58 2.37 17.56
N LEU B 71 34.30 2.25 16.44
CA LEU B 71 35.56 1.52 16.42
C LEU B 71 36.69 2.29 17.12
N VAL B 72 36.62 3.62 17.15
CA VAL B 72 37.58 4.40 17.93
C VAL B 72 37.33 4.18 19.43
N LEU B 73 36.07 4.26 19.84
CA LEU B 73 35.73 4.06 21.23
C LEU B 73 36.04 2.63 21.68
N GLU B 74 35.75 1.64 20.83
CA GLU B 74 36.16 0.27 21.14
C GLU B 74 37.67 0.17 21.34
N ALA B 75 38.45 0.91 20.53
CA ALA B 75 39.89 0.77 20.59
C ALA B 75 40.45 1.37 21.88
N VAL B 76 39.90 2.50 22.32
CA VAL B 76 40.36 3.10 23.57
C VAL B 76 40.08 2.17 24.74
N ASP B 77 38.88 1.57 24.78
CA ASP B 77 38.54 0.64 25.85
C ASP B 77 39.44 -0.61 25.80
N ASN B 78 39.89 -1.01 24.62
CA ASN B 78 40.67 -2.21 24.48
C ASN B 78 42.16 -1.97 24.63
N ASN B 79 42.56 -0.79 25.11
CA ASN B 79 43.96 -0.48 25.40
C ASN B 79 44.78 -0.39 24.12
N GLU B 80 44.13 -0.06 23.01
CA GLU B 80 44.77 -0.10 21.70
C GLU B 80 44.90 1.27 21.06
N LEU B 81 44.50 2.33 21.74
CA LEU B 81 44.52 3.68 21.18
C LEU B 81 44.40 4.68 22.32
N SER B 82 45.15 5.77 22.24
CA SER B 82 45.19 6.79 23.28
C SER B 82 44.53 8.07 22.80
N TRP B 83 43.75 8.71 23.69
CA TRP B 83 43.11 9.98 23.34
C TRP B 83 44.13 11.07 23.04
N ASP B 84 45.30 11.03 23.66
CA ASP B 84 46.33 12.07 23.53
C ASP B 84 47.34 11.76 22.45
N GLU B 85 47.21 10.63 21.77
CA GLU B 85 48.06 10.35 20.61
C GLU B 85 47.92 11.45 19.57
N LYS B 86 49.05 11.99 19.10
CA LYS B 86 49.04 13.02 18.08
C LYS B 86 49.23 12.37 16.71
N LEU B 87 48.31 12.68 15.78
CA LEU B 87 48.34 12.10 14.45
C LEU B 87 48.34 13.19 13.39
N ASP B 88 48.95 12.89 12.26
CA ASP B 88 49.01 13.83 11.14
C ASP B 88 47.84 13.55 10.19
N LEU B 89 47.09 14.61 9.86
CA LEU B 89 45.92 14.46 9.01
C LEU B 89 46.31 13.86 7.66
N VAL B 90 45.58 12.83 7.24
CA VAL B 90 45.81 12.29 5.90
C VAL B 90 45.27 13.27 4.87
N ARG B 91 45.89 13.28 3.69
CA ARG B 91 45.49 14.16 2.61
C ARG B 91 44.41 13.50 1.78
N LEU B 92 43.33 14.22 1.53
CA LEU B 92 42.21 13.69 0.76
C LEU B 92 42.49 13.87 -0.74
N ASP B 93 42.16 12.84 -1.52
CA ASP B 93 42.33 12.91 -2.97
C ASP B 93 41.67 14.15 -3.54
N ASP B 94 40.41 14.39 -3.18
CA ASP B 94 39.75 15.64 -3.53
C ASP B 94 40.02 16.66 -2.43
N PRO B 95 40.84 17.68 -2.68
CA PRO B 95 41.04 18.70 -1.65
C PRO B 95 39.78 19.49 -1.34
N SER B 96 38.80 19.49 -2.24
CA SER B 96 37.61 20.32 -2.06
C SER B 96 36.65 19.78 -1.02
N ALA B 97 36.76 18.51 -0.63
CA ALA B 97 35.85 17.95 0.36
C ALA B 97 36.00 18.69 1.68
N VAL B 98 34.92 18.64 2.49
CA VAL B 98 34.95 19.26 3.80
C VAL B 98 36.08 18.67 4.63
N SER B 99 36.95 19.54 5.13
CA SER B 99 38.27 19.18 5.59
C SER B 99 38.63 19.97 6.84
N LEU B 100 39.19 19.27 7.84
CA LEU B 100 39.74 19.95 9.01
C LEU B 100 41.03 20.70 8.66
N TYR B 101 41.84 20.14 7.75
CA TYR B 101 43.06 20.83 7.36
C TYR B 101 42.74 22.17 6.70
N ALA B 102 41.70 22.20 5.85
CA ALA B 102 41.42 23.40 5.08
C ALA B 102 40.99 24.55 5.99
N ILE B 103 40.18 24.24 7.00
CA ILE B 103 39.65 25.24 7.92
C ILE B 103 40.73 25.82 8.81
N THR B 104 41.82 25.09 9.03
CA THR B 104 42.80 25.46 10.05
C THR B 104 44.22 25.55 9.55
N GLN B 105 44.58 24.88 8.44
CA GLN B 105 45.97 24.76 8.00
C GLN B 105 46.85 24.12 9.06
N LYS B 106 46.24 23.30 9.93
CA LYS B 106 46.95 22.62 11.01
C LYS B 106 46.88 21.12 10.72
N ARG B 107 48.04 20.46 10.67
CA ARG B 107 48.06 19.07 10.27
C ARG B 107 48.04 18.09 11.45
N THR B 108 48.65 18.44 12.57
CA THR B 108 48.79 17.53 13.70
C THR B 108 47.68 17.77 14.71
N TRP B 109 46.97 16.70 15.07
CA TRP B 109 45.87 16.76 16.01
C TRP B 109 45.89 15.54 16.92
N SER B 110 45.34 15.71 18.11
CA SER B 110 45.18 14.57 19.01
C SER B 110 44.01 13.70 18.55
N VAL B 111 44.08 12.42 18.92
CA VAL B 111 42.97 11.51 18.64
C VAL B 111 41.65 12.07 19.15
N ARG B 112 41.68 12.70 20.35
CA ARG B 112 40.48 13.29 20.91
C ARG B 112 39.88 14.34 19.99
N ASP B 113 40.71 15.28 19.52
CA ASP B 113 40.20 16.36 18.68
C ASP B 113 39.77 15.85 17.29
N LEU B 114 40.48 14.86 16.75
CA LEU B 114 40.08 14.26 15.48
C LEU B 114 38.73 13.57 15.60
N TYR B 115 38.52 12.85 16.71
CA TYR B 115 37.22 12.24 16.99
C TYR B 115 36.14 13.32 17.15
N SER B 116 36.43 14.39 17.88
CA SER B 116 35.48 15.50 18.01
C SER B 116 35.16 16.10 16.65
N ALA B 117 36.20 16.38 15.86
CA ALA B 117 36.00 16.98 14.54
C ALA B 117 35.16 16.08 13.66
N MET B 118 35.40 14.77 13.72
CA MET B 118 34.62 13.84 12.91
C MET B 118 33.13 13.90 13.26
N LEU B 119 32.80 14.03 14.54
CA LEU B 119 31.40 14.01 14.96
C LEU B 119 30.71 15.36 14.94
N THR B 120 31.44 16.46 15.04
CA THR B 120 30.79 17.79 15.07
C THR B 120 30.62 18.36 13.66
N MET B 121 31.74 18.68 13.01
CA MET B 121 31.71 19.30 11.69
C MET B 121 31.73 18.31 10.54
N SER B 122 31.89 17.02 10.84
CA SER B 122 31.96 15.97 9.82
C SER B 122 33.20 16.14 8.93
N ALA B 123 34.36 16.28 9.56
CA ALA B 123 35.61 16.44 8.82
C ALA B 123 36.02 15.11 8.22
N ASN B 124 36.13 15.04 6.90
CA ASN B 124 36.40 13.77 6.25
C ASN B 124 37.84 13.31 6.47
N ASP B 125 38.80 14.24 6.47
CA ASP B 125 40.18 13.83 6.70
C ASP B 125 40.39 13.35 8.13
N ALA B 126 39.68 13.94 9.08
CA ALA B 126 39.70 13.44 10.45
C ALA B 126 39.26 11.98 10.52
N ALA B 127 38.12 11.66 9.90
CA ALA B 127 37.64 10.29 9.90
C ALA B 127 38.66 9.35 9.25
N GLU B 128 39.22 9.76 8.11
CA GLU B 128 40.16 8.92 7.40
C GLU B 128 41.46 8.74 8.19
N THR B 129 41.90 9.78 8.90
CA THR B 129 43.09 9.66 9.74
C THR B 129 42.87 8.63 10.85
N LEU B 130 41.67 8.57 11.41
CA LEU B 130 41.39 7.65 12.50
C LEU B 130 41.29 6.21 12.00
N GLY B 131 40.56 5.99 10.91
CA GLY B 131 40.48 4.64 10.35
C GLY B 131 41.84 4.10 9.93
N ASP B 132 42.69 4.96 9.39
CA ASP B 132 44.03 4.53 8.97
C ASP B 132 44.90 4.15 10.17
N ARG B 133 44.81 4.93 11.26
CA ARG B 133 45.52 4.61 12.49
C ARG B 133 45.05 3.27 13.05
N LEU B 134 43.76 2.97 12.95
CA LEU B 134 43.21 1.76 13.55
C LEU B 134 43.60 0.50 12.77
N ASP B 135 43.42 0.50 11.44
CA ASP B 135 43.64 -0.73 10.69
C ASP B 135 44.27 -0.49 9.31
N GLY B 136 44.87 0.67 9.09
CA GLY B 136 45.53 0.93 7.82
C GLY B 136 44.59 0.72 6.65
N ALA B 137 45.03 -0.07 5.67
CA ALA B 137 44.23 -0.29 4.46
C ALA B 137 43.00 -1.13 4.75
N ASP B 138 43.06 -2.01 5.74
CA ASP B 138 41.97 -2.94 5.98
C ASP B 138 40.82 -2.33 6.80
N PHE B 139 40.73 -0.99 6.92
CA PHE B 139 39.71 -0.44 7.81
C PHE B 139 38.28 -0.71 7.36
N PRO B 140 37.94 -0.55 6.06
CA PRO B 140 36.57 -0.89 5.65
C PRO B 140 36.15 -2.32 5.99
N LYS B 141 37.07 -3.28 5.87
CA LYS B 141 36.77 -4.65 6.26
C LYS B 141 36.39 -4.73 7.73
N GLU B 142 37.10 -4.00 8.59
CA GLU B 142 36.74 -3.96 10.01
C GLU B 142 35.37 -3.34 10.20
N MET B 143 35.07 -2.25 9.50
CA MET B 143 33.75 -1.66 9.58
C MET B 143 32.68 -2.68 9.22
N ASN B 144 32.89 -3.45 8.16
CA ASN B 144 31.88 -4.42 7.74
C ASN B 144 31.88 -5.66 8.62
N ASN B 145 33.04 -6.07 9.13
CA ASN B 145 33.04 -7.11 10.16
C ASN B 145 32.20 -6.69 11.35
N GLN B 146 32.36 -5.43 11.78
CA GLN B 146 31.63 -4.92 12.93
C GLN B 146 30.16 -4.73 12.61
N ALA B 147 29.82 -4.37 11.37
CA ALA B 147 28.41 -4.23 11.02
C ALA B 147 27.68 -5.56 11.21
N LYS B 148 28.33 -6.66 10.84
CA LYS B 148 27.72 -7.98 11.02
C LYS B 148 27.60 -8.33 12.50
N LYS B 149 28.64 -8.07 13.29
CA LYS B 149 28.59 -8.37 14.73
C LYS B 149 27.47 -7.61 15.42
N LEU B 150 27.14 -6.42 14.93
CA LEU B 150 26.10 -5.60 15.54
C LEU B 150 24.71 -5.90 15.00
N GLY B 151 24.54 -6.96 14.24
CA GLY B 151 23.23 -7.35 13.78
C GLY B 151 22.72 -6.67 12.53
N MET B 152 23.54 -5.82 11.88
CA MET B 152 23.13 -5.20 10.63
C MET B 152 23.05 -6.23 9.51
N SER B 153 22.03 -6.09 8.66
CA SER B 153 21.83 -7.00 7.54
C SER B 153 22.90 -6.83 6.47
N SER B 154 23.01 -7.83 5.59
CA SER B 154 24.01 -7.82 4.53
C SER B 154 23.75 -6.77 3.46
N LYS B 155 22.60 -6.08 3.52
CA LYS B 155 22.38 -4.93 2.65
C LYS B 155 23.26 -3.75 3.02
N THR B 156 23.89 -3.77 4.18
CA THR B 156 24.78 -2.70 4.61
C THR B 156 26.19 -2.97 4.10
N THR B 157 26.82 -1.95 3.50
CA THR B 157 28.20 -2.03 3.04
C THR B 157 28.88 -0.72 3.35
N PHE B 158 29.97 -0.78 4.12
CA PHE B 158 30.81 0.38 4.34
C PHE B 158 31.98 0.33 3.37
N VAL B 159 32.41 1.50 2.92
CA VAL B 159 33.53 1.60 2.00
C VAL B 159 34.69 2.40 2.56
N SER B 160 34.45 3.32 3.49
CA SER B 160 35.53 4.15 4.00
C SER B 160 35.15 4.63 5.40
N ALA B 161 36.15 5.17 6.11
CA ALA B 161 35.91 5.70 7.44
C ALA B 161 35.01 6.93 7.41
N SER B 162 35.13 7.74 6.38
CA SER B 162 34.37 8.98 6.24
C SER B 162 33.07 8.79 5.47
N GLY B 163 32.94 7.72 4.70
CA GLY B 163 31.79 7.57 3.85
C GLY B 163 31.93 8.22 2.48
N LEU B 164 33.06 8.83 2.18
CA LEU B 164 33.36 9.19 0.80
C LEU B 164 33.44 7.93 -0.05
N ASP B 165 33.03 8.05 -1.31
CA ASP B 165 33.16 6.94 -2.25
C ASP B 165 34.62 6.50 -2.38
N VAL B 166 34.82 5.21 -2.61
CA VAL B 166 36.13 4.64 -2.89
C VAL B 166 36.02 3.78 -4.15
N ASP B 167 36.84 4.09 -5.16
CA ASP B 167 36.79 3.41 -6.47
C ASP B 167 35.38 3.42 -7.05
N GLY B 168 34.66 4.53 -6.87
CA GLY B 168 33.32 4.66 -7.40
C GLY B 168 32.25 3.92 -6.61
N LYS B 169 32.63 3.23 -5.54
CA LYS B 169 31.70 2.47 -4.73
C LYS B 169 31.22 3.30 -3.54
N SER B 170 29.93 3.21 -3.25
CA SER B 170 29.29 4.04 -2.24
C SER B 170 28.90 3.20 -1.02
N ALA B 171 28.90 3.85 0.14
CA ALA B 171 28.45 3.20 1.36
C ALA B 171 26.93 3.25 1.40
N VAL B 172 26.31 2.12 1.76
CA VAL B 172 24.88 1.96 1.68
C VAL B 172 24.38 1.19 2.89
N SER B 173 23.12 1.40 3.21
CA SER B 173 22.47 0.73 4.34
C SER B 173 20.97 0.94 4.22
N THR B 174 20.25 0.60 5.29
CA THR B 174 18.83 0.82 5.41
C THR B 174 18.56 1.53 6.71
N THR B 175 17.36 2.10 6.86
CA THR B 175 17.01 2.73 8.13
C THR B 175 16.92 1.71 9.26
N LYS B 176 16.46 0.49 8.96
CA LYS B 176 16.47 -0.58 9.95
C LYS B 176 17.88 -0.86 10.44
N ASP B 177 18.84 -0.98 9.50
CA ASP B 177 20.21 -1.29 9.88
C ASP B 177 20.87 -0.13 10.60
N LEU B 178 20.59 1.09 10.16
CA LEU B 178 21.14 2.26 10.82
C LEU B 178 20.58 2.42 12.22
N PHE B 179 19.34 1.99 12.46
CA PHE B 179 18.82 1.98 13.82
C PHE B 179 19.62 1.03 14.69
N LEU B 180 19.90 -0.18 14.21
CA LEU B 180 20.62 -1.15 15.01
C LEU B 180 22.02 -0.65 15.35
N LEU B 181 22.68 -0.01 14.39
CA LEU B 181 24.01 0.52 14.66
C LEU B 181 23.96 1.68 15.64
N SER B 182 22.96 2.55 15.50
CA SER B 182 22.86 3.72 16.38
C SER B 182 22.57 3.31 17.82
N SER B 183 21.62 2.40 18.02
CA SER B 183 21.28 2.02 19.38
C SER B 183 22.42 1.25 20.03
N LYS B 184 23.11 0.43 19.24
CA LYS B 184 24.24 -0.33 19.76
C LYS B 184 25.41 0.58 20.12
N LEU B 185 25.65 1.60 19.29
CA LEU B 185 26.66 2.60 19.61
C LEU B 185 26.34 3.30 20.93
N ILE B 186 25.08 3.69 21.10
CA ILE B 186 24.67 4.44 22.29
C ILE B 186 24.66 3.55 23.53
N SER B 187 24.18 2.30 23.39
CA SER B 187 24.14 1.44 24.55
C SER B 187 25.55 1.02 24.97
N THR B 188 26.44 0.79 24.01
CA THR B 188 27.80 0.36 24.29
C THR B 188 28.68 1.50 24.79
N HIS B 189 28.57 2.68 24.17
CA HIS B 189 29.40 3.83 24.51
C HIS B 189 28.52 5.06 24.71
N PRO B 190 27.80 5.13 25.82
CA PRO B 190 26.88 6.26 26.04
C PRO B 190 27.57 7.61 26.07
N GLU B 191 28.87 7.66 26.32
CA GLU B 191 29.59 8.92 26.31
C GLU B 191 29.70 9.51 24.91
N VAL B 192 29.34 8.76 23.87
CA VAL B 192 29.31 9.35 22.53
C VAL B 192 28.40 10.58 22.54
N LEU B 193 27.31 10.54 23.31
CA LEU B 193 26.36 11.65 23.39
C LEU B 193 26.93 12.85 24.14
N GLU B 194 27.95 12.66 24.97
CA GLU B 194 28.63 13.79 25.58
C GLU B 194 29.26 14.70 24.52
N THR B 195 29.66 14.12 23.39
CA THR B 195 30.21 14.88 22.27
C THR B 195 29.12 15.32 21.30
N THR B 196 28.23 14.42 20.88
CA THR B 196 27.26 14.81 19.85
C THR B 196 26.21 15.79 20.35
N SER B 197 26.05 15.96 21.68
CA SER B 197 25.06 16.90 22.20
C SER B 197 25.57 18.34 22.28
N LYS B 198 26.80 18.61 21.87
CA LYS B 198 27.39 19.95 22.01
C LYS B 198 27.30 20.74 20.71
N PRO B 199 26.59 21.88 20.68
CA PRO B 199 26.60 22.71 19.47
C PRO B 199 27.99 23.18 19.05
N THR B 200 28.91 23.31 19.99
CA THR B 200 30.30 23.68 19.73
C THR B 200 31.18 22.85 20.64
N VAL B 201 32.21 22.24 20.08
CA VAL B 201 33.24 21.58 20.87
C VAL B 201 34.48 22.46 20.80
N THR B 202 34.96 22.89 21.97
CA THR B 202 36.20 23.64 22.07
C THR B 202 37.29 22.68 22.49
N THR B 203 38.35 22.60 21.69
CA THR B 203 39.45 21.72 22.08
C THR B 203 40.27 22.39 23.18
N ASP B 204 41.18 21.63 23.78
CA ASP B 204 41.98 22.18 24.86
C ASP B 204 42.79 23.38 24.39
N LYS B 205 43.28 23.35 23.16
CA LYS B 205 44.09 24.44 22.63
C LYS B 205 43.25 25.55 22.01
N GLY B 206 41.93 25.50 22.13
CA GLY B 206 41.07 26.61 21.81
C GLY B 206 40.40 26.57 20.46
N ALA B 207 40.52 25.47 19.71
CA ALA B 207 39.83 25.36 18.43
C ALA B 207 38.34 25.15 18.64
N LYS B 208 37.53 25.86 17.86
CA LYS B 208 36.07 25.78 17.95
C LYS B 208 35.57 24.93 16.79
N LEU B 209 34.91 23.83 17.10
CA LEU B 209 34.40 22.91 16.09
C LEU B 209 32.88 22.95 16.15
N GLU B 210 32.26 23.44 15.09
CA GLU B 210 30.83 23.71 15.09
C GLU B 210 30.06 22.50 14.58
N SER B 211 29.03 22.11 15.33
CA SER B 211 28.22 20.95 14.96
C SER B 211 27.35 21.25 13.76
N THR B 212 27.13 20.22 12.92
CA THR B 212 26.18 20.27 11.82
C THR B 212 24.75 19.98 12.26
N ASN B 213 24.52 19.67 13.54
CA ASN B 213 23.20 19.32 14.05
C ASN B 213 22.48 20.58 14.48
N ASP B 214 21.70 21.15 13.57
CA ASP B 214 20.98 22.39 13.84
C ASP B 214 19.83 22.22 14.81
N LEU B 215 19.49 21.01 15.24
CA LEU B 215 18.37 20.81 16.13
C LEU B 215 18.76 20.81 17.61
N LEU B 216 20.06 20.90 17.91
CA LEU B 216 20.49 20.92 19.31
C LEU B 216 19.94 22.16 19.99
N GLY B 217 19.33 21.97 21.16
CA GLY B 217 18.72 23.09 21.85
C GLY B 217 17.36 23.49 21.33
N SER B 218 16.85 22.85 20.27
CA SER B 218 15.54 23.14 19.70
C SER B 218 14.48 22.11 20.03
N ILE B 219 14.85 20.83 20.10
CA ILE B 219 13.98 19.77 20.60
C ILE B 219 14.47 19.37 21.98
N GLN B 220 13.58 19.36 22.96
CA GLN B 220 13.97 19.04 24.33
C GLN B 220 14.36 17.57 24.45
N GLY B 221 15.55 17.31 24.99
CA GLY B 221 16.04 15.97 25.12
C GLY B 221 16.89 15.47 23.96
N LEU B 222 16.96 16.23 22.87
CA LEU B 222 17.72 15.80 21.70
C LEU B 222 19.22 15.95 21.95
N ASP B 223 19.97 14.85 21.80
CA ASP B 223 21.39 14.88 22.09
C ASP B 223 22.27 14.20 21.04
N GLY B 224 21.73 13.94 19.85
CA GLY B 224 22.50 13.36 18.77
C GLY B 224 21.67 13.37 17.50
N LEU B 225 22.20 12.75 16.44
CA LEU B 225 23.45 11.97 16.47
C LEU B 225 24.44 12.32 15.34
N LYS B 226 23.97 12.40 14.08
CA LYS B 226 24.88 12.58 12.94
C LYS B 226 24.17 12.99 11.65
N THR B 227 24.70 13.99 10.94
CA THR B 227 24.25 14.40 9.62
C THR B 227 25.08 13.76 8.52
N GLY B 228 24.50 13.71 7.32
CA GLY B 228 25.24 13.36 6.12
C GLY B 228 24.62 14.03 4.92
N PHE B 229 25.44 14.22 3.88
CA PHE B 229 24.93 14.69 2.59
C PHE B 229 25.91 14.34 1.48
N THR B 230 25.38 13.79 0.39
CA THR B 230 25.98 13.84 -0.93
C THR B 230 24.85 14.07 -1.92
N ASP B 231 25.22 14.31 -3.18
CA ASP B 231 24.20 14.49 -4.21
C ASP B 231 23.34 13.23 -4.34
N GLU B 232 23.97 12.06 -4.24
CA GLU B 232 23.22 10.81 -4.37
C GLU B 232 22.43 10.48 -3.10
N ALA B 233 22.98 10.80 -1.94
CA ALA B 233 22.29 10.50 -0.69
C ALA B 233 21.22 11.52 -0.35
N GLY B 234 21.29 12.74 -0.90
CA GLY B 234 20.44 13.81 -0.39
C GLY B 234 20.82 14.14 1.05
N TYR B 235 19.96 14.92 1.70
CA TYR B 235 20.22 15.38 3.06
C TYR B 235 19.73 14.36 4.08
N CYS B 236 20.63 13.95 4.97
CA CYS B 236 20.39 12.83 5.87
C CYS B 236 20.65 13.25 7.31
N PHE B 237 19.91 12.63 8.24
CA PHE B 237 20.16 12.89 9.65
C PHE B 237 19.69 11.71 10.49
N ILE B 238 20.54 11.28 11.41
CA ILE B 238 20.17 10.34 12.45
C ILE B 238 20.07 11.14 13.74
N GLY B 239 18.88 11.16 14.33
CA GLY B 239 18.67 11.87 15.59
C GLY B 239 18.35 10.95 16.75
N THR B 240 18.58 11.43 17.97
CA THR B 240 18.24 10.66 19.16
C THR B 240 17.91 11.62 20.29
N ALA B 241 16.91 11.27 21.09
CA ALA B 241 16.41 12.13 22.14
C ALA B 241 15.86 11.25 23.26
N GLU B 242 16.01 11.70 24.50
CA GLU B 242 15.53 10.95 25.64
C GLU B 242 14.72 11.87 26.55
N ARG B 243 13.54 11.41 26.95
CA ARG B 243 12.72 12.09 27.94
C ARG B 243 12.17 11.06 28.89
N GLY B 244 12.34 11.28 30.19
CA GLY B 244 11.74 10.39 31.19
C GLY B 244 12.15 8.94 31.05
N GLY B 245 13.43 8.69 30.77
CA GLY B 245 13.93 7.34 30.65
C GLY B 245 13.60 6.64 29.35
N LYS B 246 12.86 7.30 28.44
CA LYS B 246 12.48 6.72 27.17
C LYS B 246 13.32 7.35 26.07
N ARG B 247 14.08 6.54 25.34
CA ARG B 247 14.91 7.02 24.25
C ARG B 247 14.32 6.60 22.91
N VAL B 248 14.33 7.52 21.94
CA VAL B 248 13.96 7.18 20.58
C VAL B 248 15.12 7.55 19.67
N ILE B 249 15.18 6.88 18.52
CA ILE B 249 16.17 7.16 17.49
C ILE B 249 15.42 7.30 16.17
N SER B 250 15.64 8.41 15.48
CA SER B 250 14.98 8.70 14.21
C SER B 250 16.00 8.69 13.08
N ILE B 251 15.55 8.25 11.91
CA ILE B 251 16.42 8.13 10.73
C ILE B 251 15.73 8.87 9.59
N VAL B 252 16.47 9.74 8.90
CA VAL B 252 15.98 10.50 7.77
C VAL B 252 17.02 10.38 6.66
N LEU B 253 16.62 9.89 5.51
CA LEU B 253 17.50 9.68 4.37
C LEU B 253 16.91 10.32 3.12
N ASP B 254 17.70 11.15 2.44
CA ASP B 254 17.36 11.77 1.16
C ASP B 254 16.25 12.82 1.30
N ALA B 255 16.42 13.75 2.26
CA ALA B 255 15.56 14.91 2.31
C ALA B 255 16.03 15.93 1.28
N GLY B 256 15.19 16.92 1.02
CA GLY B 256 15.41 17.78 -0.13
C GLY B 256 16.29 18.98 0.12
N THR B 257 16.34 19.44 1.36
CA THR B 257 17.21 20.53 1.73
C THR B 257 17.85 20.23 3.08
N ALA B 258 18.89 21.00 3.38
CA ALA B 258 19.56 20.89 4.66
C ALA B 258 18.63 21.21 5.82
N GLU B 259 17.59 22.01 5.56
CA GLU B 259 16.60 22.34 6.58
C GLU B 259 15.50 21.30 6.69
N LYS B 260 15.12 20.68 5.58
CA LYS B 260 13.99 19.75 5.59
C LYS B 260 14.31 18.48 6.36
N ARG B 261 15.57 18.03 6.35
CA ARG B 261 15.90 16.83 7.11
C ARG B 261 15.66 17.05 8.60
N PHE B 262 15.76 18.30 9.04
CA PHE B 262 15.44 18.64 10.42
C PHE B 262 13.95 18.83 10.63
N LYS B 263 13.25 19.46 9.68
CA LYS B 263 11.80 19.50 9.75
C LYS B 263 11.22 18.09 9.80
N ASP B 264 11.80 17.17 9.01
CA ASP B 264 11.38 15.78 9.07
C ASP B 264 11.66 15.17 10.43
N THR B 265 12.81 15.48 11.01
CA THR B 265 13.16 14.94 12.31
C THR B 265 12.19 15.43 13.39
N GLU B 266 11.82 16.71 13.36
CA GLU B 266 10.83 17.25 14.30
C GLU B 266 9.54 16.44 14.28
N LYS B 267 9.03 16.11 13.08
CA LYS B 267 7.81 15.32 12.96
C LYS B 267 8.00 13.92 13.52
N LEU B 268 9.18 13.33 13.32
CA LEU B 268 9.43 11.99 13.83
C LEU B 268 9.59 11.98 15.35
N MET B 269 10.21 13.01 15.90
CA MET B 269 10.33 13.10 17.36
C MET B 269 8.97 13.30 18.01
N GLU B 270 8.09 14.07 17.36
CA GLU B 270 6.73 14.22 17.87
C GLU B 270 5.98 12.89 17.87
N VAL B 271 6.20 12.06 16.84
CA VAL B 271 5.61 10.73 16.84
C VAL B 271 6.27 9.85 17.90
N GLY B 272 7.58 10.00 18.07
CA GLY B 272 8.30 9.12 18.98
C GLY B 272 7.87 9.26 20.43
N PHE B 273 7.56 10.47 20.87
CA PHE B 273 7.23 10.71 22.27
C PHE B 273 5.73 10.80 22.53
N LYS B 274 4.90 10.36 21.59
CA LYS B 274 3.46 10.47 21.79
C LYS B 274 2.99 9.58 22.93
N PRO C 29 23.81 46.43 -24.53
CA PRO C 29 22.94 47.33 -25.30
C PRO C 29 21.48 47.28 -24.84
N ASN C 30 20.67 48.18 -25.38
CA ASN C 30 19.27 48.23 -24.99
C ASN C 30 18.55 46.99 -25.52
N LEU C 31 17.83 46.32 -24.64
CA LEU C 31 16.76 45.45 -25.09
C LEU C 31 15.53 46.31 -25.36
N TYR C 32 14.77 45.93 -26.37
CA TYR C 32 13.54 46.65 -26.69
C TYR C 32 12.37 45.78 -26.24
N LEU C 33 12.05 45.90 -24.95
CA LEU C 33 11.03 45.07 -24.33
C LEU C 33 9.66 45.71 -24.44
N SER C 34 8.63 44.86 -24.48
CA SER C 34 7.27 45.34 -24.32
C SER C 34 7.01 45.79 -22.90
N ALA C 35 7.61 45.10 -21.92
CA ALA C 35 7.33 45.31 -20.52
C ALA C 35 7.75 46.71 -20.05
N ASN C 36 6.93 47.29 -19.17
CA ASN C 36 7.25 48.58 -18.56
C ASN C 36 8.35 48.45 -17.52
N ALA C 37 8.36 47.35 -16.75
CA ALA C 37 9.45 47.05 -15.83
C ALA C 37 9.90 45.61 -16.04
N ALA C 38 11.21 45.39 -16.02
CA ALA C 38 11.75 44.06 -16.28
C ALA C 38 13.16 43.97 -15.75
N ALA C 39 13.59 42.73 -15.48
CA ALA C 39 14.90 42.51 -14.91
C ALA C 39 15.22 41.02 -15.01
N VAL C 40 16.50 40.70 -14.97
CA VAL C 40 16.96 39.32 -14.82
C VAL C 40 18.13 39.33 -13.85
N TYR C 41 18.14 38.35 -12.94
CA TYR C 41 19.13 38.25 -11.88
C TYR C 41 19.73 36.86 -11.88
N SER C 42 20.99 36.77 -11.47
CA SER C 42 21.59 35.46 -11.22
C SER C 42 21.44 35.12 -9.74
N VAL C 43 21.02 33.89 -9.46
CA VAL C 43 20.72 33.50 -8.09
C VAL C 43 22.00 33.43 -7.25
N GLU C 44 23.14 33.19 -7.90
CA GLU C 44 24.38 32.89 -7.19
C GLU C 44 24.82 34.07 -6.32
N ASN C 45 24.61 35.30 -6.79
CA ASN C 45 24.96 36.47 -6.02
C ASN C 45 23.83 37.48 -5.90
N GLY C 46 22.65 37.18 -6.42
CA GLY C 46 21.61 38.17 -6.52
C GLY C 46 21.93 39.34 -7.42
N GLU C 47 22.85 39.17 -8.38
CA GLU C 47 23.35 40.28 -9.19
C GLU C 47 22.44 40.57 -10.36
N ALA C 48 22.06 41.84 -10.50
CA ALA C 48 21.26 42.26 -11.64
C ALA C 48 22.10 42.17 -12.91
N LEU C 49 21.61 41.44 -13.90
CA LEU C 49 22.25 41.43 -15.21
C LEU C 49 21.57 42.37 -16.19
N TYR C 50 20.33 42.76 -15.89
CA TYR C 50 19.57 43.73 -16.66
C TYR C 50 18.45 44.21 -15.77
N GLU C 51 18.21 45.52 -15.75
CA GLU C 51 17.18 46.13 -14.92
C GLU C 51 16.56 47.32 -15.65
N GLN C 52 15.23 47.36 -15.66
CA GLN C 52 14.47 48.47 -16.24
C GLN C 52 13.32 48.76 -15.29
N ASN C 53 13.33 49.95 -14.69
CA ASN C 53 12.32 50.37 -13.71
C ASN C 53 12.23 49.38 -12.54
N ALA C 54 13.38 48.93 -12.04
CA ALA C 54 13.40 47.84 -11.06
C ALA C 54 12.93 48.29 -9.67
N ASP C 55 12.86 49.60 -9.40
CA ASP C 55 12.34 50.11 -8.14
C ASP C 55 10.91 50.60 -8.25
N LYS C 56 10.33 50.55 -9.44
CA LYS C 56 9.00 51.09 -9.68
C LYS C 56 7.94 50.15 -9.12
N VAL C 57 6.99 50.71 -8.39
CA VAL C 57 5.94 49.91 -7.76
C VAL C 57 4.92 49.52 -8.83
N MET C 58 4.66 48.21 -8.95
CA MET C 58 3.86 47.68 -10.04
C MET C 58 2.80 46.71 -9.53
N PRO C 59 1.59 46.75 -10.09
CA PRO C 59 0.61 45.69 -9.80
C PRO C 59 1.11 44.32 -10.27
N ILE C 60 0.82 43.27 -9.50
CA ILE C 60 1.46 41.98 -9.77
C ILE C 60 0.48 40.84 -9.95
N ALA C 61 -0.80 41.05 -9.59
CA ALA C 61 -1.91 40.14 -9.88
C ALA C 61 -1.56 38.72 -9.44
N SER C 62 -1.64 37.72 -10.31
CA SER C 62 -1.50 36.31 -9.98
C SER C 62 -0.11 35.92 -9.50
N LEU C 63 0.88 36.79 -9.63
CA LEU C 63 2.18 36.42 -9.10
C LEU C 63 2.13 36.34 -7.58
N SER C 64 1.10 36.94 -6.96
CA SER C 64 0.83 36.79 -5.54
C SER C 64 0.76 35.34 -5.12
N LYS C 65 0.34 34.46 -6.05
CA LYS C 65 0.21 33.04 -5.78
C LYS C 65 1.55 32.39 -5.47
N LEU C 66 2.67 33.04 -5.79
CA LEU C 66 3.96 32.50 -5.39
C LEU C 66 4.18 32.65 -3.89
N MET C 67 3.65 33.70 -3.27
CA MET C 67 3.70 33.77 -1.82
C MET C 67 2.73 32.77 -1.20
N THR C 68 1.56 32.57 -1.80
CA THR C 68 0.66 31.55 -1.28
C THR C 68 1.31 30.17 -1.30
N ALA C 69 2.01 29.84 -2.40
CA ALA C 69 2.72 28.58 -2.50
C ALA C 69 3.78 28.45 -1.41
N PHE C 70 4.58 29.48 -1.21
CA PHE C 70 5.60 29.43 -0.16
C PHE C 70 4.98 29.10 1.20
N LEU C 71 3.87 29.75 1.53
CA LEU C 71 3.25 29.54 2.83
C LEU C 71 2.55 28.19 2.92
N VAL C 72 2.05 27.66 1.80
CA VAL C 72 1.56 26.28 1.79
C VAL C 72 2.71 25.32 2.07
N LEU C 73 3.84 25.49 1.38
CA LEU C 73 4.96 24.59 1.58
C LEU C 73 5.54 24.71 2.99
N GLU C 74 5.60 25.92 3.52
CA GLU C 74 6.02 26.09 4.92
C GLU C 74 5.09 25.34 5.87
N ALA C 75 3.78 25.37 5.59
CA ALA C 75 2.83 24.72 6.48
C ALA C 75 3.00 23.21 6.50
N VAL C 76 3.18 22.59 5.32
CA VAL C 76 3.37 21.14 5.28
C VAL C 76 4.69 20.77 5.96
N ASP C 77 5.74 21.56 5.74
CA ASP C 77 7.02 21.29 6.38
C ASP C 77 6.92 21.40 7.90
N ASN C 78 6.06 22.29 8.40
CA ASN C 78 5.91 22.54 9.83
C ASN C 78 4.85 21.66 10.47
N ASN C 79 4.32 20.67 9.75
CA ASN C 79 3.33 19.73 10.28
C ASN C 79 2.02 20.44 10.66
N GLU C 80 1.65 21.44 9.88
CA GLU C 80 0.42 22.19 10.10
C GLU C 80 -0.60 21.97 9.00
N LEU C 81 -0.25 21.24 7.95
CA LEU C 81 -1.09 21.06 6.78
C LEU C 81 -0.65 19.75 6.14
N SER C 82 -1.64 19.00 5.65
CA SER C 82 -1.43 17.73 5.01
C SER C 82 -1.70 17.84 3.51
N TRP C 83 -0.90 17.14 2.69
CA TRP C 83 -1.11 17.16 1.23
C TRP C 83 -2.43 16.50 0.84
N ASP C 84 -2.90 15.52 1.62
CA ASP C 84 -4.10 14.77 1.27
C ASP C 84 -5.38 15.36 1.84
N GLU C 85 -5.31 16.34 2.74
CA GLU C 85 -6.49 17.03 3.25
C GLU C 85 -7.41 17.45 2.11
N LYS C 86 -8.70 17.16 2.28
CA LYS C 86 -9.74 17.54 1.32
C LYS C 86 -10.42 18.83 1.75
N LEU C 87 -10.30 19.88 0.93
CA LEU C 87 -10.98 21.15 1.19
C LEU C 87 -12.04 21.39 0.14
N ASP C 88 -13.06 22.16 0.50
CA ASP C 88 -14.09 22.55 -0.44
C ASP C 88 -13.75 23.93 -1.01
N LEU C 89 -13.76 24.04 -2.34
CA LEU C 89 -13.38 25.28 -3.00
C LEU C 89 -14.30 26.42 -2.56
N VAL C 90 -13.70 27.56 -2.22
CA VAL C 90 -14.50 28.72 -1.85
C VAL C 90 -15.17 29.30 -3.09
N ARG C 91 -16.25 30.04 -2.86
CA ARG C 91 -16.97 30.71 -3.93
C ARG C 91 -16.31 32.04 -4.26
N LEU C 92 -16.00 32.25 -5.54
CA LEU C 92 -15.48 33.53 -5.99
C LEU C 92 -16.64 34.48 -6.30
N ASP C 93 -16.33 35.78 -6.28
CA ASP C 93 -17.39 36.77 -6.43
C ASP C 93 -17.88 36.85 -7.87
N ASP C 94 -16.96 37.02 -8.83
CA ASP C 94 -17.33 37.03 -10.23
C ASP C 94 -17.36 35.61 -10.78
N PRO C 95 -18.52 35.08 -11.20
CA PRO C 95 -18.55 33.74 -11.78
C PRO C 95 -17.88 33.63 -13.14
N SER C 96 -17.36 34.73 -13.68
CA SER C 96 -16.62 34.72 -14.93
C SER C 96 -15.11 34.64 -14.71
N ALA C 97 -14.67 34.54 -13.47
CA ALA C 97 -13.24 34.50 -13.17
C ALA C 97 -12.68 33.08 -13.37
N VAL C 98 -11.40 33.02 -13.70
CA VAL C 98 -10.76 31.73 -13.93
C VAL C 98 -10.79 30.94 -12.63
N SER C 99 -11.40 29.77 -12.68
CA SER C 99 -11.58 28.99 -11.48
C SER C 99 -11.40 27.52 -11.80
N LEU C 100 -10.92 26.78 -10.80
CA LEU C 100 -10.87 25.33 -10.93
C LEU C 100 -12.28 24.75 -11.06
N TYR C 101 -13.23 25.29 -10.31
CA TYR C 101 -14.59 24.75 -10.33
C TYR C 101 -15.23 24.92 -11.71
N ALA C 102 -14.99 26.05 -12.38
CA ALA C 102 -15.67 26.34 -13.64
C ALA C 102 -15.31 25.35 -14.74
N ILE C 103 -14.18 24.64 -14.62
CA ILE C 103 -13.76 23.70 -15.67
C ILE C 103 -13.88 22.26 -15.23
N THR C 104 -14.32 21.99 -14.01
CA THR C 104 -14.44 20.61 -13.53
C THR C 104 -15.83 20.39 -12.95
N GLN C 105 -16.38 21.44 -12.32
CA GLN C 105 -17.62 21.35 -11.54
C GLN C 105 -17.45 20.37 -10.39
N LYS C 106 -16.25 20.31 -9.83
CA LYS C 106 -15.96 19.56 -8.61
C LYS C 106 -15.56 20.55 -7.52
N ARG C 107 -16.11 20.34 -6.33
CA ARG C 107 -15.89 21.25 -5.21
C ARG C 107 -14.85 20.75 -4.20
N THR C 108 -14.63 19.46 -4.10
CA THR C 108 -13.77 18.91 -3.07
C THR C 108 -12.47 18.44 -3.70
N TRP C 109 -11.36 18.99 -3.23
CA TRP C 109 -10.04 18.71 -3.78
C TRP C 109 -9.02 18.57 -2.65
N SER C 110 -8.02 17.74 -2.88
CA SER C 110 -6.90 17.65 -1.94
C SER C 110 -6.10 18.95 -1.93
N VAL C 111 -5.38 19.16 -0.82
CA VAL C 111 -4.47 20.30 -0.75
C VAL C 111 -3.43 20.22 -1.86
N ARG C 112 -3.00 19.01 -2.21
CA ARG C 112 -2.06 18.83 -3.32
C ARG C 112 -2.65 19.32 -4.63
N ASP C 113 -3.87 18.89 -4.95
CA ASP C 113 -4.52 19.30 -6.19
C ASP C 113 -4.79 20.79 -6.23
N LEU C 114 -5.21 21.37 -5.11
CA LEU C 114 -5.41 22.82 -5.06
C LEU C 114 -4.11 23.57 -5.32
N TYR C 115 -3.01 23.09 -4.73
CA TYR C 115 -1.71 23.72 -4.92
C TYR C 115 -1.25 23.60 -6.37
N SER C 116 -1.45 22.43 -6.99
CA SER C 116 -1.12 22.27 -8.40
C SER C 116 -1.96 23.18 -9.29
N ALA C 117 -3.25 23.32 -8.97
CA ALA C 117 -4.11 24.14 -9.81
C ALA C 117 -3.72 25.61 -9.72
N MET C 118 -3.22 26.03 -8.57
CA MET C 118 -2.77 27.40 -8.38
C MET C 118 -1.56 27.71 -9.25
N LEU C 119 -0.59 26.79 -9.31
CA LEU C 119 0.68 27.07 -9.95
C LEU C 119 0.68 26.76 -11.44
N THR C 120 -0.25 25.94 -11.93
CA THR C 120 -0.30 25.61 -13.36
C THR C 120 -1.31 26.48 -14.10
N MET C 121 -2.60 26.39 -13.77
CA MET C 121 -3.64 27.12 -14.49
C MET C 121 -3.99 28.45 -13.83
N SER C 122 -3.37 28.78 -12.70
CA SER C 122 -3.65 30.03 -12.00
C SER C 122 -5.13 30.12 -11.60
N ALA C 123 -5.64 29.03 -11.03
CA ALA C 123 -7.01 28.97 -10.53
C ALA C 123 -7.16 29.88 -9.31
N ASN C 124 -7.97 30.92 -9.43
CA ASN C 124 -8.13 31.87 -8.33
C ASN C 124 -8.85 31.24 -7.14
N ASP C 125 -9.83 30.38 -7.39
CA ASP C 125 -10.53 29.79 -6.26
C ASP C 125 -9.63 28.84 -5.48
N ALA C 126 -8.72 28.14 -6.17
CA ALA C 126 -7.79 27.25 -5.49
C ALA C 126 -6.89 28.00 -4.53
N ALA C 127 -6.40 29.18 -4.93
CA ALA C 127 -5.51 29.95 -4.04
C ALA C 127 -6.27 30.52 -2.85
N GLU C 128 -7.48 31.03 -3.07
CA GLU C 128 -8.26 31.57 -1.95
C GLU C 128 -8.61 30.48 -0.95
N THR C 129 -8.87 29.27 -1.45
CA THR C 129 -9.18 28.15 -0.57
C THR C 129 -8.02 27.84 0.35
N LEU C 130 -6.81 27.78 -0.20
CA LEU C 130 -5.63 27.44 0.59
C LEU C 130 -5.32 28.52 1.61
N GLY C 131 -5.39 29.79 1.20
CA GLY C 131 -5.19 30.87 2.15
C GLY C 131 -6.20 30.85 3.28
N ASP C 132 -7.47 30.59 2.96
CA ASP C 132 -8.49 30.48 3.99
C ASP C 132 -8.20 29.32 4.95
N ARG C 133 -7.75 28.19 4.40
CA ARG C 133 -7.38 27.06 5.25
C ARG C 133 -6.22 27.41 6.15
N LEU C 134 -5.28 28.21 5.65
CA LEU C 134 -4.07 28.48 6.42
C LEU C 134 -4.30 29.53 7.50
N ASP C 135 -5.02 30.63 7.17
CA ASP C 135 -5.18 31.69 8.15
C ASP C 135 -6.47 32.48 8.00
N GLY C 136 -7.48 31.94 7.32
CA GLY C 136 -8.77 32.60 7.27
C GLY C 136 -8.70 33.96 6.61
N ALA C 137 -9.46 34.91 7.17
CA ALA C 137 -9.50 36.25 6.59
C ALA C 137 -8.23 37.03 6.87
N ASP C 138 -7.41 36.59 7.83
CA ASP C 138 -6.12 37.21 8.12
C ASP C 138 -4.99 36.74 7.21
N PHE C 139 -5.26 35.95 6.17
CA PHE C 139 -4.17 35.45 5.35
C PHE C 139 -3.34 36.54 4.68
N PRO C 140 -3.92 37.59 4.08
CA PRO C 140 -3.08 38.69 3.55
C PRO C 140 -2.05 39.23 4.52
N LYS C 141 -2.43 39.41 5.80
CA LYS C 141 -1.47 39.87 6.80
C LYS C 141 -0.35 38.86 7.02
N GLU C 142 -0.64 37.57 6.91
CA GLU C 142 0.41 36.55 6.96
C GLU C 142 1.32 36.64 5.75
N MET C 143 0.75 36.88 4.56
CA MET C 143 1.58 37.06 3.38
C MET C 143 2.54 38.22 3.57
N ASN C 144 2.01 39.36 4.06
CA ASN C 144 2.86 40.53 4.25
C ASN C 144 3.85 40.33 5.39
N ASN C 145 3.45 39.61 6.44
CA ASN C 145 4.40 39.23 7.47
C ASN C 145 5.56 38.44 6.89
N GLN C 146 5.26 37.41 6.10
CA GLN C 146 6.30 36.58 5.50
C GLN C 146 7.18 37.38 4.54
N ALA C 147 6.59 38.35 3.84
CA ALA C 147 7.36 39.20 2.93
C ALA C 147 8.44 39.97 3.67
N LYS C 148 8.15 40.42 4.88
CA LYS C 148 9.20 41.07 5.69
C LYS C 148 10.27 40.08 6.10
N LYS C 149 9.87 38.88 6.53
CA LYS C 149 10.85 37.87 6.91
C LYS C 149 11.76 37.49 5.75
N LEU C 150 11.23 37.55 4.53
CA LEU C 150 11.96 37.21 3.31
C LEU C 150 12.78 38.36 2.74
N GLY C 151 12.82 39.51 3.39
CA GLY C 151 13.65 40.61 2.94
C GLY C 151 13.03 41.55 1.93
N MET C 152 11.73 41.40 1.65
CA MET C 152 11.07 42.28 0.70
C MET C 152 10.84 43.67 1.30
N SER C 153 10.92 44.68 0.45
CA SER C 153 10.83 46.06 0.88
C SER C 153 9.38 46.41 1.27
N SER C 154 9.20 47.63 1.76
CA SER C 154 7.87 48.13 2.08
C SER C 154 7.07 48.51 0.83
N LYS C 155 7.71 48.53 -0.33
CA LYS C 155 7.00 48.75 -1.59
C LYS C 155 6.15 47.56 -1.99
N THR C 156 6.32 46.40 -1.36
CA THR C 156 5.48 45.24 -1.62
C THR C 156 4.26 45.27 -0.69
N THR C 157 3.11 44.92 -1.24
CA THR C 157 1.98 44.61 -0.36
C THR C 157 1.05 43.65 -1.08
N PHE C 158 0.72 42.58 -0.38
CA PHE C 158 -0.24 41.59 -0.82
C PHE C 158 -1.61 41.94 -0.26
N VAL C 159 -2.67 41.55 -0.98
CA VAL C 159 -4.02 41.87 -0.53
C VAL C 159 -4.89 40.63 -0.51
N SER C 160 -4.40 39.54 -1.10
CA SER C 160 -5.19 38.32 -1.22
C SER C 160 -4.30 37.18 -1.67
N ALA C 161 -4.77 35.95 -1.44
CA ALA C 161 -4.01 34.75 -1.78
C ALA C 161 -3.83 34.60 -3.29
N SER C 162 -4.80 35.08 -4.07
CA SER C 162 -4.82 34.89 -5.51
C SER C 162 -4.28 36.09 -6.28
N GLY C 163 -4.14 37.24 -5.64
CA GLY C 163 -3.86 38.48 -6.32
C GLY C 163 -5.08 39.29 -6.70
N LEU C 164 -6.28 38.75 -6.55
CA LEU C 164 -7.49 39.54 -6.82
C LEU C 164 -7.56 40.73 -5.89
N ASP C 165 -8.07 41.85 -6.41
CA ASP C 165 -8.26 43.05 -5.59
C ASP C 165 -9.16 42.76 -4.40
N VAL C 166 -8.98 43.55 -3.34
CA VAL C 166 -9.81 43.43 -2.14
C VAL C 166 -10.08 44.83 -1.62
N ASP C 167 -11.36 45.18 -1.48
CA ASP C 167 -11.78 46.49 -0.97
C ASP C 167 -11.10 47.61 -1.76
N GLY C 168 -11.07 47.44 -3.07
CA GLY C 168 -10.42 48.39 -3.96
C GLY C 168 -8.93 48.51 -3.77
N LYS C 169 -8.25 47.44 -3.32
CA LYS C 169 -6.82 47.50 -3.11
C LYS C 169 -6.15 46.35 -3.86
N SER C 170 -5.03 46.66 -4.50
CA SER C 170 -4.36 45.77 -5.43
C SER C 170 -3.01 45.34 -4.89
N ALA C 171 -2.65 44.09 -5.18
CA ALA C 171 -1.31 43.61 -4.86
C ALA C 171 -0.28 44.34 -5.71
N VAL C 172 0.80 44.81 -5.08
CA VAL C 172 1.87 45.50 -5.79
C VAL C 172 3.22 45.07 -5.22
N SER C 173 4.27 45.31 -6.00
CA SER C 173 5.63 44.92 -5.65
C SER C 173 6.58 45.56 -6.65
N THR C 174 7.86 45.18 -6.62
CA THR C 174 8.88 45.62 -7.57
C THR C 174 9.59 44.40 -8.13
N THR C 175 10.36 44.59 -9.21
CA THR C 175 11.15 43.47 -9.72
C THR C 175 12.19 42.99 -8.70
N LYS C 176 12.74 43.91 -7.91
CA LYS C 176 13.72 43.53 -6.90
C LYS C 176 13.09 42.65 -5.82
N ASP C 177 11.96 43.08 -5.26
CA ASP C 177 11.27 42.26 -4.26
C ASP C 177 10.80 40.94 -4.84
N LEU C 178 10.33 40.95 -6.09
CA LEU C 178 9.83 39.73 -6.70
C LEU C 178 10.96 38.72 -6.92
N PHE C 179 12.18 39.21 -7.15
CA PHE C 179 13.34 38.32 -7.19
C PHE C 179 13.64 37.73 -5.81
N LEU C 180 13.59 38.55 -4.74
CA LEU C 180 13.91 38.03 -3.42
C LEU C 180 12.93 36.93 -3.04
N LEU C 181 11.65 37.13 -3.31
CA LEU C 181 10.65 36.12 -3.04
C LEU C 181 10.89 34.87 -3.87
N SER C 182 11.07 35.03 -5.19
CA SER C 182 11.18 33.86 -6.06
C SER C 182 12.44 33.07 -5.73
N SER C 183 13.54 33.75 -5.43
CA SER C 183 14.77 33.05 -5.15
C SER C 183 14.71 32.32 -3.81
N LYS C 184 14.06 32.94 -2.82
CA LYS C 184 13.92 32.30 -1.51
C LYS C 184 12.96 31.11 -1.59
N LEU C 185 11.91 31.21 -2.41
CA LEU C 185 11.01 30.08 -2.58
C LEU C 185 11.74 28.89 -3.19
N ILE C 186 12.58 29.14 -4.20
CA ILE C 186 13.25 28.06 -4.92
C ILE C 186 14.34 27.45 -4.04
N SER C 187 15.07 28.27 -3.28
CA SER C 187 16.12 27.69 -2.45
C SER C 187 15.54 26.95 -1.26
N THR C 188 14.49 27.50 -0.65
CA THR C 188 13.87 26.88 0.51
C THR C 188 13.08 25.63 0.13
N HIS C 189 12.36 25.68 -0.99
CA HIS C 189 11.47 24.59 -1.40
C HIS C 189 11.71 24.28 -2.86
N PRO C 190 12.86 23.68 -3.20
CA PRO C 190 13.16 23.44 -4.62
C PRO C 190 12.17 22.51 -5.31
N GLU C 191 11.38 21.75 -4.55
CA GLU C 191 10.35 20.90 -5.13
C GLU C 191 9.28 21.68 -5.87
N VAL C 192 9.19 22.99 -5.64
CA VAL C 192 8.21 23.79 -6.39
C VAL C 192 8.42 23.64 -7.89
N LEU C 193 9.68 23.50 -8.32
CA LEU C 193 9.99 23.35 -9.73
C LEU C 193 9.55 22.01 -10.30
N GLU C 194 9.27 21.03 -9.45
CA GLU C 194 8.70 19.77 -9.95
C GLU C 194 7.29 19.97 -10.47
N THR C 195 6.59 20.99 -9.98
CA THR C 195 5.26 21.32 -10.42
C THR C 195 5.27 22.40 -11.50
N THR C 196 6.09 23.43 -11.35
CA THR C 196 6.06 24.54 -12.29
C THR C 196 6.78 24.25 -13.60
N SER C 197 7.57 23.18 -13.69
CA SER C 197 8.26 22.81 -14.92
C SER C 197 7.42 21.93 -15.84
N LYS C 198 6.20 21.53 -15.43
CA LYS C 198 5.43 20.57 -16.20
C LYS C 198 4.37 21.29 -17.01
N PRO C 199 4.28 21.08 -18.33
CA PRO C 199 3.19 21.72 -19.09
C PRO C 199 1.84 21.15 -18.78
N THR C 200 1.78 19.96 -18.18
CA THR C 200 0.54 19.32 -17.79
C THR C 200 0.77 18.58 -16.48
N VAL C 201 -0.17 18.71 -15.56
CA VAL C 201 -0.13 18.02 -14.28
C VAL C 201 -1.39 17.21 -14.14
N THR C 202 -1.24 15.92 -13.85
CA THR C 202 -2.36 15.04 -13.59
C THR C 202 -2.61 15.05 -12.09
N THR C 203 -3.79 15.53 -11.69
CA THR C 203 -4.11 15.64 -10.27
C THR C 203 -4.29 14.26 -9.64
N ASP C 204 -4.27 14.23 -8.30
CA ASP C 204 -4.67 13.02 -7.58
C ASP C 204 -6.07 12.58 -7.99
N LYS C 205 -7.00 13.53 -8.08
CA LYS C 205 -8.37 13.21 -8.47
C LYS C 205 -8.43 12.58 -9.85
N GLY C 206 -7.73 13.16 -10.83
CA GLY C 206 -7.70 12.58 -12.16
C GLY C 206 -7.69 13.62 -13.27
N ALA C 207 -8.26 14.79 -13.01
CA ALA C 207 -8.23 15.87 -13.98
C ALA C 207 -6.80 16.26 -14.32
N LYS C 208 -6.59 16.65 -15.57
CA LYS C 208 -5.27 17.08 -16.03
C LYS C 208 -5.30 18.59 -16.20
N LEU C 209 -4.35 19.27 -15.58
CA LEU C 209 -4.32 20.73 -15.56
C LEU C 209 -3.22 21.23 -16.48
N GLU C 210 -3.52 22.27 -17.26
CA GLU C 210 -2.59 22.80 -18.25
C GLU C 210 -1.92 24.06 -17.74
N SER C 211 -0.61 24.15 -17.94
CA SER C 211 0.16 25.29 -17.50
C SER C 211 -0.09 26.50 -18.40
N THR C 212 -0.04 27.68 -17.79
CA THR C 212 -0.01 28.95 -18.52
C THR C 212 1.38 29.33 -19.00
N ASN C 213 2.43 28.66 -18.53
CA ASN C 213 3.79 28.93 -18.97
C ASN C 213 4.00 28.35 -20.37
N ASP C 214 3.74 29.17 -21.40
CA ASP C 214 3.94 28.73 -22.77
C ASP C 214 5.39 28.50 -23.12
N LEU C 215 6.33 29.00 -22.33
CA LEU C 215 7.74 28.91 -22.68
C LEU C 215 8.36 27.58 -22.29
N LEU C 216 7.62 26.68 -21.66
CA LEU C 216 8.19 25.39 -21.29
C LEU C 216 8.46 24.58 -22.55
N GLY C 217 9.62 23.93 -22.60
CA GLY C 217 10.01 23.19 -23.77
C GLY C 217 10.83 23.96 -24.80
N SER C 218 10.79 25.29 -24.76
CA SER C 218 11.40 26.11 -25.79
C SER C 218 12.54 26.99 -25.30
N ILE C 219 12.81 27.02 -23.99
CA ILE C 219 13.98 27.68 -23.44
C ILE C 219 14.77 26.62 -22.68
N GLN C 220 16.04 26.47 -23.03
CA GLN C 220 16.89 25.45 -22.44
C GLN C 220 17.03 25.69 -20.94
N GLY C 221 16.63 24.72 -20.15
CA GLY C 221 16.76 24.80 -18.71
C GLY C 221 15.62 25.47 -17.99
N LEU C 222 14.59 25.91 -18.71
CA LEU C 222 13.50 26.64 -18.06
C LEU C 222 12.63 25.67 -17.25
N ASP C 223 12.33 26.05 -16.00
CA ASP C 223 11.50 25.19 -15.16
C ASP C 223 10.49 25.97 -14.32
N GLY C 224 10.23 27.23 -14.64
CA GLY C 224 9.25 28.02 -13.91
C GLY C 224 9.17 29.40 -14.53
N LEU C 225 8.33 30.26 -13.93
CA LEU C 225 7.75 30.05 -12.61
C LEU C 225 6.27 30.46 -12.48
N LYS C 226 5.89 31.66 -12.94
CA LYS C 226 4.53 32.10 -12.71
C LYS C 226 4.16 33.24 -13.64
N THR C 227 2.94 33.20 -14.15
CA THR C 227 2.33 34.20 -15.02
C THR C 227 1.31 35.01 -14.23
N GLY C 228 1.00 36.20 -14.72
CA GLY C 228 -0.14 36.95 -14.19
C GLY C 228 -0.67 37.89 -15.24
N PHE C 229 -1.95 38.24 -15.10
CA PHE C 229 -2.56 39.28 -15.94
C PHE C 229 -3.74 39.94 -15.24
N THR C 230 -3.77 41.27 -15.29
CA THR C 230 -4.99 42.07 -15.18
C THR C 230 -4.87 43.25 -16.13
N ASP C 231 -5.99 43.93 -16.39
CA ASP C 231 -5.92 45.13 -17.22
C ASP C 231 -4.95 46.14 -16.65
N GLU C 232 -4.92 46.30 -15.33
CA GLU C 232 -4.04 47.25 -14.69
C GLU C 232 -2.60 46.75 -14.59
N ALA C 233 -2.39 45.43 -14.50
CA ALA C 233 -1.03 44.91 -14.37
C ALA C 233 -0.37 44.59 -15.70
N GLY C 234 -1.13 44.52 -16.79
CA GLY C 234 -0.56 44.06 -18.04
C GLY C 234 -0.27 42.57 -17.95
N TYR C 235 0.50 42.10 -18.92
CA TYR C 235 0.88 40.69 -18.97
C TYR C 235 2.23 40.51 -18.28
N CYS C 236 2.30 39.55 -17.36
CA CYS C 236 3.41 39.43 -16.43
C CYS C 236 3.91 38.01 -16.40
N PHE C 237 5.20 37.85 -16.12
CA PHE C 237 5.77 36.51 -16.04
C PHE C 237 7.03 36.56 -15.21
N ILE C 238 7.13 35.66 -14.23
CA ILE C 238 8.39 35.36 -13.56
C ILE C 238 8.90 34.04 -14.12
N GLY C 239 10.09 34.07 -14.70
CA GLY C 239 10.65 32.85 -15.24
C GLY C 239 11.91 32.46 -14.51
N THR C 240 12.28 31.18 -14.55
CA THR C 240 13.56 30.76 -13.98
C THR C 240 14.08 29.58 -14.79
N ALA C 241 15.40 29.53 -14.95
CA ALA C 241 16.03 28.44 -15.69
C ALA C 241 17.38 28.15 -15.06
N GLU C 242 17.88 26.93 -15.28
CA GLU C 242 19.18 26.54 -14.77
C GLU C 242 19.96 25.82 -15.85
N ARG C 243 21.25 26.12 -15.96
CA ARG C 243 22.13 25.52 -16.95
C ARG C 243 23.52 25.35 -16.34
N GLY C 244 23.95 24.11 -16.17
CA GLY C 244 25.29 23.84 -15.68
C GLY C 244 25.61 24.50 -14.35
N GLY C 245 24.70 24.39 -13.38
CA GLY C 245 24.92 24.93 -12.06
C GLY C 245 24.58 26.38 -11.88
N LYS C 246 24.13 27.07 -12.93
CA LYS C 246 23.86 28.49 -12.88
C LYS C 246 22.37 28.73 -13.09
N ARG C 247 21.73 29.41 -12.15
CA ARG C 247 20.30 29.68 -12.22
C ARG C 247 20.07 31.18 -12.34
N VAL C 248 19.12 31.56 -13.19
CA VAL C 248 18.71 32.95 -13.29
C VAL C 248 17.21 33.04 -13.08
N ILE C 249 16.78 34.21 -12.63
CA ILE C 249 15.36 34.52 -12.47
C ILE C 249 15.10 35.81 -13.25
N SER C 250 14.06 35.80 -14.08
CA SER C 250 13.67 36.97 -14.87
C SER C 250 12.29 37.43 -14.44
N ILE C 251 12.08 38.74 -14.47
CA ILE C 251 10.80 39.37 -14.13
C ILE C 251 10.35 40.20 -15.32
N VAL C 252 9.10 40.03 -15.72
CA VAL C 252 8.52 40.82 -16.79
C VAL C 252 7.20 41.33 -16.28
N LEU C 253 7.03 42.64 -16.24
CA LEU C 253 5.80 43.25 -15.72
C LEU C 253 5.22 44.24 -16.73
N ASP C 254 3.94 44.07 -17.04
CA ASP C 254 3.20 45.00 -17.90
C ASP C 254 3.66 44.93 -19.36
N ALA C 255 3.87 43.71 -19.86
CA ALA C 255 3.98 43.52 -21.30
C ALA C 255 2.62 43.77 -21.95
N GLY C 256 2.64 43.99 -23.27
CA GLY C 256 1.45 44.44 -23.98
C GLY C 256 0.52 43.35 -24.46
N THR C 257 1.00 42.12 -24.63
CA THR C 257 0.14 40.98 -24.97
C THR C 257 0.61 39.75 -24.21
N ALA C 258 -0.20 38.70 -24.29
CA ALA C 258 0.13 37.43 -23.67
C ALA C 258 1.40 36.81 -24.23
N GLU C 259 1.68 37.03 -25.52
CA GLU C 259 2.91 36.48 -26.10
C GLU C 259 4.12 37.39 -25.89
N LYS C 260 3.92 38.69 -25.73
CA LYS C 260 5.08 39.58 -25.59
C LYS C 260 5.79 39.37 -24.26
N ARG C 261 5.06 39.02 -23.20
CA ARG C 261 5.71 38.70 -21.92
C ARG C 261 6.66 37.52 -22.08
N PHE C 262 6.34 36.58 -22.97
CA PHE C 262 7.25 35.47 -23.20
C PHE C 262 8.39 35.85 -24.15
N LYS C 263 8.14 36.72 -25.13
CA LYS C 263 9.23 37.20 -25.98
C LYS C 263 10.22 38.04 -25.19
N ASP C 264 9.72 38.87 -24.27
CA ASP C 264 10.60 39.64 -23.38
C ASP C 264 11.45 38.72 -22.53
N THR C 265 10.88 37.60 -22.08
CA THR C 265 11.60 36.64 -21.24
C THR C 265 12.70 35.94 -22.02
N GLU C 266 12.45 35.62 -23.31
CA GLU C 266 13.49 35.01 -24.13
C GLU C 266 14.68 35.94 -24.28
N LYS C 267 14.44 37.25 -24.42
CA LYS C 267 15.53 38.22 -24.46
C LYS C 267 16.28 38.25 -23.14
N LEU C 268 15.54 38.28 -22.03
CA LEU C 268 16.16 38.37 -20.71
C LEU C 268 16.96 37.13 -20.38
N MET C 269 16.48 35.97 -20.81
CA MET C 269 17.19 34.72 -20.55
C MET C 269 18.48 34.65 -21.35
N GLU C 270 18.47 35.19 -22.58
CA GLU C 270 19.68 35.24 -23.38
C GLU C 270 20.74 36.13 -22.71
N VAL C 271 20.30 37.25 -22.13
CA VAL C 271 21.21 38.11 -21.39
C VAL C 271 21.70 37.40 -20.14
N GLY C 272 20.79 36.76 -19.40
CA GLY C 272 21.16 36.10 -18.17
C GLY C 272 22.24 35.03 -18.34
N PHE C 273 22.30 34.40 -19.51
CA PHE C 273 23.22 33.29 -19.72
C PHE C 273 24.38 33.64 -20.66
N LYS C 274 24.58 34.93 -20.96
CA LYS C 274 25.68 35.36 -21.82
C LYS C 274 27.03 35.19 -21.12
N PRO D 29 12.28 -27.01 19.97
CA PRO D 29 12.21 -27.74 21.24
C PRO D 29 11.40 -29.03 21.12
N ASN D 30 11.93 -30.11 21.68
CA ASN D 30 11.25 -31.40 21.69
C ASN D 30 9.95 -31.29 22.45
N LEU D 31 8.84 -31.56 21.77
CA LEU D 31 7.61 -31.92 22.44
C LEU D 31 7.68 -33.40 22.74
N TYR D 32 7.26 -33.77 23.94
CA TYR D 32 7.35 -35.16 24.38
C TYR D 32 5.97 -35.78 24.22
N LEU D 33 5.66 -36.15 22.99
CA LEU D 33 4.33 -36.63 22.63
C LEU D 33 4.19 -38.12 22.92
N SER D 34 2.95 -38.52 23.22
CA SER D 34 2.61 -39.94 23.24
C SER D 34 2.62 -40.51 21.82
N ALA D 35 2.22 -39.71 20.84
CA ALA D 35 2.03 -40.19 19.47
C ALA D 35 3.33 -40.67 18.86
N ASN D 36 3.23 -41.71 18.03
CA ASN D 36 4.37 -42.18 17.25
C ASN D 36 4.65 -41.27 16.05
N ALA D 37 3.60 -40.66 15.48
CA ALA D 37 3.74 -39.71 14.39
C ALA D 37 2.82 -38.54 14.66
N ALA D 38 3.32 -37.33 14.49
CA ALA D 38 2.52 -36.16 14.78
C ALA D 38 3.05 -34.99 13.97
N ALA D 39 2.19 -33.99 13.77
CA ALA D 39 2.56 -32.83 12.97
C ALA D 39 1.52 -31.75 13.17
N VAL D 40 1.94 -30.52 12.95
CA VAL D 40 1.01 -29.39 12.85
C VAL D 40 1.51 -28.51 11.71
N TYR D 41 0.57 -28.04 10.89
CA TYR D 41 0.86 -27.23 9.71
C TYR D 41 -0.01 -25.99 9.74
N SER D 42 0.47 -24.90 9.13
CA SER D 42 -0.39 -23.75 8.90
C SER D 42 -1.01 -23.83 7.51
N VAL D 43 -2.32 -23.54 7.44
CA VAL D 43 -3.04 -23.69 6.19
C VAL D 43 -2.56 -22.66 5.16
N GLU D 44 -2.11 -21.49 5.62
CA GLU D 44 -1.81 -20.39 4.72
C GLU D 44 -0.80 -20.79 3.64
N ASN D 45 0.23 -21.52 4.03
CA ASN D 45 1.29 -21.91 3.11
C ASN D 45 1.54 -23.40 3.08
N GLY D 46 0.83 -24.19 3.89
CA GLY D 46 1.13 -25.60 4.05
C GLY D 46 2.38 -25.90 4.82
N GLU D 47 3.00 -24.89 5.45
CA GLU D 47 4.31 -25.05 6.08
C GLU D 47 4.21 -25.84 7.38
N ALA D 48 5.03 -26.88 7.49
CA ALA D 48 5.13 -27.63 8.73
C ALA D 48 5.70 -26.75 9.84
N LEU D 49 5.07 -26.78 11.02
CA LEU D 49 5.63 -26.14 12.19
C LEU D 49 6.20 -27.14 13.18
N TYR D 50 5.71 -28.37 13.17
CA TYR D 50 6.31 -29.47 13.90
C TYR D 50 6.00 -30.74 13.12
N GLU D 51 7.01 -31.61 12.97
CA GLU D 51 6.85 -32.88 12.26
C GLU D 51 7.59 -33.99 12.99
N GLN D 52 6.93 -35.13 13.19
CA GLN D 52 7.57 -36.30 13.77
C GLN D 52 7.08 -37.54 13.04
N ASN D 53 7.99 -38.24 12.35
CA ASN D 53 7.63 -39.38 11.50
C ASN D 53 6.53 -39.01 10.50
N ALA D 54 6.67 -37.84 9.89
CA ALA D 54 5.64 -37.33 8.99
C ALA D 54 5.55 -38.08 7.66
N ASP D 55 6.58 -38.81 7.26
CA ASP D 55 6.52 -39.67 6.08
C ASP D 55 6.19 -41.11 6.40
N LYS D 56 5.93 -41.44 7.67
CA LYS D 56 5.79 -42.83 8.06
C LYS D 56 4.37 -43.32 7.78
N VAL D 57 4.27 -44.49 7.17
CA VAL D 57 2.99 -45.06 6.81
C VAL D 57 2.32 -45.62 8.06
N MET D 58 1.17 -45.04 8.42
CA MET D 58 0.46 -45.35 9.67
C MET D 58 -0.98 -45.77 9.38
N PRO D 59 -1.49 -46.79 10.08
CA PRO D 59 -2.94 -47.05 10.05
C PRO D 59 -3.70 -45.82 10.53
N ILE D 60 -4.83 -45.53 9.88
CA ILE D 60 -5.57 -44.30 10.19
C ILE D 60 -6.99 -44.54 10.65
N ALA D 61 -7.54 -45.74 10.52
CA ALA D 61 -8.83 -46.13 11.13
C ALA D 61 -9.92 -45.12 10.74
N SER D 62 -10.71 -44.61 11.71
CA SER D 62 -11.87 -43.75 11.46
C SER D 62 -11.55 -42.44 10.76
N LEU D 63 -10.28 -42.06 10.63
CA LEU D 63 -9.99 -40.83 9.92
C LEU D 63 -10.39 -40.95 8.45
N SER D 64 -10.51 -42.18 7.94
CA SER D 64 -11.05 -42.43 6.62
C SER D 64 -12.42 -41.80 6.40
N LYS D 65 -13.14 -41.48 7.49
CA LYS D 65 -14.45 -40.87 7.37
C LYS D 65 -14.38 -39.44 6.87
N LEU D 66 -13.21 -38.80 6.94
CA LEU D 66 -13.03 -37.48 6.36
C LEU D 66 -13.07 -37.53 4.83
N MET D 67 -12.54 -38.60 4.24
CA MET D 67 -12.66 -38.75 2.79
C MET D 67 -14.10 -39.06 2.42
N THR D 68 -14.77 -39.89 3.22
CA THR D 68 -16.20 -40.17 2.97
C THR D 68 -17.03 -38.89 3.04
N ALA D 69 -16.76 -38.04 4.03
CA ALA D 69 -17.46 -36.77 4.14
C ALA D 69 -17.20 -35.89 2.94
N PHE D 70 -15.95 -35.83 2.48
CA PHE D 70 -15.62 -35.04 1.29
C PHE D 70 -16.43 -35.49 0.08
N LEU D 71 -16.56 -36.81 -0.13
CA LEU D 71 -17.29 -37.31 -1.30
C LEU D 71 -18.79 -37.12 -1.16
N VAL D 72 -19.32 -37.18 0.07
CA VAL D 72 -20.73 -36.84 0.29
C VAL D 72 -20.97 -35.39 -0.09
N LEU D 73 -20.12 -34.49 0.39
CA LEU D 73 -20.30 -33.07 0.10
C LEU D 73 -20.17 -32.78 -1.38
N GLU D 74 -19.18 -33.39 -2.04
CA GLU D 74 -19.05 -33.26 -3.50
C GLU D 74 -20.31 -33.69 -4.21
N ALA D 75 -20.91 -34.80 -3.76
CA ALA D 75 -22.09 -35.34 -4.41
C ALA D 75 -23.28 -34.40 -4.29
N VAL D 76 -23.49 -33.82 -3.10
CA VAL D 76 -24.59 -32.87 -2.95
C VAL D 76 -24.39 -31.66 -3.84
N ASP D 77 -23.14 -31.17 -3.94
CA ASP D 77 -22.86 -29.98 -4.74
C ASP D 77 -23.04 -30.26 -6.23
N ASN D 78 -22.80 -31.49 -6.67
CA ASN D 78 -22.93 -31.90 -8.06
C ASN D 78 -24.32 -32.42 -8.40
N ASN D 79 -25.29 -32.20 -7.51
CA ASN D 79 -26.67 -32.64 -7.72
C ASN D 79 -26.76 -34.16 -7.88
N GLU D 80 -25.88 -34.90 -7.21
CA GLU D 80 -25.93 -36.36 -7.24
C GLU D 80 -26.49 -36.96 -5.97
N LEU D 81 -26.79 -36.13 -4.97
CA LEU D 81 -27.22 -36.61 -3.67
C LEU D 81 -28.04 -35.51 -3.01
N SER D 82 -29.08 -35.92 -2.29
CA SER D 82 -29.97 -35.03 -1.56
C SER D 82 -29.79 -35.20 -0.06
N TRP D 83 -29.84 -34.08 0.68
CA TRP D 83 -29.68 -34.12 2.13
C TRP D 83 -30.84 -34.83 2.83
N ASP D 84 -32.02 -34.84 2.22
CA ASP D 84 -33.20 -35.39 2.86
C ASP D 84 -33.54 -36.80 2.41
N GLU D 85 -32.78 -37.38 1.48
CA GLU D 85 -32.94 -38.78 1.11
C GLU D 85 -32.85 -39.68 2.33
N LYS D 86 -33.76 -40.63 2.45
CA LYS D 86 -33.77 -41.59 3.54
C LYS D 86 -33.11 -42.90 3.10
N LEU D 87 -32.10 -43.33 3.83
CA LEU D 87 -31.40 -44.58 3.58
C LEU D 87 -31.56 -45.51 4.78
N ASP D 88 -31.53 -46.81 4.52
CA ASP D 88 -31.53 -47.79 5.61
C ASP D 88 -30.10 -48.18 5.93
N LEU D 89 -29.79 -48.24 7.22
CA LEU D 89 -28.44 -48.53 7.66
C LEU D 89 -28.02 -49.94 7.27
N VAL D 90 -26.82 -50.05 6.69
CA VAL D 90 -26.27 -51.36 6.36
C VAL D 90 -25.99 -52.15 7.63
N ARG D 91 -26.08 -53.47 7.53
CA ARG D 91 -25.69 -54.36 8.61
C ARG D 91 -24.16 -54.40 8.73
N LEU D 92 -23.65 -54.23 9.94
CA LEU D 92 -22.23 -54.43 10.19
C LEU D 92 -21.97 -55.87 10.62
N ASP D 93 -20.78 -56.36 10.32
CA ASP D 93 -20.46 -57.76 10.62
C ASP D 93 -20.48 -58.02 12.12
N ASP D 94 -19.83 -57.16 12.90
CA ASP D 94 -19.79 -57.33 14.34
C ASP D 94 -20.84 -56.44 14.98
N PRO D 95 -21.83 -57.00 15.70
CA PRO D 95 -22.79 -56.16 16.42
C PRO D 95 -22.20 -55.43 17.61
N SER D 96 -20.90 -55.57 17.88
CA SER D 96 -20.25 -54.84 18.94
C SER D 96 -19.52 -53.60 18.45
N ALA D 97 -19.45 -53.38 17.14
CA ALA D 97 -18.81 -52.19 16.61
C ALA D 97 -19.70 -50.98 16.81
N VAL D 98 -19.07 -49.82 17.01
CA VAL D 98 -19.82 -48.60 17.29
C VAL D 98 -20.74 -48.30 16.12
N SER D 99 -22.01 -48.11 16.42
CA SER D 99 -22.98 -47.94 15.35
C SER D 99 -24.10 -47.06 15.83
N LEU D 100 -24.66 -46.31 14.89
CA LEU D 100 -25.85 -45.53 15.16
C LEU D 100 -27.04 -46.43 15.50
N TYR D 101 -27.12 -47.60 14.87
CA TYR D 101 -28.26 -48.48 15.11
C TYR D 101 -28.28 -48.98 16.55
N ALA D 102 -27.10 -49.33 17.08
CA ALA D 102 -27.03 -49.91 18.41
C ALA D 102 -27.49 -48.96 19.50
N ILE D 103 -27.43 -47.64 19.25
CA ILE D 103 -27.80 -46.66 20.25
C ILE D 103 -29.16 -46.04 19.98
N THR D 104 -29.84 -46.44 18.91
CA THR D 104 -31.16 -45.87 18.60
C THR D 104 -32.16 -46.96 18.25
N GLN D 105 -31.68 -48.04 17.63
CA GLN D 105 -32.52 -49.09 17.08
C GLN D 105 -33.43 -48.58 15.96
N LYS D 106 -32.98 -47.54 15.27
CA LYS D 106 -33.65 -47.01 14.09
C LYS D 106 -32.81 -47.31 12.86
N ARG D 107 -33.45 -47.82 11.81
CA ARG D 107 -32.73 -48.24 10.61
C ARG D 107 -32.69 -47.17 9.52
N THR D 108 -33.67 -46.28 9.47
CA THR D 108 -33.84 -45.34 8.37
C THR D 108 -33.44 -43.95 8.82
N TRP D 109 -32.52 -43.32 8.07
CA TRP D 109 -32.00 -42.01 8.39
C TRP D 109 -31.83 -41.17 7.12
N SER D 110 -32.02 -39.86 7.27
CA SER D 110 -31.69 -38.97 6.16
C SER D 110 -30.18 -38.97 5.91
N VAL D 111 -29.80 -38.64 4.67
CA VAL D 111 -28.38 -38.49 4.35
C VAL D 111 -27.73 -37.47 5.28
N ARG D 112 -28.45 -36.39 5.58
CA ARG D 112 -27.98 -35.39 6.54
C ARG D 112 -27.63 -36.02 7.88
N ASP D 113 -28.55 -36.81 8.44
CA ASP D 113 -28.35 -37.43 9.74
C ASP D 113 -27.22 -38.48 9.71
N LEU D 114 -27.14 -39.27 8.64
CA LEU D 114 -26.03 -40.19 8.49
C LEU D 114 -24.70 -39.45 8.46
N TYR D 115 -24.65 -38.34 7.73
CA TYR D 115 -23.44 -37.53 7.67
C TYR D 115 -23.05 -37.00 9.05
N SER D 116 -24.02 -36.52 9.83
CA SER D 116 -23.73 -36.02 11.18
C SER D 116 -23.23 -37.14 12.09
N ALA D 117 -23.88 -38.30 12.04
CA ALA D 117 -23.46 -39.42 12.87
C ALA D 117 -22.05 -39.87 12.54
N MET D 118 -21.67 -39.81 11.28
CA MET D 118 -20.32 -40.21 10.89
C MET D 118 -19.28 -39.29 11.52
N LEU D 119 -19.53 -37.98 11.48
CA LEU D 119 -18.55 -37.00 11.94
C LEU D 119 -18.60 -36.71 13.43
N THR D 120 -19.69 -37.06 14.13
CA THR D 120 -19.75 -36.75 15.56
C THR D 120 -19.40 -37.96 16.43
N MET D 121 -20.21 -39.01 16.37
CA MET D 121 -20.00 -40.21 17.15
C MET D 121 -19.13 -41.25 16.44
N SER D 122 -18.76 -41.00 15.18
CA SER D 122 -17.96 -41.94 14.40
C SER D 122 -18.70 -43.26 14.20
N ALA D 123 -19.97 -43.16 13.83
CA ALA D 123 -20.79 -44.35 13.60
C ALA D 123 -20.34 -45.05 12.31
N ASN D 124 -19.95 -46.31 12.45
CA ASN D 124 -19.40 -47.05 11.31
C ASN D 124 -20.47 -47.45 10.30
N ASP D 125 -21.69 -47.75 10.75
CA ASP D 125 -22.72 -48.12 9.80
C ASP D 125 -23.19 -46.93 9.00
N ALA D 126 -23.15 -45.73 9.59
CA ALA D 126 -23.52 -44.54 8.84
C ALA D 126 -22.57 -44.32 7.67
N ALA D 127 -21.26 -44.42 7.93
CA ALA D 127 -20.26 -44.21 6.88
C ALA D 127 -20.37 -45.27 5.78
N GLU D 128 -20.60 -46.53 6.16
CA GLU D 128 -20.75 -47.57 5.15
C GLU D 128 -22.02 -47.38 4.33
N THR D 129 -23.10 -46.88 4.95
CA THR D 129 -24.34 -46.65 4.22
C THR D 129 -24.17 -45.55 3.20
N LEU D 130 -23.43 -44.48 3.55
CA LEU D 130 -23.22 -43.39 2.61
C LEU D 130 -22.33 -43.81 1.46
N GLY D 131 -21.26 -44.56 1.75
CA GLY D 131 -20.38 -45.03 0.69
C GLY D 131 -21.09 -45.98 -0.27
N ASP D 132 -21.95 -46.84 0.27
CA ASP D 132 -22.73 -47.74 -0.58
C ASP D 132 -23.73 -46.97 -1.42
N ARG D 133 -24.34 -45.92 -0.85
CA ARG D 133 -25.23 -45.08 -1.65
C ARG D 133 -24.48 -44.39 -2.77
N LEU D 134 -23.23 -44.00 -2.51
CA LEU D 134 -22.48 -43.20 -3.48
C LEU D 134 -21.92 -44.06 -4.61
N ASP D 135 -21.27 -45.18 -4.27
CA ASP D 135 -20.57 -45.96 -5.29
C ASP D 135 -20.65 -47.46 -5.03
N GLY D 136 -21.56 -47.90 -4.18
CA GLY D 136 -21.74 -49.32 -3.97
C GLY D 136 -20.49 -49.99 -3.41
N ALA D 137 -20.24 -51.21 -3.85
CA ALA D 137 -19.07 -51.94 -3.39
C ALA D 137 -17.76 -51.38 -3.96
N ASP D 138 -17.81 -50.45 -4.91
CA ASP D 138 -16.61 -49.87 -5.49
C ASP D 138 -16.24 -48.53 -4.85
N PHE D 139 -16.89 -48.14 -3.77
CA PHE D 139 -16.58 -46.85 -3.14
C PHE D 139 -15.13 -46.72 -2.72
N PRO D 140 -14.45 -47.74 -2.16
CA PRO D 140 -13.01 -47.57 -1.85
C PRO D 140 -12.18 -47.14 -3.04
N LYS D 141 -12.44 -47.71 -4.22
CA LYS D 141 -11.76 -47.25 -5.43
C LYS D 141 -12.01 -45.77 -5.68
N GLU D 142 -13.19 -45.29 -5.34
CA GLU D 142 -13.52 -43.88 -5.54
C GLU D 142 -12.82 -43.00 -4.50
N MET D 143 -12.71 -43.48 -3.26
CA MET D 143 -11.91 -42.76 -2.27
C MET D 143 -10.46 -42.63 -2.73
N ASN D 144 -9.90 -43.69 -3.31
CA ASN D 144 -8.49 -43.64 -3.70
C ASN D 144 -8.29 -42.77 -4.92
N ASN D 145 -9.24 -42.80 -5.86
CA ASN D 145 -9.21 -41.89 -6.99
C ASN D 145 -9.23 -40.44 -6.52
N GLN D 146 -10.14 -40.11 -5.60
CA GLN D 146 -10.21 -38.75 -5.07
C GLN D 146 -8.94 -38.36 -4.32
N ALA D 147 -8.28 -39.31 -3.64
CA ALA D 147 -7.03 -38.97 -2.97
C ALA D 147 -5.98 -38.54 -3.98
N LYS D 148 -5.90 -39.25 -5.11
CA LYS D 148 -5.00 -38.83 -6.18
C LYS D 148 -5.33 -37.43 -6.66
N LYS D 149 -6.62 -37.13 -6.88
CA LYS D 149 -6.99 -35.80 -7.34
C LYS D 149 -6.69 -34.74 -6.29
N LEU D 150 -6.69 -35.12 -5.02
CA LEU D 150 -6.42 -34.16 -3.95
C LEU D 150 -4.94 -34.02 -3.64
N GLY D 151 -4.07 -34.72 -4.34
CA GLY D 151 -2.64 -34.54 -4.16
C GLY D 151 -2.00 -35.46 -3.14
N MET D 152 -2.74 -36.40 -2.58
CA MET D 152 -2.15 -37.33 -1.64
C MET D 152 -1.22 -38.31 -2.35
N SER D 153 -0.17 -38.72 -1.65
CA SER D 153 0.86 -39.58 -2.20
C SER D 153 0.35 -41.01 -2.34
N SER D 154 1.20 -41.86 -2.92
CA SER D 154 0.86 -43.27 -3.03
C SER D 154 0.94 -44.00 -1.69
N LYS D 155 1.45 -43.35 -0.63
CA LYS D 155 1.50 -44.00 0.67
C LYS D 155 0.13 -44.14 1.32
N THR D 156 -0.86 -43.40 0.84
CA THR D 156 -2.24 -43.51 1.32
C THR D 156 -2.99 -44.62 0.61
N THR D 157 -3.78 -45.38 1.37
CA THR D 157 -4.71 -46.36 0.83
C THR D 157 -5.96 -46.38 1.69
N PHE D 158 -7.11 -46.13 1.08
CA PHE D 158 -8.39 -46.32 1.73
C PHE D 158 -8.93 -47.70 1.39
N VAL D 159 -9.66 -48.29 2.32
CA VAL D 159 -10.15 -49.66 2.12
C VAL D 159 -11.65 -49.72 2.32
N SER D 160 -12.24 -48.67 2.88
CA SER D 160 -13.65 -48.67 3.24
C SER D 160 -14.06 -47.25 3.64
N ALA D 161 -15.37 -47.02 3.66
CA ALA D 161 -15.88 -45.69 3.99
C ALA D 161 -15.72 -45.36 5.47
N SER D 162 -15.75 -46.38 6.33
CA SER D 162 -15.64 -46.16 7.77
C SER D 162 -14.22 -46.19 8.28
N GLY D 163 -13.31 -46.87 7.58
CA GLY D 163 -11.99 -47.16 8.10
C GLY D 163 -11.83 -48.58 8.59
N LEU D 164 -12.91 -49.33 8.69
CA LEU D 164 -12.84 -50.75 9.05
C LEU D 164 -12.02 -51.51 8.01
N ASP D 165 -11.30 -52.52 8.49
CA ASP D 165 -10.50 -53.36 7.59
C ASP D 165 -11.42 -54.06 6.60
N VAL D 166 -10.87 -54.37 5.42
CA VAL D 166 -11.59 -55.14 4.41
C VAL D 166 -10.62 -56.14 3.80
N ASP D 167 -11.04 -57.41 3.76
CA ASP D 167 -10.24 -58.49 3.18
C ASP D 167 -8.85 -58.55 3.82
N GLY D 168 -8.81 -58.28 5.12
CA GLY D 168 -7.57 -58.31 5.86
C GLY D 168 -6.61 -57.16 5.58
N LYS D 169 -7.10 -56.06 5.02
CA LYS D 169 -6.23 -54.94 4.69
C LYS D 169 -6.75 -53.66 5.34
N SER D 170 -5.82 -52.79 5.72
CA SER D 170 -6.11 -51.65 6.58
C SER D 170 -5.85 -50.34 5.86
N ALA D 171 -6.65 -49.33 6.18
CA ALA D 171 -6.43 -48.00 5.67
C ALA D 171 -5.18 -47.39 6.29
N VAL D 172 -4.35 -46.76 5.47
CA VAL D 172 -3.09 -46.17 5.91
C VAL D 172 -2.86 -44.86 5.18
N SER D 173 -1.93 -44.07 5.72
CA SER D 173 -1.64 -42.74 5.23
C SER D 173 -0.45 -42.18 6.00
N THR D 174 -0.12 -40.92 5.77
CA THR D 174 0.94 -40.23 6.49
C THR D 174 0.36 -38.95 7.05
N THR D 175 1.09 -38.28 7.95
CA THR D 175 0.61 -36.99 8.44
C THR D 175 0.54 -35.96 7.31
N LYS D 176 1.48 -36.01 6.37
CA LYS D 176 1.49 -35.07 5.26
C LYS D 176 0.23 -35.24 4.41
N ASP D 177 -0.09 -36.47 4.02
CA ASP D 177 -1.27 -36.71 3.19
C ASP D 177 -2.54 -36.35 3.93
N LEU D 178 -2.62 -36.68 5.23
CA LEU D 178 -3.80 -36.32 6.01
C LEU D 178 -3.97 -34.81 6.11
N PHE D 179 -2.86 -34.05 6.13
CA PHE D 179 -2.99 -32.59 6.05
C PHE D 179 -3.54 -32.15 4.71
N LEU D 180 -3.04 -32.73 3.61
CA LEU D 180 -3.54 -32.37 2.29
C LEU D 180 -5.05 -32.62 2.21
N LEU D 181 -5.50 -33.80 2.64
CA LEU D 181 -6.92 -34.12 2.61
C LEU D 181 -7.71 -33.18 3.51
N SER D 182 -7.20 -32.93 4.73
CA SER D 182 -7.93 -32.11 5.69
C SER D 182 -8.01 -30.66 5.26
N SER D 183 -6.93 -30.12 4.70
CA SER D 183 -6.98 -28.73 4.27
C SER D 183 -7.88 -28.57 3.05
N LYS D 184 -7.87 -29.56 2.14
CA LYS D 184 -8.73 -29.48 0.96
C LYS D 184 -10.20 -29.62 1.33
N LEU D 185 -10.51 -30.50 2.30
CA LEU D 185 -11.90 -30.62 2.76
C LEU D 185 -12.40 -29.31 3.34
N ILE D 186 -11.57 -28.64 4.13
CA ILE D 186 -12.01 -27.41 4.79
C ILE D 186 -12.10 -26.26 3.80
N SER D 187 -11.14 -26.19 2.87
CA SER D 187 -11.17 -25.07 1.93
C SER D 187 -12.27 -25.24 0.90
N THR D 188 -12.52 -26.47 0.44
CA THR D 188 -13.58 -26.73 -0.54
C THR D 188 -14.97 -26.69 0.10
N HIS D 189 -15.11 -27.24 1.30
CA HIS D 189 -16.40 -27.41 1.97
C HIS D 189 -16.32 -26.86 3.38
N PRO D 190 -16.18 -25.53 3.51
CA PRO D 190 -16.03 -24.95 4.85
C PRO D 190 -17.19 -25.24 5.80
N GLU D 191 -18.38 -25.53 5.28
CA GLU D 191 -19.51 -25.89 6.13
C GLU D 191 -19.29 -27.16 6.93
N VAL D 192 -18.24 -27.92 6.63
CA VAL D 192 -17.96 -29.13 7.41
C VAL D 192 -17.73 -28.75 8.87
N LEU D 193 -17.18 -27.56 9.13
CA LEU D 193 -16.90 -27.10 10.47
C LEU D 193 -18.15 -26.69 11.24
N GLU D 194 -19.26 -26.42 10.55
CA GLU D 194 -20.52 -26.23 11.26
C GLU D 194 -20.97 -27.50 11.95
N THR D 195 -20.56 -28.66 11.44
CA THR D 195 -20.87 -29.94 12.07
C THR D 195 -19.81 -30.36 13.08
N THR D 196 -18.53 -30.31 12.69
CA THR D 196 -17.48 -30.83 13.56
C THR D 196 -17.18 -29.91 14.74
N SER D 197 -17.69 -28.68 14.75
CA SER D 197 -17.44 -27.78 15.87
C SER D 197 -18.39 -27.98 17.04
N LYS D 198 -19.39 -28.85 16.92
CA LYS D 198 -20.47 -28.95 17.91
C LYS D 198 -20.24 -30.14 18.82
N PRO D 199 -20.21 -29.95 20.15
CA PRO D 199 -20.13 -31.10 21.04
C PRO D 199 -21.31 -32.04 20.94
N THR D 200 -22.48 -31.54 20.57
CA THR D 200 -23.64 -32.39 20.29
C THR D 200 -24.41 -31.82 19.11
N VAL D 201 -24.95 -32.72 18.30
CA VAL D 201 -25.74 -32.38 17.13
C VAL D 201 -27.12 -32.97 17.31
N THR D 202 -28.16 -32.20 17.03
CA THR D 202 -29.52 -32.68 17.08
C THR D 202 -29.95 -33.01 15.65
N THR D 203 -30.28 -34.28 15.41
CA THR D 203 -30.58 -34.73 14.06
C THR D 203 -31.95 -34.21 13.61
N ASP D 204 -32.20 -34.33 12.30
CA ASP D 204 -33.54 -34.14 11.77
C ASP D 204 -34.55 -35.04 12.46
N LYS D 205 -34.20 -36.33 12.59
CA LYS D 205 -35.11 -37.28 13.23
C LYS D 205 -35.45 -36.83 14.65
N GLY D 206 -34.44 -36.50 15.45
CA GLY D 206 -34.66 -35.94 16.76
C GLY D 206 -33.58 -36.33 17.74
N ALA D 207 -32.96 -37.49 17.51
CA ALA D 207 -31.89 -37.98 18.38
C ALA D 207 -30.74 -36.97 18.46
N LYS D 208 -30.06 -36.94 19.60
CA LYS D 208 -28.91 -36.07 19.83
C LYS D 208 -27.66 -36.93 19.91
N LEU D 209 -26.69 -36.65 19.03
CA LEU D 209 -25.46 -37.43 18.94
C LEU D 209 -24.33 -36.66 19.60
N GLU D 210 -23.44 -37.37 20.27
CA GLU D 210 -22.36 -36.74 21.02
C GLU D 210 -21.05 -36.84 20.27
N SER D 211 -20.29 -35.74 20.25
CA SER D 211 -19.01 -35.72 19.57
C SER D 211 -17.95 -36.44 20.36
N THR D 212 -17.08 -37.17 19.66
CA THR D 212 -15.89 -37.75 20.27
C THR D 212 -14.77 -36.73 20.46
N ASN D 213 -14.92 -35.51 19.95
CA ASN D 213 -13.90 -34.48 20.12
C ASN D 213 -14.09 -33.82 21.48
N ASP D 214 -13.36 -34.32 22.47
CA ASP D 214 -13.44 -33.77 23.81
C ASP D 214 -12.71 -32.43 23.97
N LEU D 215 -11.96 -31.98 22.96
CA LEU D 215 -11.24 -30.72 23.09
C LEU D 215 -12.07 -29.52 22.69
N LEU D 216 -13.29 -29.73 22.25
CA LEU D 216 -14.16 -28.60 21.92
C LEU D 216 -14.47 -27.86 23.21
N GLY D 217 -14.30 -26.56 23.19
CA GLY D 217 -14.56 -25.75 24.36
C GLY D 217 -13.32 -25.38 25.15
N SER D 218 -12.23 -26.12 25.00
CA SER D 218 -11.05 -25.92 25.81
C SER D 218 -9.81 -25.49 25.03
N ILE D 219 -9.85 -25.49 23.70
CA ILE D 219 -8.78 -24.91 22.89
C ILE D 219 -9.42 -23.77 22.09
N GLN D 220 -8.88 -22.57 22.27
CA GLN D 220 -9.47 -21.40 21.64
C GLN D 220 -9.41 -21.54 20.13
N GLY D 221 -10.57 -21.42 19.48
CA GLY D 221 -10.65 -21.47 18.04
C GLY D 221 -10.78 -22.85 17.45
N LEU D 222 -10.77 -23.90 18.29
CA LEU D 222 -10.87 -25.26 17.80
C LEU D 222 -12.27 -25.54 17.28
N ASP D 223 -12.36 -26.00 16.02
CA ASP D 223 -13.65 -26.30 15.39
C ASP D 223 -13.67 -27.64 14.67
N GLY D 224 -12.70 -28.52 14.92
CA GLY D 224 -12.63 -29.82 14.27
C GLY D 224 -11.43 -30.60 14.78
N LEU D 225 -11.23 -31.81 14.25
CA LEU D 225 -11.92 -32.34 13.06
C LEU D 225 -12.37 -33.82 13.17
N LYS D 226 -11.51 -34.73 13.62
CA LYS D 226 -11.89 -36.15 13.60
C LYS D 226 -10.95 -36.99 14.45
N THR D 227 -11.53 -37.94 15.19
CA THR D 227 -10.82 -38.93 15.98
C THR D 227 -10.77 -40.29 15.28
N GLY D 228 -9.88 -41.14 15.74
CA GLY D 228 -9.91 -42.55 15.35
C GLY D 228 -9.21 -43.41 16.38
N PHE D 229 -9.61 -44.68 16.43
CA PHE D 229 -8.92 -45.67 17.25
C PHE D 229 -9.12 -47.05 16.68
N THR D 230 -8.02 -47.82 16.62
CA THR D 230 -8.03 -49.27 16.63
C THR D 230 -6.81 -49.72 17.41
N ASP D 231 -6.77 -51.00 17.79
CA ASP D 231 -5.60 -51.54 18.46
C ASP D 231 -4.32 -51.26 17.65
N GLU D 232 -4.38 -51.51 16.34
CA GLU D 232 -3.20 -51.36 15.50
C GLU D 232 -2.88 -49.90 15.20
N ALA D 233 -3.86 -49.02 15.16
CA ALA D 233 -3.64 -47.61 14.87
C ALA D 233 -3.35 -46.75 16.10
N GLY D 234 -3.59 -47.26 17.32
CA GLY D 234 -3.46 -46.41 18.49
C GLY D 234 -4.59 -45.38 18.49
N TYR D 235 -4.44 -44.37 19.35
CA TYR D 235 -5.43 -43.31 19.47
C TYR D 235 -5.03 -42.13 18.60
N CYS D 236 -5.97 -41.66 17.77
CA CYS D 236 -5.66 -40.70 16.70
C CYS D 236 -6.62 -39.52 16.74
N PHE D 237 -6.15 -38.39 16.23
CA PHE D 237 -6.99 -37.20 16.19
C PHE D 237 -6.41 -36.22 15.18
N ILE D 238 -7.25 -35.75 14.26
CA ILE D 238 -6.93 -34.61 13.44
C ILE D 238 -7.68 -33.41 14.00
N GLY D 239 -6.95 -32.36 14.36
CA GLY D 239 -7.58 -31.17 14.88
C GLY D 239 -7.36 -29.95 13.99
N THR D 240 -8.25 -28.97 14.07
CA THR D 240 -8.04 -27.71 13.36
C THR D 240 -8.61 -26.57 14.20
N ALA D 241 -7.93 -25.43 14.18
CA ALA D 241 -8.40 -24.25 14.88
C ALA D 241 -8.09 -23.03 14.03
N GLU D 242 -8.80 -21.94 14.27
CA GLU D 242 -8.53 -20.69 13.59
C GLU D 242 -8.53 -19.55 14.60
N ARG D 243 -7.54 -18.68 14.49
CA ARG D 243 -7.38 -17.53 15.39
C ARG D 243 -6.91 -16.35 14.56
N GLY D 244 -7.74 -15.31 14.45
CA GLY D 244 -7.32 -14.08 13.82
C GLY D 244 -6.97 -14.24 12.35
N GLY D 245 -7.74 -15.06 11.62
CA GLY D 245 -7.47 -15.26 10.22
C GLY D 245 -6.40 -16.29 9.93
N LYS D 246 -5.91 -16.99 10.95
CA LYS D 246 -4.86 -17.99 10.81
C LYS D 246 -5.42 -19.33 11.24
N ARG D 247 -5.32 -20.32 10.36
CA ARG D 247 -5.82 -21.67 10.63
C ARG D 247 -4.67 -22.66 10.65
N VAL D 248 -4.67 -23.55 11.63
CA VAL D 248 -3.70 -24.65 11.66
C VAL D 248 -4.44 -25.97 11.68
N ILE D 249 -3.76 -27.01 11.23
CA ILE D 249 -4.26 -28.38 11.25
C ILE D 249 -3.23 -29.23 11.95
N SER D 250 -3.66 -30.00 12.95
CA SER D 250 -2.78 -30.88 13.71
C SER D 250 -3.14 -32.34 13.45
N ILE D 251 -2.14 -33.20 13.37
CA ILE D 251 -2.33 -34.64 13.18
C ILE D 251 -1.61 -35.38 14.31
N VAL D 252 -2.32 -36.30 14.97
CA VAL D 252 -1.75 -37.15 16.01
C VAL D 252 -2.13 -38.58 15.72
N LEU D 253 -1.13 -39.44 15.48
CA LEU D 253 -1.36 -40.85 15.19
C LEU D 253 -0.65 -41.74 16.19
N ASP D 254 -1.37 -42.75 16.70
CA ASP D 254 -0.83 -43.78 17.59
C ASP D 254 -0.41 -43.21 18.95
N ALA D 255 -1.30 -42.40 19.55
CA ALA D 255 -1.13 -42.04 20.94
C ALA D 255 -1.54 -43.21 21.83
N GLY D 256 -1.10 -43.15 23.09
CA GLY D 256 -1.23 -44.30 23.96
C GLY D 256 -2.58 -44.45 24.65
N THR D 257 -3.28 -43.35 24.88
CA THR D 257 -4.61 -43.43 25.48
C THR D 257 -5.55 -42.46 24.77
N ALA D 258 -6.84 -42.62 25.03
CA ALA D 258 -7.84 -41.69 24.49
C ALA D 258 -7.58 -40.26 24.94
N GLU D 259 -7.03 -40.06 26.14
CA GLU D 259 -6.79 -38.69 26.59
C GLU D 259 -5.47 -38.14 26.06
N LYS D 260 -4.48 -39.01 25.82
CA LYS D 260 -3.18 -38.52 25.38
C LYS D 260 -3.22 -37.96 23.97
N ARG D 261 -4.10 -38.47 23.10
CA ARG D 261 -4.19 -37.87 21.77
C ARG D 261 -4.62 -36.42 21.87
N PHE D 262 -5.41 -36.09 22.89
CA PHE D 262 -5.85 -34.73 23.09
C PHE D 262 -4.76 -33.89 23.78
N LYS D 263 -4.03 -34.49 24.73
CA LYS D 263 -2.91 -33.80 25.34
C LYS D 263 -1.83 -33.48 24.32
N ASP D 264 -1.58 -34.41 23.39
CA ASP D 264 -0.64 -34.15 22.31
C ASP D 264 -1.14 -33.03 21.40
N THR D 265 -2.45 -32.96 21.19
CA THR D 265 -3.02 -31.91 20.36
C THR D 265 -2.84 -30.54 20.98
N GLU D 266 -3.09 -30.41 22.30
CA GLU D 266 -2.87 -29.15 22.99
C GLU D 266 -1.44 -28.66 22.80
N LYS D 267 -0.48 -29.58 22.83
CA LYS D 267 0.92 -29.20 22.62
C LYS D 267 1.14 -28.68 21.20
N LEU D 268 0.59 -29.37 20.20
CA LEU D 268 0.80 -28.97 18.82
C LEU D 268 0.09 -27.66 18.50
N MET D 269 -1.09 -27.45 19.08
CA MET D 269 -1.79 -26.18 18.86
C MET D 269 -1.03 -25.02 19.47
N GLU D 270 -0.35 -25.23 20.60
CA GLU D 270 0.45 -24.15 21.19
C GLU D 270 1.63 -23.79 20.30
N VAL D 271 2.20 -24.78 19.59
CA VAL D 271 3.29 -24.52 18.67
C VAL D 271 2.78 -23.80 17.43
N GLY D 272 1.65 -24.27 16.89
CA GLY D 272 1.14 -23.72 15.65
C GLY D 272 0.77 -22.25 15.73
N PHE D 273 0.40 -21.77 16.92
CA PHE D 273 -0.02 -20.40 17.10
C PHE D 273 1.03 -19.57 17.84
N LYS D 274 2.27 -20.04 17.90
CA LYS D 274 3.35 -19.32 18.58
C LYS D 274 3.81 -18.13 17.75
N GLN E 28 -48.12 -4.57 22.70
CA GLN E 28 -46.73 -4.26 22.42
C GLN E 28 -45.82 -5.37 22.98
N PRO E 29 -44.62 -5.52 22.41
CA PRO E 29 -43.70 -6.56 22.88
C PRO E 29 -43.30 -6.43 24.35
N ASN E 30 -42.53 -7.41 24.84
CA ASN E 30 -42.00 -7.38 26.19
C ASN E 30 -40.47 -7.28 26.10
N LEU E 31 -39.96 -6.06 26.06
CA LEU E 31 -38.53 -5.83 25.90
C LEU E 31 -37.91 -5.56 27.25
N TYR E 32 -36.67 -6.01 27.42
CA TYR E 32 -35.92 -5.83 28.66
C TYR E 32 -34.82 -4.83 28.35
N LEU E 33 -35.18 -3.56 28.38
CA LEU E 33 -34.31 -2.49 27.92
C LEU E 33 -33.50 -1.95 29.09
N SER E 34 -32.32 -1.41 28.77
CA SER E 34 -31.56 -0.71 29.79
C SER E 34 -32.17 0.65 30.10
N ALA E 35 -32.78 1.29 29.10
CA ALA E 35 -33.35 2.61 29.29
C ALA E 35 -34.42 2.60 30.38
N ASN E 36 -34.52 3.72 31.09
CA ASN E 36 -35.63 3.95 32.00
C ASN E 36 -36.88 4.42 31.25
N ALA E 37 -36.71 5.13 30.14
CA ALA E 37 -37.79 5.53 29.25
C ALA E 37 -37.37 5.26 27.80
N ALA E 38 -38.29 4.73 27.00
CA ALA E 38 -37.98 4.46 25.60
C ALA E 38 -39.25 4.32 24.78
N ALA E 39 -39.10 4.50 23.47
CA ALA E 39 -40.23 4.36 22.55
C ALA E 39 -39.72 4.27 21.11
N VAL E 40 -40.55 3.70 20.26
CA VAL E 40 -40.33 3.74 18.82
C VAL E 40 -41.67 4.04 18.15
N TYR E 41 -41.63 4.94 17.17
CA TYR E 41 -42.82 5.47 16.52
C TYR E 41 -42.72 5.27 15.02
N SER E 42 -43.87 5.15 14.37
CA SER E 42 -43.93 5.16 12.92
C SER E 42 -44.11 6.59 12.45
N VAL E 43 -43.21 7.06 11.58
CA VAL E 43 -43.34 8.42 11.10
C VAL E 43 -44.61 8.58 10.29
N GLU E 44 -45.06 7.49 9.65
CA GLU E 44 -46.17 7.54 8.71
C GLU E 44 -47.43 8.10 9.36
N ASN E 45 -47.88 7.47 10.44
CA ASN E 45 -49.08 7.92 11.14
C ASN E 45 -48.79 8.49 12.53
N GLY E 46 -47.53 8.55 12.93
CA GLY E 46 -47.17 9.01 14.26
C GLY E 46 -47.49 8.04 15.37
N GLU E 47 -47.90 6.81 15.06
CA GLU E 47 -48.39 5.93 16.11
C GLU E 47 -47.24 5.21 16.79
N ALA E 48 -47.43 4.96 18.08
CA ALA E 48 -46.41 4.27 18.87
C ALA E 48 -46.47 2.77 18.63
N LEU E 49 -45.31 2.17 18.47
CA LEU E 49 -45.18 0.72 18.37
C LEU E 49 -44.66 0.09 19.64
N TYR E 50 -43.97 0.85 20.46
CA TYR E 50 -43.53 0.44 21.80
C TYR E 50 -43.36 1.71 22.61
N GLU E 51 -43.81 1.69 23.86
CA GLU E 51 -43.65 2.86 24.72
C GLU E 51 -43.44 2.40 26.15
N GLN E 52 -42.47 3.02 26.82
CA GLN E 52 -42.14 2.74 28.22
C GLN E 52 -41.82 4.07 28.88
N ASN E 53 -42.65 4.49 29.83
CA ASN E 53 -42.46 5.76 30.54
C ASN E 53 -42.44 6.95 29.58
N ALA E 54 -43.32 6.91 28.58
CA ALA E 54 -43.26 7.81 27.43
C ALA E 54 -43.76 9.22 27.74
N ASP E 55 -44.43 9.42 28.88
CA ASP E 55 -44.78 10.76 29.34
C ASP E 55 -44.00 11.16 30.58
N LYS E 56 -42.96 10.41 30.93
CA LYS E 56 -42.13 10.74 32.08
C LYS E 56 -41.15 11.84 31.71
N VAL E 57 -41.13 12.92 32.51
CA VAL E 57 -40.16 13.99 32.30
C VAL E 57 -38.77 13.45 32.55
N MET E 58 -37.86 13.67 31.59
CA MET E 58 -36.52 13.08 31.64
C MET E 58 -35.49 14.09 31.17
N PRO E 59 -34.30 14.11 31.80
CA PRO E 59 -33.21 14.94 31.28
C PRO E 59 -32.72 14.39 29.95
N ILE E 60 -32.36 15.29 29.04
CA ILE E 60 -32.08 14.91 27.67
C ILE E 60 -30.69 15.31 27.18
N ALA E 61 -29.99 16.22 27.86
CA ALA E 61 -28.56 16.51 27.61
C ALA E 61 -28.36 16.92 26.15
N SER E 62 -27.40 16.33 25.43
CA SER E 62 -27.02 16.77 24.09
C SER E 62 -28.11 16.58 23.05
N LEU E 63 -29.18 15.86 23.38
CA LEU E 63 -30.32 15.80 22.50
C LEU E 63 -30.87 17.19 22.21
N SER E 64 -30.58 18.16 23.08
CA SER E 64 -30.98 19.54 22.87
C SER E 64 -30.43 20.13 21.57
N LYS E 65 -29.28 19.62 21.11
CA LYS E 65 -28.66 20.14 19.89
C LYS E 65 -29.50 19.91 18.64
N LEU E 66 -30.48 18.99 18.68
CA LEU E 66 -31.38 18.86 17.55
C LEU E 66 -32.29 20.07 17.40
N MET E 67 -32.61 20.73 18.50
CA MET E 67 -33.38 21.97 18.39
C MET E 67 -32.51 23.12 17.90
N THR E 68 -31.26 23.18 18.37
CA THR E 68 -30.33 24.17 17.82
C THR E 68 -30.13 23.96 16.33
N ALA E 69 -30.05 22.70 15.90
CA ALA E 69 -29.87 22.39 14.49
C ALA E 69 -31.10 22.80 13.67
N PHE E 70 -32.30 22.54 14.20
CA PHE E 70 -33.52 22.98 13.54
C PHE E 70 -33.51 24.48 13.26
N LEU E 71 -33.11 25.28 14.26
CA LEU E 71 -33.16 26.73 14.12
C LEU E 71 -32.05 27.27 13.22
N VAL E 72 -30.91 26.59 13.17
CA VAL E 72 -29.90 26.94 12.16
C VAL E 72 -30.45 26.71 10.76
N LEU E 73 -31.02 25.53 10.52
CA LEU E 73 -31.58 25.22 9.20
C LEU E 73 -32.70 26.18 8.85
N GLU E 74 -33.52 26.58 9.84
CA GLU E 74 -34.58 27.55 9.58
C GLU E 74 -34.02 28.92 9.25
N ALA E 75 -32.94 29.32 9.92
CA ALA E 75 -32.38 30.64 9.68
C ALA E 75 -31.76 30.74 8.31
N VAL E 76 -31.15 29.64 7.83
CA VAL E 76 -30.62 29.62 6.47
C VAL E 76 -31.76 29.73 5.46
N ASP E 77 -32.79 28.90 5.61
CA ASP E 77 -33.94 28.92 4.72
C ASP E 77 -34.63 30.27 4.69
N ASN E 78 -34.58 31.01 5.81
CA ASN E 78 -35.23 32.30 5.95
C ASN E 78 -34.35 33.47 5.56
N ASN E 79 -33.19 33.22 4.96
CA ASN E 79 -32.30 34.29 4.49
C ASN E 79 -31.73 35.12 5.64
N GLU E 80 -31.52 34.51 6.80
CA GLU E 80 -31.00 35.24 7.95
C GLU E 80 -29.65 34.71 8.41
N LEU E 81 -29.09 33.70 7.74
CA LEU E 81 -27.82 33.12 8.15
C LEU E 81 -27.17 32.47 6.93
N SER E 82 -25.85 32.64 6.80
CA SER E 82 -25.08 32.09 5.69
C SER E 82 -24.26 30.90 6.15
N TRP E 83 -24.28 29.81 5.35
CA TRP E 83 -23.49 28.61 5.66
C TRP E 83 -22.00 28.90 5.77
N ASP E 84 -21.51 29.90 5.03
CA ASP E 84 -20.09 30.18 4.92
C ASP E 84 -19.62 31.28 5.86
N GLU E 85 -20.53 31.91 6.61
CA GLU E 85 -20.10 32.89 7.59
C GLU E 85 -19.18 32.26 8.63
N LYS E 86 -18.10 32.96 8.95
CA LYS E 86 -17.12 32.46 9.91
C LYS E 86 -17.48 32.93 11.32
N LEU E 87 -17.42 32.02 12.27
CA LEU E 87 -17.67 32.32 13.67
C LEU E 87 -16.48 31.87 14.50
N ASP E 88 -16.28 32.52 15.63
CA ASP E 88 -15.23 32.14 16.58
C ASP E 88 -15.84 31.42 17.76
N LEU E 89 -15.30 30.24 18.07
CA LEU E 89 -15.84 29.42 19.14
C LEU E 89 -15.81 30.16 20.47
N VAL E 90 -16.92 30.06 21.21
CA VAL E 90 -16.93 30.51 22.59
C VAL E 90 -16.11 29.55 23.44
N ARG E 91 -15.66 30.05 24.58
CA ARG E 91 -15.00 29.22 25.57
C ARG E 91 -16.04 28.63 26.50
N LEU E 92 -15.91 27.34 26.78
CA LEU E 92 -16.74 26.72 27.79
C LEU E 92 -16.14 26.99 29.16
N ASP E 93 -17.00 27.03 30.18
CA ASP E 93 -16.51 27.27 31.53
C ASP E 93 -15.70 26.11 32.07
N ASP E 94 -15.82 24.92 31.48
CA ASP E 94 -15.10 23.76 31.94
C ASP E 94 -14.06 23.34 30.92
N PRO E 95 -12.79 23.13 31.33
CA PRO E 95 -11.75 22.81 30.35
C PRO E 95 -11.75 21.37 29.87
N SER E 96 -12.52 20.49 30.49
CA SER E 96 -12.58 19.09 30.09
C SER E 96 -13.80 18.77 29.24
N ALA E 97 -14.67 19.75 28.99
CA ALA E 97 -15.91 19.50 28.26
C ALA E 97 -15.63 19.18 26.80
N VAL E 98 -16.50 18.37 26.20
CA VAL E 98 -16.28 17.97 24.81
C VAL E 98 -16.43 19.19 23.92
N SER E 99 -15.43 19.43 23.09
CA SER E 99 -15.39 20.66 22.31
C SER E 99 -14.60 20.43 21.03
N LEU E 100 -14.96 21.20 20.01
CA LEU E 100 -14.22 21.21 18.77
C LEU E 100 -12.83 21.81 18.94
N TYR E 101 -12.71 22.88 19.74
CA TYR E 101 -11.40 23.51 19.93
C TYR E 101 -10.39 22.54 20.53
N ALA E 102 -10.81 21.73 21.51
CA ALA E 102 -9.85 20.90 22.24
C ALA E 102 -9.13 19.93 21.31
N ILE E 103 -9.80 19.42 20.29
CA ILE E 103 -9.17 18.45 19.39
C ILE E 103 -8.57 19.06 18.14
N THR E 104 -8.75 20.36 17.90
CA THR E 104 -8.17 21.00 16.74
C THR E 104 -7.28 22.18 17.05
N GLN E 105 -7.52 22.88 18.16
CA GLN E 105 -6.84 24.13 18.49
C GLN E 105 -7.08 25.23 17.45
N LYS E 106 -8.21 25.20 16.76
CA LYS E 106 -8.57 26.22 15.79
C LYS E 106 -9.87 26.87 16.25
N ARG E 107 -9.88 28.20 16.27
CA ARG E 107 -10.98 28.94 16.89
C ARG E 107 -12.07 29.34 15.90
N THR E 108 -11.72 29.60 14.64
CA THR E 108 -12.65 30.19 13.68
C THR E 108 -13.11 29.15 12.68
N TRP E 109 -14.43 29.01 12.53
CA TRP E 109 -15.04 28.00 11.69
C TRP E 109 -16.24 28.59 10.97
N SER E 110 -16.56 28.02 9.81
CA SER E 110 -17.78 28.40 9.13
C SER E 110 -18.99 27.84 9.89
N VAL E 111 -20.15 28.44 9.62
CA VAL E 111 -21.42 27.96 10.19
C VAL E 111 -21.65 26.51 9.79
N ARG E 112 -21.34 26.16 8.55
CA ARG E 112 -21.50 24.78 8.08
C ARG E 112 -20.69 23.81 8.93
N ASP E 113 -19.43 24.15 9.23
CA ASP E 113 -18.57 23.22 9.98
C ASP E 113 -18.99 23.12 11.45
N LEU E 114 -19.43 24.23 12.04
CA LEU E 114 -19.92 24.19 13.42
C LEU E 114 -21.20 23.37 13.52
N TYR E 115 -22.10 23.53 12.56
CA TYR E 115 -23.27 22.68 12.43
C TYR E 115 -22.88 21.20 12.33
N SER E 116 -21.94 20.86 11.44
CA SER E 116 -21.53 19.46 11.34
C SER E 116 -20.90 18.98 12.64
N ALA E 117 -20.10 19.81 13.29
CA ALA E 117 -19.43 19.37 14.52
C ALA E 117 -20.44 19.19 15.64
N MET E 118 -21.45 20.07 15.70
CA MET E 118 -22.52 19.92 16.68
C MET E 118 -23.25 18.60 16.51
N LEU E 119 -23.52 18.18 15.27
CA LEU E 119 -24.33 17.00 15.02
C LEU E 119 -23.53 15.70 14.98
N THR E 120 -22.24 15.77 14.69
CA THR E 120 -21.43 14.57 14.54
C THR E 120 -20.78 14.17 15.86
N MET E 121 -19.89 15.00 16.38
CA MET E 121 -19.13 14.72 17.59
C MET E 121 -19.77 15.29 18.85
N SER E 122 -20.91 15.97 18.72
CA SER E 122 -21.58 16.64 19.84
C SER E 122 -20.66 17.68 20.49
N ALA E 123 -20.03 18.51 19.66
CA ALA E 123 -19.17 19.60 20.15
C ALA E 123 -20.02 20.63 20.87
N ASN E 124 -19.80 20.78 22.18
CA ASN E 124 -20.61 21.69 22.96
C ASN E 124 -20.30 23.14 22.66
N ASP E 125 -19.05 23.47 22.36
CA ASP E 125 -18.73 24.85 22.04
C ASP E 125 -19.29 25.24 20.68
N ALA E 126 -19.33 24.29 19.73
CA ALA E 126 -19.97 24.54 18.44
C ALA E 126 -21.43 24.94 18.62
N ALA E 127 -22.18 24.15 19.39
CA ALA E 127 -23.59 24.45 19.61
C ALA E 127 -23.77 25.81 20.25
N GLU E 128 -22.97 26.10 21.28
CA GLU E 128 -23.11 27.39 21.97
C GLU E 128 -22.74 28.55 21.06
N THR E 129 -21.82 28.34 20.12
CA THR E 129 -21.44 29.41 19.22
C THR E 129 -22.54 29.67 18.20
N LEU E 130 -23.19 28.62 17.70
CA LEU E 130 -24.34 28.81 16.82
C LEU E 130 -25.47 29.53 17.54
N GLY E 131 -25.76 29.13 18.79
CA GLY E 131 -26.85 29.77 19.53
C GLY E 131 -26.62 31.25 19.75
N ASP E 132 -25.38 31.64 20.05
CA ASP E 132 -25.09 33.07 20.27
C ASP E 132 -25.30 33.88 18.99
N ARG E 133 -24.92 33.34 17.83
CA ARG E 133 -25.13 34.06 16.58
C ARG E 133 -26.61 34.19 16.27
N LEU E 134 -27.39 33.16 16.58
CA LEU E 134 -28.82 33.21 16.32
C LEU E 134 -29.54 34.18 17.25
N ASP E 135 -29.16 34.20 18.53
CA ASP E 135 -29.77 35.10 19.51
C ASP E 135 -28.76 35.33 20.64
N GLY E 136 -28.00 36.42 20.55
CA GLY E 136 -26.97 36.70 21.54
C GLY E 136 -27.51 36.97 22.94
N ALA E 137 -28.77 37.35 23.07
CA ALA E 137 -29.34 37.68 24.38
C ALA E 137 -29.98 36.48 25.07
N ASP E 138 -30.85 35.73 24.36
CA ASP E 138 -31.66 34.71 25.01
C ASP E 138 -32.02 33.64 23.99
N PHE E 139 -31.06 32.78 23.68
CA PHE E 139 -31.30 31.68 22.77
C PHE E 139 -32.22 30.62 23.36
N PRO E 140 -32.07 30.22 24.63
CA PRO E 140 -33.01 29.24 25.19
C PRO E 140 -34.46 29.64 25.04
N LYS E 141 -34.77 30.94 25.13
CA LYS E 141 -36.14 31.39 24.92
C LYS E 141 -36.58 31.16 23.48
N GLU E 142 -35.66 31.33 22.53
CA GLU E 142 -35.94 30.97 21.15
C GLU E 142 -36.19 29.48 20.99
N MET E 143 -35.41 28.65 21.71
CA MET E 143 -35.60 27.19 21.65
C MET E 143 -36.95 26.79 22.21
N ASN E 144 -37.39 27.43 23.29
CA ASN E 144 -38.67 27.07 23.90
C ASN E 144 -39.86 27.68 23.17
N ASN E 145 -39.69 28.83 22.52
CA ASN E 145 -40.72 29.31 21.61
C ASN E 145 -40.90 28.36 20.44
N GLN E 146 -39.80 27.79 19.94
CA GLN E 146 -39.92 26.85 18.82
C GLN E 146 -40.48 25.52 19.29
N ALA E 147 -40.14 25.09 20.50
CA ALA E 147 -40.72 23.87 21.05
C ALA E 147 -42.24 23.96 21.06
N LYS E 148 -42.79 25.11 21.45
CA LYS E 148 -44.23 25.33 21.41
C LYS E 148 -44.77 25.28 19.98
N LYS E 149 -44.16 26.06 19.08
CA LYS E 149 -44.63 26.11 17.69
C LYS E 149 -44.67 24.72 17.08
N LEU E 150 -43.70 23.89 17.42
CA LEU E 150 -43.64 22.53 16.91
C LEU E 150 -44.61 21.59 17.60
N GLY E 151 -45.42 22.07 18.53
CA GLY E 151 -46.38 21.21 19.20
C GLY E 151 -45.84 20.36 20.33
N MET E 152 -44.65 20.65 20.85
CA MET E 152 -44.18 19.93 22.02
C MET E 152 -44.95 20.39 23.25
N SER E 153 -45.09 19.49 24.23
CA SER E 153 -45.86 19.77 25.42
C SER E 153 -45.10 20.72 26.35
N SER E 154 -45.80 21.19 27.39
CA SER E 154 -45.21 22.04 28.41
C SER E 154 -44.20 21.31 29.29
N LYS E 155 -44.07 19.98 29.12
CA LYS E 155 -43.07 19.21 29.85
C LYS E 155 -41.67 19.40 29.29
N THR E 156 -41.53 19.95 28.08
CA THR E 156 -40.23 20.21 27.48
C THR E 156 -39.72 21.59 27.86
N THR E 157 -38.46 21.65 28.29
CA THR E 157 -37.80 22.91 28.59
C THR E 157 -36.34 22.77 28.18
N PHE E 158 -35.88 23.65 27.30
CA PHE E 158 -34.46 23.74 26.97
C PHE E 158 -33.82 24.83 27.80
N VAL E 159 -32.55 24.65 28.13
CA VAL E 159 -31.80 25.62 28.90
C VAL E 159 -30.56 26.14 28.18
N SER E 160 -30.15 25.53 27.07
CA SER E 160 -28.91 25.93 26.41
C SER E 160 -28.84 25.28 25.04
N ALA E 161 -28.01 25.85 24.17
CA ALA E 161 -27.89 25.39 22.79
C ALA E 161 -27.33 23.97 22.73
N SER E 162 -26.38 23.66 23.61
CA SER E 162 -25.69 22.38 23.60
C SER E 162 -26.35 21.33 24.48
N GLY E 163 -27.26 21.73 25.36
CA GLY E 163 -27.84 20.83 26.32
C GLY E 163 -27.12 20.79 27.67
N LEU E 164 -26.00 21.49 27.80
CA LEU E 164 -25.31 21.58 29.08
C LEU E 164 -26.18 22.30 30.09
N ASP E 165 -26.11 21.86 31.35
CA ASP E 165 -26.82 22.54 32.44
C ASP E 165 -26.43 24.01 32.49
N VAL E 166 -27.38 24.85 32.90
CA VAL E 166 -27.15 26.28 33.09
C VAL E 166 -27.80 26.70 34.40
N ASP E 167 -27.01 27.25 35.33
CA ASP E 167 -27.50 27.73 36.62
C ASP E 167 -28.12 26.61 37.45
N GLY E 168 -27.54 25.41 37.33
CA GLY E 168 -28.04 24.25 38.04
C GLY E 168 -29.30 23.63 37.48
N LYS E 169 -29.82 24.14 36.36
CA LYS E 169 -31.03 23.61 35.74
C LYS E 169 -30.69 22.81 34.49
N SER E 170 -31.51 21.80 34.20
CA SER E 170 -31.24 20.83 33.15
C SER E 170 -32.33 20.86 32.08
N ALA E 171 -31.93 20.58 30.83
CA ALA E 171 -32.92 20.40 29.78
C ALA E 171 -33.67 19.10 29.98
N VAL E 172 -34.98 19.13 29.78
CA VAL E 172 -35.86 17.98 30.02
C VAL E 172 -36.90 17.91 28.92
N SER E 173 -37.44 16.71 28.72
CA SER E 173 -38.46 16.45 27.70
C SER E 173 -39.10 15.10 27.99
N THR E 174 -39.93 14.61 27.07
CA THR E 174 -40.49 13.27 27.12
C THR E 174 -40.18 12.58 25.80
N THR E 175 -40.28 11.24 25.78
CA THR E 175 -40.10 10.55 24.50
C THR E 175 -41.15 11.00 23.50
N LYS E 176 -42.38 11.29 23.95
CA LYS E 176 -43.40 11.76 23.03
C LYS E 176 -43.02 13.10 22.40
N ASP E 177 -42.56 14.05 23.23
CA ASP E 177 -42.13 15.35 22.70
C ASP E 177 -40.91 15.20 21.81
N LEU E 178 -39.99 14.31 22.17
CA LEU E 178 -38.78 14.14 21.38
C LEU E 178 -39.07 13.49 20.02
N PHE E 179 -40.13 12.68 19.93
CA PHE E 179 -40.56 12.22 18.62
C PHE E 179 -41.11 13.39 17.81
N LEU E 180 -41.96 14.22 18.42
CA LEU E 180 -42.55 15.35 17.70
C LEU E 180 -41.46 16.25 17.13
N LEU E 181 -40.41 16.53 17.92
CA LEU E 181 -39.29 17.33 17.43
C LEU E 181 -38.52 16.62 16.32
N SER E 182 -38.17 15.35 16.55
CA SER E 182 -37.38 14.60 15.59
C SER E 182 -38.09 14.48 14.25
N SER E 183 -39.38 14.15 14.26
CA SER E 183 -40.09 13.93 13.00
C SER E 183 -40.25 15.23 12.22
N LYS E 184 -40.46 16.35 12.92
CA LYS E 184 -40.62 17.62 12.24
C LYS E 184 -39.29 18.18 11.74
N LEU E 185 -38.19 17.84 12.41
CA LEU E 185 -36.89 18.22 11.87
C LEU E 185 -36.60 17.46 10.59
N ILE E 186 -36.90 16.15 10.57
CA ILE E 186 -36.61 15.33 9.39
C ILE E 186 -37.54 15.67 8.23
N SER E 187 -38.81 15.94 8.51
CA SER E 187 -39.70 16.25 7.40
C SER E 187 -39.53 17.69 6.91
N THR E 188 -39.15 18.63 7.78
CA THR E 188 -38.91 19.99 7.32
C THR E 188 -37.55 20.14 6.66
N HIS E 189 -36.52 19.47 7.16
CA HIS E 189 -35.16 19.60 6.67
C HIS E 189 -34.57 18.21 6.49
N PRO E 190 -35.05 17.46 5.50
CA PRO E 190 -34.50 16.13 5.27
C PRO E 190 -33.00 16.13 5.01
N GLU E 191 -32.40 17.26 4.61
CA GLU E 191 -30.96 17.29 4.42
C GLU E 191 -30.21 17.05 5.72
N VAL E 192 -30.86 17.17 6.88
CA VAL E 192 -30.18 16.89 8.15
C VAL E 192 -29.61 15.47 8.13
N LEU E 193 -30.31 14.53 7.48
CA LEU E 193 -29.84 13.15 7.48
C LEU E 193 -28.58 12.98 6.66
N GLU E 194 -28.25 13.93 5.78
CA GLU E 194 -27.00 13.81 5.05
C GLU E 194 -25.79 14.02 5.94
N THR E 195 -25.97 14.68 7.09
CA THR E 195 -24.90 14.83 8.06
C THR E 195 -24.94 13.77 9.16
N THR E 196 -26.13 13.43 9.67
CA THR E 196 -26.22 12.45 10.76
C THR E 196 -26.03 11.00 10.31
N SER E 197 -25.94 10.73 9.02
CA SER E 197 -25.81 9.36 8.54
C SER E 197 -24.37 8.95 8.28
N LYS E 198 -23.41 9.84 8.49
CA LYS E 198 -22.04 9.53 8.08
C LYS E 198 -21.17 9.24 9.30
N PRO E 199 -20.49 8.10 9.34
CA PRO E 199 -19.61 7.84 10.50
C PRO E 199 -18.47 8.83 10.62
N THR E 200 -18.03 9.42 9.51
CA THR E 200 -17.04 10.48 9.50
C THR E 200 -17.52 11.59 8.59
N VAL E 201 -17.34 12.82 9.02
CA VAL E 201 -17.66 14.00 8.22
C VAL E 201 -16.38 14.82 8.06
N THR E 202 -16.06 15.21 6.84
CA THR E 202 -14.91 16.07 6.58
C THR E 202 -15.39 17.52 6.48
N THR E 203 -14.94 18.35 7.42
CA THR E 203 -15.33 19.74 7.40
C THR E 203 -14.80 20.42 6.13
N ASP E 204 -15.40 21.55 5.77
CA ASP E 204 -14.89 22.30 4.64
C ASP E 204 -13.41 22.62 4.84
N LYS E 205 -12.98 22.77 6.09
CA LYS E 205 -11.61 23.07 6.48
C LYS E 205 -10.69 21.84 6.45
N GLY E 206 -11.20 20.65 6.14
CA GLY E 206 -10.38 19.47 6.04
C GLY E 206 -10.32 18.61 7.29
N ALA E 207 -10.82 19.10 8.42
CA ALA E 207 -10.81 18.31 9.65
C ALA E 207 -11.88 17.23 9.60
N LYS E 208 -11.53 16.04 10.09
CA LYS E 208 -12.43 14.89 10.08
C LYS E 208 -13.07 14.71 11.46
N LEU E 209 -14.39 14.71 11.52
CA LEU E 209 -15.15 14.52 12.75
C LEU E 209 -15.77 13.14 12.76
N GLU E 210 -15.66 12.43 13.89
CA GLU E 210 -16.20 11.08 14.02
C GLU E 210 -17.53 11.11 14.76
N SER E 211 -18.53 10.43 14.20
CA SER E 211 -19.85 10.38 14.80
C SER E 211 -19.82 9.65 16.14
N THR E 212 -20.67 10.12 17.07
CA THR E 212 -20.94 9.39 18.31
C THR E 212 -21.96 8.28 18.09
N ASN E 213 -22.57 8.21 16.91
CA ASN E 213 -23.54 7.17 16.59
C ASN E 213 -22.78 5.92 16.17
N ASP E 214 -22.44 5.07 17.15
CA ASP E 214 -21.74 3.84 16.90
C ASP E 214 -22.57 2.80 16.18
N LEU E 215 -23.86 3.07 15.90
CA LEU E 215 -24.68 2.13 15.16
C LEU E 215 -24.64 2.34 13.65
N LEU E 216 -24.06 3.44 13.18
CA LEU E 216 -24.01 3.70 11.75
C LEU E 216 -23.26 2.59 11.03
N GLY E 217 -23.83 2.09 9.95
CA GLY E 217 -23.23 1.02 9.20
C GLY E 217 -23.61 -0.36 9.66
N SER E 218 -24.36 -0.48 10.77
CA SER E 218 -24.68 -1.78 11.35
C SER E 218 -26.17 -2.11 11.35
N ILE E 219 -27.06 -1.14 11.14
CA ILE E 219 -28.47 -1.40 10.95
C ILE E 219 -28.86 -0.89 9.57
N GLN E 220 -29.49 -1.75 8.77
CA GLN E 220 -29.95 -1.36 7.44
C GLN E 220 -30.95 -0.23 7.54
N GLY E 221 -30.70 0.85 6.79
CA GLY E 221 -31.60 1.98 6.77
C GLY E 221 -31.31 3.08 7.77
N LEU E 222 -30.46 2.82 8.77
CA LEU E 222 -30.25 3.79 9.85
C LEU E 222 -29.45 4.99 9.36
N ASP E 223 -29.95 6.21 9.61
CA ASP E 223 -29.28 7.42 9.15
C ASP E 223 -29.33 8.55 10.18
N GLY E 224 -29.54 8.25 11.45
CA GLY E 224 -29.57 9.29 12.47
C GLY E 224 -29.82 8.64 13.82
N LEU E 225 -29.89 9.48 14.86
CA LEU E 225 -29.93 10.94 14.73
C LEU E 225 -29.03 11.71 15.71
N LYS E 226 -29.04 11.36 17.01
CA LYS E 226 -28.26 12.15 17.97
C LYS E 226 -28.15 11.39 19.29
N THR E 227 -26.94 11.38 19.85
CA THR E 227 -26.67 10.83 21.17
C THR E 227 -26.69 11.91 22.25
N GLY E 228 -26.70 11.46 23.50
CA GLY E 228 -26.57 12.37 24.63
C GLY E 228 -26.14 11.60 25.86
N PHE E 229 -25.40 12.27 26.74
CA PHE E 229 -25.07 11.71 28.04
C PHE E 229 -24.78 12.82 29.05
N THR E 230 -25.31 12.65 30.25
CA THR E 230 -24.84 13.30 31.47
C THR E 230 -25.00 12.31 32.62
N ASP E 231 -24.32 12.58 33.73
CA ASP E 231 -24.49 11.74 34.91
C ASP E 231 -25.96 11.59 35.24
N GLU E 232 -26.71 12.69 35.11
CA GLU E 232 -28.11 12.70 35.49
C GLU E 232 -29.03 12.14 34.41
N ALA E 233 -28.68 12.32 33.14
CA ALA E 233 -29.53 11.78 32.08
C ALA E 233 -29.20 10.34 31.71
N GLY E 234 -28.06 9.83 32.11
CA GLY E 234 -27.70 8.51 31.63
C GLY E 234 -27.31 8.58 30.15
N TYR E 235 -27.28 7.44 29.49
CA TYR E 235 -26.92 7.38 28.09
C TYR E 235 -28.18 7.40 27.22
N CYS E 236 -28.24 8.32 26.26
CA CYS E 236 -29.43 8.56 25.48
C CYS E 236 -29.11 8.50 23.99
N PHE E 237 -30.14 8.23 23.19
CA PHE E 237 -29.97 8.13 21.74
C PHE E 237 -31.33 8.23 21.06
N ILE E 238 -31.44 9.14 20.12
CA ILE E 238 -32.55 9.16 19.19
C ILE E 238 -32.03 8.57 17.89
N GLY E 239 -32.70 7.51 17.41
CA GLY E 239 -32.32 6.85 16.18
C GLY E 239 -33.41 6.99 15.15
N THR E 240 -33.02 6.94 13.88
CA THR E 240 -34.00 6.91 12.81
C THR E 240 -33.48 6.04 11.67
N ALA E 241 -34.39 5.28 11.07
CA ALA E 241 -34.06 4.35 10.01
C ALA E 241 -35.23 4.35 9.05
N GLU E 242 -34.95 4.08 7.78
CA GLU E 242 -36.00 4.02 6.77
C GLU E 242 -35.69 2.86 5.83
N ARG E 243 -36.70 2.04 5.55
CA ARG E 243 -36.62 0.93 4.62
C ARG E 243 -37.90 0.86 3.83
N GLY E 244 -37.80 0.76 2.51
CA GLY E 244 -38.98 0.58 1.68
C GLY E 244 -40.06 1.61 1.94
N GLY E 245 -39.68 2.85 2.18
CA GLY E 245 -40.62 3.93 2.40
C GLY E 245 -41.17 4.05 3.80
N LYS E 246 -40.80 3.16 4.71
CA LYS E 246 -41.25 3.20 6.09
C LYS E 246 -40.14 3.76 6.95
N ARG E 247 -40.39 4.91 7.58
CA ARG E 247 -39.43 5.53 8.50
C ARG E 247 -39.88 5.33 9.94
N VAL E 248 -38.93 4.98 10.81
CA VAL E 248 -39.22 4.87 12.23
C VAL E 248 -38.27 5.79 12.98
N ILE E 249 -38.69 6.22 14.16
CA ILE E 249 -37.88 7.03 15.05
C ILE E 249 -37.95 6.38 16.42
N SER E 250 -36.79 6.03 16.99
CA SER E 250 -36.71 5.42 18.30
C SER E 250 -36.04 6.38 19.28
N ILE E 251 -36.50 6.35 20.53
CA ILE E 251 -36.00 7.20 21.61
C ILE E 251 -35.58 6.30 22.77
N VAL E 252 -34.37 6.49 23.27
CA VAL E 252 -33.82 5.75 24.40
C VAL E 252 -33.25 6.78 25.38
N LEU E 253 -33.75 6.77 26.62
CA LEU E 253 -33.32 7.73 27.63
C LEU E 253 -32.84 6.99 28.87
N ASP E 254 -31.66 7.36 29.36
CA ASP E 254 -31.09 6.84 30.62
C ASP E 254 -30.82 5.33 30.54
N ALA E 255 -30.12 4.91 29.50
CA ALA E 255 -29.54 3.57 29.50
C ALA E 255 -28.27 3.56 30.35
N GLY E 256 -27.83 2.37 30.74
CA GLY E 256 -26.77 2.27 31.72
C GLY E 256 -25.35 2.43 31.22
N THR E 257 -25.11 2.16 29.93
CA THR E 257 -23.77 2.35 29.37
C THR E 257 -23.89 2.94 27.97
N ALA E 258 -22.75 3.44 27.46
CA ALA E 258 -22.70 3.95 26.10
C ALA E 258 -23.09 2.89 25.07
N GLU E 259 -22.75 1.63 25.33
CA GLU E 259 -23.13 0.57 24.40
C GLU E 259 -24.58 0.12 24.60
N LYS E 260 -25.12 0.22 25.82
CA LYS E 260 -26.45 -0.32 26.06
C LYS E 260 -27.54 0.53 25.41
N ARG E 261 -27.31 1.84 25.22
CA ARG E 261 -28.29 2.64 24.50
C ARG E 261 -28.42 2.17 23.06
N PHE E 262 -27.35 1.61 22.50
CA PHE E 262 -27.43 1.10 21.14
C PHE E 262 -28.07 -0.27 21.11
N LYS E 263 -27.76 -1.13 22.09
CA LYS E 263 -28.45 -2.40 22.20
C LYS E 263 -29.95 -2.21 22.31
N ASP E 264 -30.38 -1.19 23.06
CA ASP E 264 -31.81 -0.89 23.17
C ASP E 264 -32.39 -0.45 21.83
N THR E 265 -31.64 0.37 21.08
CA THR E 265 -32.13 0.85 19.80
C THR E 265 -32.30 -0.30 18.81
N GLU E 266 -31.39 -1.28 18.84
CA GLU E 266 -31.50 -2.45 17.97
C GLU E 266 -32.81 -3.21 18.24
N LYS E 267 -33.12 -3.44 19.51
CA LYS E 267 -34.41 -4.04 19.88
C LYS E 267 -35.57 -3.17 19.40
N LEU E 268 -35.49 -1.86 19.58
CA LEU E 268 -36.59 -0.99 19.18
C LEU E 268 -36.74 -0.95 17.66
N MET E 269 -35.63 -0.97 16.93
CA MET E 269 -35.70 -0.94 15.47
C MET E 269 -36.30 -2.23 14.93
N GLU E 270 -35.95 -3.36 15.53
CA GLU E 270 -36.56 -4.62 15.14
C GLU E 270 -38.08 -4.59 15.31
N VAL E 271 -38.53 -3.96 16.39
CA VAL E 271 -39.96 -3.85 16.67
C VAL E 271 -40.63 -2.94 15.65
N GLY E 272 -39.95 -1.86 15.27
CA GLY E 272 -40.52 -0.90 14.34
C GLY E 272 -40.62 -1.38 12.91
N PHE E 273 -39.78 -2.33 12.51
CA PHE E 273 -39.80 -2.86 11.16
C PHE E 273 -40.45 -4.24 11.07
N LYS E 274 -41.07 -4.70 12.14
CA LYS E 274 -41.69 -6.03 12.17
C LYS E 274 -42.89 -6.07 11.24
N GLN F 28 10.35 -15.97 -18.26
CA GLN F 28 11.49 -15.14 -18.65
C GLN F 28 11.02 -13.79 -19.21
N PRO F 29 11.64 -12.70 -18.77
CA PRO F 29 11.26 -11.36 -19.24
C PRO F 29 11.35 -11.22 -20.76
N ASN F 30 10.83 -10.10 -21.26
CA ASN F 30 10.80 -9.79 -22.68
C ASN F 30 11.70 -8.56 -22.90
N LEU F 31 12.99 -8.81 -23.05
CA LEU F 31 13.97 -7.74 -23.19
C LEU F 31 14.26 -7.50 -24.66
N TYR F 32 14.64 -6.27 -24.95
CA TYR F 32 14.94 -5.81 -26.29
C TYR F 32 16.40 -5.38 -26.31
N LEU F 33 17.28 -6.36 -26.28
CA LEU F 33 18.71 -6.11 -26.15
C LEU F 33 19.32 -5.79 -27.49
N SER F 34 20.43 -5.04 -27.47
CA SER F 34 21.20 -4.87 -28.69
C SER F 34 22.00 -6.12 -29.02
N ALA F 35 22.39 -6.88 -28.01
CA ALA F 35 23.22 -8.07 -28.20
C ALA F 35 22.49 -9.12 -29.05
N ASN F 36 23.27 -9.85 -29.85
CA ASN F 36 22.78 -11.01 -30.57
C ASN F 36 22.61 -12.23 -29.67
N ALA F 37 23.48 -12.40 -28.67
CA ALA F 37 23.35 -13.45 -27.67
C ALA F 37 23.59 -12.85 -26.29
N ALA F 38 22.77 -13.24 -25.31
CA ALA F 38 22.90 -12.71 -23.97
C ALA F 38 22.30 -13.66 -22.95
N ALA F 39 22.73 -13.50 -21.69
CA ALA F 39 22.27 -14.35 -20.59
C ALA F 39 22.68 -13.72 -19.26
N VAL F 40 21.90 -14.01 -18.23
CA VAL F 40 22.24 -13.65 -16.85
C VAL F 40 21.93 -14.87 -15.97
N TYR F 41 22.91 -15.24 -15.13
CA TYR F 41 22.86 -16.45 -14.32
C TYR F 41 23.00 -16.08 -12.85
N SER F 42 22.39 -16.87 -11.99
CA SER F 42 22.62 -16.75 -10.56
C SER F 42 23.75 -17.69 -10.18
N VAL F 43 24.76 -17.15 -9.51
CA VAL F 43 25.95 -17.94 -9.17
C VAL F 43 25.59 -19.05 -8.21
N GLU F 44 24.55 -18.82 -7.40
CA GLU F 44 24.27 -19.69 -6.27
C GLU F 44 23.88 -21.09 -6.72
N ASN F 45 23.09 -21.20 -7.78
CA ASN F 45 22.74 -22.51 -8.32
C ASN F 45 23.07 -22.66 -9.80
N GLY F 46 23.75 -21.69 -10.42
CA GLY F 46 24.05 -21.77 -11.84
C GLY F 46 22.86 -21.65 -12.77
N GLU F 47 21.70 -21.23 -12.26
CA GLU F 47 20.48 -21.25 -13.03
C GLU F 47 20.35 -20.00 -13.90
N ALA F 48 19.83 -20.17 -15.11
CA ALA F 48 19.61 -19.04 -15.99
C ALA F 48 18.39 -18.24 -15.53
N LEU F 49 18.52 -16.92 -15.54
CA LEU F 49 17.38 -16.04 -15.32
C LEU F 49 16.90 -15.36 -16.60
N TYR F 50 17.79 -15.22 -17.58
CA TYR F 50 17.47 -14.79 -18.93
C TYR F 50 18.47 -15.46 -19.86
N GLU F 51 18.01 -15.91 -21.02
CA GLU F 51 18.90 -16.53 -22.00
C GLU F 51 18.40 -16.20 -23.40
N GLN F 52 19.32 -15.77 -24.26
CA GLN F 52 19.05 -15.48 -25.67
C GLN F 52 20.21 -16.01 -26.49
N ASN F 53 19.94 -17.01 -27.35
CA ASN F 53 20.96 -17.65 -28.19
C ASN F 53 22.10 -18.19 -27.33
N ALA F 54 21.77 -18.76 -26.18
CA ALA F 54 22.78 -19.10 -25.19
C ALA F 54 23.62 -20.29 -25.59
N ASP F 55 23.20 -21.05 -26.60
CA ASP F 55 24.00 -22.14 -27.15
C ASP F 55 24.67 -21.79 -28.47
N LYS F 56 24.51 -20.56 -28.95
CA LYS F 56 25.08 -20.19 -30.22
C LYS F 56 26.58 -19.98 -30.07
N VAL F 57 27.35 -20.51 -31.02
CA VAL F 57 28.78 -20.28 -31.08
C VAL F 57 29.04 -18.84 -31.52
N MET F 58 29.81 -18.10 -30.72
CA MET F 58 30.04 -16.67 -30.93
C MET F 58 31.51 -16.33 -30.75
N PRO F 59 32.07 -15.43 -31.57
CA PRO F 59 33.41 -14.91 -31.30
C PRO F 59 33.41 -14.11 -30.01
N ILE F 60 34.51 -14.22 -29.24
CA ILE F 60 34.57 -13.63 -27.91
C ILE F 60 35.69 -12.62 -27.72
N ALA F 61 36.71 -12.59 -28.59
CA ALA F 61 37.71 -11.52 -28.62
C ALA F 61 38.40 -11.42 -27.26
N SER F 62 38.46 -10.24 -26.65
CA SER F 62 39.23 -9.97 -25.42
C SER F 62 38.73 -10.74 -24.21
N LEU F 63 37.52 -11.30 -24.26
CA LEU F 63 37.05 -12.13 -23.17
C LEU F 63 37.97 -13.31 -22.91
N SER F 64 38.75 -13.72 -23.93
CA SER F 64 39.76 -14.76 -23.77
C SER F 64 40.76 -14.44 -22.68
N LYS F 65 40.95 -13.16 -22.37
CA LYS F 65 41.93 -12.79 -21.35
C LYS F 65 41.52 -13.27 -19.95
N LEU F 66 40.25 -13.62 -19.76
CA LEU F 66 39.83 -14.20 -18.49
C LEU F 66 40.44 -15.60 -18.29
N MET F 67 40.60 -16.36 -19.37
CA MET F 67 41.28 -17.63 -19.25
C MET F 67 42.78 -17.43 -19.02
N THR F 68 43.38 -16.46 -19.69
CA THR F 68 44.78 -16.13 -19.42
C THR F 68 44.98 -15.72 -17.97
N ALA F 69 44.04 -14.94 -17.41
CA ALA F 69 44.14 -14.50 -16.03
C ALA F 69 43.97 -15.67 -15.06
N PHE F 70 43.05 -16.59 -15.39
CA PHE F 70 42.90 -17.79 -14.58
C PHE F 70 44.20 -18.58 -14.50
N LEU F 71 44.91 -18.70 -15.62
CA LEU F 71 46.13 -19.51 -15.66
C LEU F 71 47.30 -18.82 -14.95
N VAL F 72 47.36 -17.49 -14.98
CA VAL F 72 48.36 -16.76 -14.18
C VAL F 72 48.11 -17.00 -12.70
N LEU F 73 46.87 -16.80 -12.25
CA LEU F 73 46.56 -16.98 -10.84
C LEU F 73 46.83 -18.41 -10.39
N GLU F 74 46.54 -19.40 -11.24
CA GLU F 74 46.83 -20.79 -10.89
C GLU F 74 48.32 -21.04 -10.79
N ALA F 75 49.11 -20.42 -11.68
CA ALA F 75 50.56 -20.64 -11.65
C ALA F 75 51.18 -20.04 -10.39
N VAL F 76 50.73 -18.85 -10.00
CA VAL F 76 51.18 -18.27 -8.75
C VAL F 76 50.81 -19.18 -7.58
N ASP F 77 49.58 -19.70 -7.59
CA ASP F 77 49.13 -20.61 -6.54
C ASP F 77 49.96 -21.87 -6.48
N ASN F 78 50.43 -22.36 -7.62
CA ASN F 78 51.17 -23.60 -7.68
C ASN F 78 52.67 -23.40 -7.57
N ASN F 79 53.11 -22.19 -7.23
CA ASN F 79 54.52 -21.90 -6.97
C ASN F 79 55.34 -22.01 -8.25
N GLU F 80 54.75 -21.60 -9.37
CA GLU F 80 55.41 -21.67 -10.67
C GLU F 80 55.61 -20.31 -11.30
N LEU F 81 55.28 -19.23 -10.59
CA LEU F 81 55.28 -17.90 -11.16
C LEU F 81 55.27 -16.90 -10.01
N SER F 82 56.12 -15.89 -10.10
CA SER F 82 56.21 -14.82 -9.11
C SER F 82 55.49 -13.57 -9.61
N TRP F 83 54.77 -12.89 -8.70
CA TRP F 83 54.14 -11.63 -9.07
C TRP F 83 55.16 -10.56 -9.41
N ASP F 84 56.39 -10.68 -8.92
CA ASP F 84 57.38 -9.62 -9.08
C ASP F 84 58.43 -9.91 -10.14
N GLU F 85 58.42 -11.08 -10.77
CA GLU F 85 59.40 -11.27 -11.82
C GLU F 85 59.11 -10.31 -12.98
N LYS F 86 60.15 -9.81 -13.61
CA LYS F 86 60.02 -8.83 -14.66
C LYS F 86 59.98 -9.53 -16.02
N LEU F 87 59.06 -9.10 -16.86
CA LEU F 87 58.92 -9.61 -18.23
C LEU F 87 58.96 -8.43 -19.18
N ASP F 88 59.49 -8.67 -20.38
CA ASP F 88 59.55 -7.64 -21.41
C ASP F 88 58.43 -7.87 -22.41
N LEU F 89 57.71 -6.80 -22.73
CA LEU F 89 56.54 -6.91 -23.57
C LEU F 89 56.91 -7.42 -24.95
N VAL F 90 56.13 -8.38 -25.43
CA VAL F 90 56.29 -8.81 -26.81
C VAL F 90 55.71 -7.74 -27.73
N ARG F 91 56.20 -7.73 -28.96
CA ARG F 91 55.70 -6.83 -29.98
C ARG F 91 54.51 -7.45 -30.69
N LEU F 92 53.48 -6.65 -30.90
CA LEU F 92 52.32 -7.10 -31.67
C LEU F 92 52.57 -6.84 -33.16
N ASP F 93 51.96 -7.69 -33.99
CA ASP F 93 52.12 -7.54 -35.43
C ASP F 93 51.62 -6.19 -35.92
N ASP F 94 50.61 -5.63 -35.26
CA ASP F 94 49.99 -4.40 -35.72
C ASP F 94 50.32 -3.28 -34.76
N PRO F 95 51.00 -2.22 -35.21
CA PRO F 95 51.34 -1.11 -34.31
C PRO F 95 50.15 -0.31 -33.80
N SER F 96 48.99 -0.40 -34.46
CA SER F 96 47.82 0.34 -33.99
C SER F 96 47.07 -0.38 -32.89
N ALA F 97 47.40 -1.64 -32.60
CA ALA F 97 46.65 -2.43 -31.64
C ALA F 97 46.79 -1.84 -30.23
N VAL F 98 45.79 -2.12 -29.39
CA VAL F 98 45.81 -1.60 -28.03
C VAL F 98 46.91 -2.31 -27.24
N SER F 99 47.77 -1.53 -26.60
CA SER F 99 48.94 -2.11 -25.97
C SER F 99 49.36 -1.24 -24.80
N LEU F 100 49.96 -1.89 -23.81
CA LEU F 100 50.55 -1.18 -22.69
C LEU F 100 51.76 -0.36 -23.13
N TYR F 101 52.52 -0.84 -24.12
CA TYR F 101 53.71 -0.11 -24.56
C TYR F 101 53.34 1.21 -25.22
N ALA F 102 52.28 1.23 -26.03
CA ALA F 102 51.92 2.41 -26.78
C ALA F 102 51.73 3.62 -25.88
N ILE F 103 51.15 3.43 -24.70
CA ILE F 103 50.78 4.53 -23.84
C ILE F 103 51.81 4.79 -22.73
N THR F 104 52.84 3.97 -22.62
CA THR F 104 53.89 4.20 -21.63
C THR F 104 55.28 4.34 -22.22
N GLN F 105 55.56 3.67 -23.33
CA GLN F 105 56.91 3.55 -23.90
C GLN F 105 57.85 2.82 -22.96
N LYS F 106 57.33 1.97 -22.10
CA LYS F 106 58.14 1.14 -21.24
C LYS F 106 57.89 -0.32 -21.56
N ARG F 107 58.98 -1.09 -21.65
CA ARG F 107 58.96 -2.45 -22.14
C ARG F 107 58.97 -3.51 -21.03
N THR F 108 59.57 -3.24 -19.88
CA THR F 108 59.73 -4.26 -18.85
C THR F 108 58.78 -3.99 -17.69
N TRP F 109 57.99 -4.99 -17.33
CA TRP F 109 56.96 -4.87 -16.31
C TRP F 109 56.95 -6.13 -15.47
N SER F 110 56.47 -5.99 -14.22
CA SER F 110 56.29 -7.19 -13.42
C SER F 110 55.06 -7.96 -13.88
N VAL F 111 55.00 -9.23 -13.50
CA VAL F 111 53.84 -10.08 -13.79
C VAL F 111 52.57 -9.42 -13.25
N ARG F 112 52.62 -8.96 -11.99
CA ARG F 112 51.46 -8.29 -11.40
C ARG F 112 50.98 -7.14 -12.25
N ASP F 113 51.90 -6.31 -12.75
CA ASP F 113 51.49 -5.13 -13.52
C ASP F 113 50.99 -5.50 -14.92
N LEU F 114 51.51 -6.58 -15.52
CA LEU F 114 50.97 -7.04 -16.78
C LEU F 114 49.60 -7.65 -16.60
N TYR F 115 49.42 -8.39 -15.51
CA TYR F 115 48.11 -8.93 -15.16
C TYR F 115 47.08 -7.82 -14.99
N SER F 116 47.47 -6.72 -14.35
CA SER F 116 46.54 -5.60 -14.16
C SER F 116 46.24 -4.91 -15.48
N ALA F 117 47.25 -4.78 -16.35
CA ALA F 117 47.02 -4.10 -17.63
C ALA F 117 46.13 -4.95 -18.52
N MET F 118 46.32 -6.26 -18.50
CA MET F 118 45.46 -7.17 -19.24
C MET F 118 44.02 -7.02 -18.83
N LEU F 119 43.74 -6.98 -17.52
CA LEU F 119 42.36 -7.00 -17.04
C LEU F 119 41.70 -5.63 -17.02
N THR F 120 42.46 -4.55 -16.90
CA THR F 120 41.86 -3.22 -16.83
C THR F 120 41.69 -2.57 -18.20
N MET F 121 42.79 -2.31 -18.90
CA MET F 121 42.74 -1.63 -20.19
C MET F 121 42.67 -2.61 -21.37
N SER F 122 42.70 -3.91 -21.09
CA SER F 122 42.68 -4.94 -22.13
C SER F 122 43.94 -4.85 -23.00
N ALA F 123 45.10 -4.65 -22.36
CA ALA F 123 46.38 -4.58 -23.05
C ALA F 123 46.70 -5.88 -23.76
N ASN F 124 46.72 -5.87 -25.08
CA ASN F 124 46.91 -7.11 -25.82
C ASN F 124 48.34 -7.62 -25.71
N ASP F 125 49.32 -6.70 -25.66
CA ASP F 125 50.70 -7.12 -25.56
C ASP F 125 50.99 -7.70 -24.18
N ALA F 126 50.35 -7.17 -23.15
CA ALA F 126 50.48 -7.72 -21.80
C ALA F 126 49.99 -9.17 -21.75
N ALA F 127 48.83 -9.42 -22.34
CA ALA F 127 48.28 -10.77 -22.36
C ALA F 127 49.23 -11.74 -23.05
N GLU F 128 49.75 -11.38 -24.22
CA GLU F 128 50.62 -12.29 -24.94
C GLU F 128 51.95 -12.50 -24.21
N THR F 129 52.41 -11.50 -23.49
CA THR F 129 53.65 -11.66 -22.73
C THR F 129 53.46 -12.65 -21.60
N LEU F 130 52.32 -12.58 -20.92
CA LEU F 130 52.03 -13.55 -19.86
C LEU F 130 51.89 -14.95 -20.44
N GLY F 131 51.17 -15.09 -21.55
CA GLY F 131 51.02 -16.40 -22.16
C GLY F 131 52.35 -17.01 -22.55
N ASP F 132 53.27 -16.19 -23.06
CA ASP F 132 54.59 -16.68 -23.45
C ASP F 132 55.39 -17.17 -22.24
N ARG F 133 55.29 -16.46 -21.10
CA ARG F 133 55.96 -16.91 -19.89
C ARG F 133 55.41 -18.25 -19.41
N LEU F 134 54.10 -18.43 -19.51
CA LEU F 134 53.45 -19.63 -19.00
C LEU F 134 53.71 -20.84 -19.89
N ASP F 135 53.65 -20.65 -21.20
CA ASP F 135 54.00 -21.71 -22.15
C ASP F 135 54.57 -21.05 -23.40
N GLY F 136 55.88 -21.14 -23.59
CA GLY F 136 56.50 -20.50 -24.74
C GLY F 136 56.17 -21.13 -26.07
N ALA F 137 55.78 -22.41 -26.07
CA ALA F 137 55.53 -23.10 -27.33
C ALA F 137 54.07 -23.04 -27.76
N ASP F 138 53.15 -23.44 -26.87
CA ASP F 138 51.74 -23.57 -27.26
C ASP F 138 50.85 -23.18 -26.08
N PHE F 139 50.74 -21.88 -25.84
CA PHE F 139 49.83 -21.40 -24.80
C PHE F 139 48.37 -21.64 -25.15
N PRO F 140 47.93 -21.48 -26.41
CA PRO F 140 46.52 -21.82 -26.71
C PRO F 140 46.15 -23.25 -26.38
N LYS F 141 47.05 -24.22 -26.57
CA LYS F 141 46.73 -25.59 -26.16
C LYS F 141 46.54 -25.68 -24.66
N GLU F 142 47.30 -24.88 -23.89
CA GLU F 142 47.12 -24.82 -22.45
C GLU F 142 45.77 -24.21 -22.08
N MET F 143 45.33 -23.19 -22.83
CA MET F 143 44.03 -22.58 -22.59
C MET F 143 42.89 -23.55 -22.84
N ASN F 144 42.99 -24.36 -23.89
CA ASN F 144 41.92 -25.27 -24.25
C ASN F 144 41.92 -26.53 -23.39
N ASN F 145 43.08 -26.93 -22.87
CA ASN F 145 43.09 -27.98 -21.86
C ASN F 145 42.36 -27.53 -20.60
N GLN F 146 42.56 -26.29 -20.18
CA GLN F 146 41.90 -25.80 -18.98
C GLN F 146 40.41 -25.59 -19.21
N ALA F 147 40.03 -25.14 -20.41
CA ALA F 147 38.62 -25.05 -20.75
C ALA F 147 37.92 -26.39 -20.54
N LYS F 148 38.55 -27.48 -20.99
CA LYS F 148 38.04 -28.82 -20.71
C LYS F 148 37.90 -29.06 -19.21
N LYS F 149 39.00 -28.89 -18.46
CA LYS F 149 38.99 -29.13 -17.03
C LYS F 149 37.94 -28.29 -16.32
N LEU F 150 37.63 -27.12 -16.86
CA LEU F 150 36.64 -26.26 -16.22
C LEU F 150 35.22 -26.64 -16.57
N GLY F 151 35.01 -27.66 -17.40
CA GLY F 151 33.67 -28.05 -17.77
C GLY F 151 33.06 -27.31 -18.94
N MET F 152 33.83 -26.50 -19.65
CA MET F 152 33.31 -25.87 -20.85
C MET F 152 33.12 -26.90 -21.96
N SER F 153 32.21 -26.60 -22.89
CA SER F 153 31.81 -27.52 -23.94
C SER F 153 32.79 -27.52 -25.11
N SER F 154 32.56 -28.43 -26.05
CA SER F 154 33.38 -28.52 -27.26
C SER F 154 33.19 -27.32 -28.17
N LYS F 155 32.19 -26.48 -27.92
CA LYS F 155 31.99 -25.26 -28.70
C LYS F 155 32.98 -24.15 -28.34
N THR F 156 33.75 -24.30 -27.27
CA THR F 156 34.70 -23.28 -26.86
C THR F 156 36.08 -23.54 -27.48
N THR F 157 36.66 -22.52 -28.11
CA THR F 157 37.99 -22.62 -28.70
C THR F 157 38.74 -21.31 -28.51
N PHE F 158 39.83 -21.34 -27.76
CA PHE F 158 40.71 -20.18 -27.67
C PHE F 158 41.82 -20.30 -28.71
N VAL F 159 42.32 -19.17 -29.19
CA VAL F 159 43.40 -19.16 -30.17
C VAL F 159 44.62 -18.39 -29.70
N SER F 160 44.53 -17.57 -28.65
CA SER F 160 45.63 -16.71 -28.22
C SER F 160 45.34 -16.21 -26.81
N ALA F 161 46.40 -15.73 -26.15
CA ALA F 161 46.30 -15.23 -24.79
C ALA F 161 45.44 -13.97 -24.72
N SER F 162 45.51 -13.12 -25.75
CA SER F 162 44.81 -11.86 -25.80
C SER F 162 43.41 -11.96 -26.39
N GLY F 163 43.12 -13.01 -27.13
CA GLY F 163 41.89 -13.09 -27.90
C GLY F 163 42.00 -12.59 -29.33
N LEU F 164 43.15 -12.02 -29.71
CA LEU F 164 43.37 -11.63 -31.10
C LEU F 164 43.35 -12.84 -32.01
N ASP F 165 42.80 -12.68 -33.21
CA ASP F 165 42.81 -13.75 -34.20
C ASP F 165 44.23 -14.23 -34.46
N VAL F 166 44.38 -15.52 -34.73
CA VAL F 166 45.66 -16.14 -35.07
C VAL F 166 45.46 -17.00 -36.32
N ASP F 167 46.22 -16.73 -37.38
CA ASP F 167 46.14 -17.46 -38.65
C ASP F 167 44.74 -17.40 -39.26
N GLY F 168 44.07 -16.26 -39.10
CA GLY F 168 42.73 -16.10 -39.62
C GLY F 168 41.64 -16.79 -38.82
N LYS F 169 41.96 -17.38 -37.67
CA LYS F 169 40.97 -18.07 -36.86
C LYS F 169 40.67 -17.26 -35.61
N SER F 170 39.44 -17.39 -35.11
CA SER F 170 38.96 -16.54 -34.03
C SER F 170 38.63 -17.37 -32.79
N ALA F 171 38.76 -16.73 -31.62
CA ALA F 171 38.29 -17.34 -30.39
C ALA F 171 36.77 -17.32 -30.34
N VAL F 172 36.16 -18.46 -30.00
CA VAL F 172 34.71 -18.61 -29.94
C VAL F 172 34.31 -19.35 -28.67
N SER F 173 33.06 -19.12 -28.26
CA SER F 173 32.48 -19.78 -27.10
C SER F 173 30.97 -19.60 -27.14
N THR F 174 30.31 -19.88 -26.01
CA THR F 174 28.89 -19.62 -25.82
C THR F 174 28.71 -18.88 -24.51
N THR F 175 27.55 -18.25 -24.34
CA THR F 175 27.27 -17.60 -23.06
C THR F 175 27.25 -18.64 -21.94
N LYS F 176 26.72 -19.83 -22.22
CA LYS F 176 26.75 -20.90 -21.24
C LYS F 176 28.18 -21.23 -20.84
N ASP F 177 29.07 -21.41 -21.83
CA ASP F 177 30.45 -21.75 -21.51
C ASP F 177 31.14 -20.59 -20.80
N LEU F 178 30.84 -19.37 -21.21
CA LEU F 178 31.49 -18.21 -20.59
C LEU F 178 31.07 -18.05 -19.13
N PHE F 179 29.83 -18.42 -18.80
CA PHE F 179 29.43 -18.41 -17.39
C PHE F 179 30.23 -19.42 -16.58
N LEU F 180 30.44 -20.63 -17.12
CA LEU F 180 31.20 -21.64 -16.38
C LEU F 180 32.60 -21.13 -16.06
N LEU F 181 33.25 -20.51 -17.05
CA LEU F 181 34.58 -19.96 -16.83
C LEU F 181 34.54 -18.79 -15.84
N SER F 182 33.58 -17.89 -15.99
CA SER F 182 33.52 -16.74 -15.08
C SER F 182 33.24 -17.18 -13.65
N SER F 183 32.28 -18.08 -13.46
CA SER F 183 31.92 -18.51 -12.11
C SER F 183 33.09 -19.20 -11.43
N LYS F 184 33.79 -20.07 -12.17
CA LYS F 184 34.90 -20.83 -11.59
C LYS F 184 36.12 -19.95 -11.34
N LEU F 185 36.36 -18.96 -12.19
CA LEU F 185 37.43 -18.02 -11.93
C LEU F 185 37.16 -17.23 -10.66
N ILE F 186 35.93 -16.79 -10.47
CA ILE F 186 35.60 -15.96 -9.31
C ILE F 186 35.59 -16.79 -8.02
N SER F 187 35.10 -18.03 -8.10
CA SER F 187 35.06 -18.83 -6.89
C SER F 187 36.41 -19.44 -6.57
N THR F 188 37.26 -19.66 -7.58
CA THR F 188 38.60 -20.15 -7.31
C THR F 188 39.54 -19.04 -6.89
N HIS F 189 39.43 -17.86 -7.52
CA HIS F 189 40.36 -16.75 -7.28
C HIS F 189 39.57 -15.48 -7.05
N PRO F 190 38.89 -15.37 -5.91
CA PRO F 190 38.04 -14.20 -5.66
C PRO F 190 38.80 -12.89 -5.65
N GLU F 191 40.11 -12.92 -5.45
CA GLU F 191 40.91 -11.70 -5.49
C GLU F 191 40.93 -11.08 -6.88
N VAL F 192 40.59 -11.82 -7.92
CA VAL F 192 40.50 -11.23 -9.26
C VAL F 192 39.61 -10.00 -9.22
N LEU F 193 38.56 -10.04 -8.40
CA LEU F 193 37.62 -8.94 -8.32
C LEU F 193 38.24 -7.70 -7.70
N GLU F 194 39.38 -7.84 -7.01
CA GLU F 194 40.12 -6.69 -6.50
C GLU F 194 40.76 -5.89 -7.61
N THR F 195 41.02 -6.50 -8.77
CA THR F 195 41.55 -5.78 -9.90
C THR F 195 40.46 -5.29 -10.85
N THR F 196 39.41 -6.11 -11.08
CA THR F 196 38.38 -5.76 -12.05
C THR F 196 37.33 -4.78 -11.51
N SER F 197 37.34 -4.47 -10.21
CA SER F 197 36.34 -3.55 -9.65
C SER F 197 36.80 -2.11 -9.59
N LYS F 198 38.04 -1.81 -10.01
CA LYS F 198 38.59 -0.47 -9.87
C LYS F 198 38.47 0.30 -11.17
N PRO F 199 37.84 1.48 -11.17
CA PRO F 199 37.86 2.28 -12.39
C PRO F 199 39.27 2.65 -12.84
N THR F 200 40.22 2.73 -11.91
CA THR F 200 41.61 3.04 -12.23
C THR F 200 42.49 2.17 -11.36
N VAL F 201 43.50 1.54 -11.96
CA VAL F 201 44.47 0.71 -11.24
C VAL F 201 45.84 1.36 -11.38
N THR F 202 46.52 1.57 -10.26
CA THR F 202 47.87 2.09 -10.24
C THR F 202 48.83 0.91 -10.17
N THR F 203 49.69 0.78 -11.18
CA THR F 203 50.64 -0.31 -11.22
C THR F 203 51.71 -0.13 -10.14
N ASP F 204 52.45 -1.20 -9.86
CA ASP F 204 53.58 -1.08 -8.93
C ASP F 204 54.53 0.04 -9.36
N LYS F 205 54.67 0.27 -10.67
CA LYS F 205 55.58 1.28 -11.19
C LYS F 205 54.97 2.68 -11.22
N GLY F 206 53.71 2.85 -10.84
CA GLY F 206 53.11 4.16 -10.70
C GLY F 206 52.22 4.60 -11.85
N ALA F 207 52.25 3.89 -12.99
CA ALA F 207 51.38 4.24 -14.11
C ALA F 207 49.94 3.86 -13.79
N LYS F 208 48.99 4.70 -14.26
CA LYS F 208 47.58 4.56 -13.90
C LYS F 208 46.79 4.07 -15.11
N LEU F 209 46.23 2.86 -14.99
CA LEU F 209 45.50 2.20 -16.06
C LEU F 209 44.00 2.38 -15.84
N GLU F 210 43.28 2.77 -16.90
CA GLU F 210 41.86 3.03 -16.80
C GLU F 210 41.08 1.83 -17.31
N SER F 211 40.05 1.43 -16.56
CA SER F 211 39.25 0.28 -16.94
C SER F 211 38.42 0.59 -18.18
N THR F 212 38.15 -0.44 -18.96
CA THR F 212 37.20 -0.36 -20.06
C THR F 212 35.78 -0.62 -19.60
N ASN F 213 35.58 -1.01 -18.33
CA ASN F 213 34.24 -1.27 -17.80
C ASN F 213 33.67 0.06 -17.33
N ASP F 214 32.94 0.73 -18.24
CA ASP F 214 32.34 2.03 -17.95
C ASP F 214 31.14 1.94 -17.04
N LEU F 215 30.69 0.74 -16.66
CA LEU F 215 29.61 0.65 -15.69
C LEU F 215 30.08 0.76 -14.25
N LEU F 216 31.39 0.66 -14.00
CA LEU F 216 31.88 0.69 -12.63
C LEU F 216 31.49 1.98 -11.95
N GLY F 217 30.86 1.85 -10.78
CA GLY F 217 30.40 3.02 -10.06
C GLY F 217 28.96 3.40 -10.34
N SER F 218 28.29 2.72 -11.27
CA SER F 218 26.91 3.06 -11.61
C SER F 218 25.90 1.96 -11.32
N ILE F 219 26.31 0.72 -11.12
CA ILE F 219 25.42 -0.34 -10.67
C ILE F 219 25.87 -0.79 -9.29
N GLN F 220 24.97 -0.77 -8.34
CA GLN F 220 25.29 -1.15 -6.97
C GLN F 220 25.75 -2.61 -6.92
N GLY F 221 26.94 -2.83 -6.39
CA GLY F 221 27.48 -4.16 -6.27
C GLY F 221 28.31 -4.65 -7.45
N LEU F 222 28.33 -3.92 -8.56
CA LEU F 222 29.07 -4.37 -9.74
C LEU F 222 30.57 -4.31 -9.49
N ASP F 223 31.26 -5.46 -9.71
CA ASP F 223 32.70 -5.51 -9.52
C ASP F 223 33.45 -6.24 -10.64
N GLY F 224 32.87 -6.36 -11.83
CA GLY F 224 33.51 -7.10 -12.90
C GLY F 224 32.66 -7.05 -14.15
N LEU F 225 33.17 -7.63 -15.24
CA LEU F 225 34.38 -8.44 -15.25
C LEU F 225 35.31 -8.15 -16.44
N LYS F 226 34.81 -8.20 -17.67
CA LYS F 226 35.72 -8.04 -18.81
C LYS F 226 34.95 -7.63 -20.07
N THR F 227 35.54 -6.72 -20.83
CA THR F 227 34.99 -6.28 -22.11
C THR F 227 35.70 -6.98 -23.26
N GLY F 228 35.11 -6.86 -24.45
CA GLY F 228 35.75 -7.34 -25.65
C GLY F 228 35.14 -6.67 -26.85
N PHE F 229 35.95 -6.47 -27.89
CA PHE F 229 35.44 -5.98 -29.17
C PHE F 229 36.36 -6.44 -30.31
N THR F 230 35.75 -6.99 -31.36
CA THR F 230 36.31 -7.05 -32.70
C THR F 230 35.18 -6.78 -33.69
N ASP F 231 35.54 -6.50 -34.95
CA ASP F 231 34.51 -6.29 -35.96
C ASP F 231 33.59 -7.50 -36.06
N GLU F 232 34.15 -8.71 -35.97
CA GLU F 232 33.35 -9.92 -36.06
C GLU F 232 32.56 -10.17 -34.79
N ALA F 233 33.14 -9.87 -33.63
CA ALA F 233 32.49 -10.19 -32.36
C ALA F 233 31.55 -9.11 -31.88
N GLY F 234 31.60 -7.91 -32.46
CA GLY F 234 30.82 -6.81 -31.98
C GLY F 234 31.29 -6.43 -30.58
N TYR F 235 30.44 -5.68 -29.88
CA TYR F 235 30.77 -5.24 -28.53
C TYR F 235 30.25 -6.24 -27.49
N CYS F 236 31.14 -6.68 -26.60
CA CYS F 236 30.86 -7.75 -25.65
C CYS F 236 31.26 -7.33 -24.23
N PHE F 237 30.63 -7.93 -23.23
CA PHE F 237 30.93 -7.64 -21.83
C PHE F 237 30.41 -8.76 -20.94
N ILE F 238 31.29 -9.31 -20.11
CA ILE F 238 30.88 -10.17 -19.00
C ILE F 238 30.85 -9.30 -17.75
N GLY F 239 29.69 -9.23 -17.11
CA GLY F 239 29.50 -8.43 -15.91
C GLY F 239 29.27 -9.30 -14.69
N THR F 240 29.62 -8.79 -13.52
CA THR F 240 29.28 -9.51 -12.30
C THR F 240 29.00 -8.50 -11.20
N ALA F 241 28.07 -8.85 -10.33
CA ALA F 241 27.64 -7.97 -9.25
C ALA F 241 27.15 -8.85 -8.12
N GLU F 242 27.31 -8.37 -6.90
CA GLU F 242 26.83 -9.09 -5.72
C GLU F 242 26.14 -8.13 -4.77
N ARG F 243 24.94 -8.51 -4.33
CA ARG F 243 24.19 -7.74 -3.36
C ARG F 243 23.58 -8.70 -2.36
N GLY F 244 23.85 -8.47 -1.08
CA GLY F 244 23.22 -9.24 -0.02
C GLY F 244 23.45 -10.73 -0.14
N GLY F 245 24.68 -11.13 -0.45
CA GLY F 245 25.00 -12.54 -0.55
C GLY F 245 24.51 -13.23 -1.81
N LYS F 246 24.04 -12.47 -2.80
CA LYS F 246 23.60 -13.02 -4.07
C LYS F 246 24.49 -12.43 -5.15
N ARG F 247 25.15 -13.30 -5.92
CA ARG F 247 26.00 -12.89 -7.02
C ARG F 247 25.34 -13.33 -8.32
N VAL F 248 25.31 -12.43 -9.32
CA VAL F 248 24.87 -12.82 -10.65
C VAL F 248 26.00 -12.55 -11.63
N ILE F 249 25.97 -13.25 -12.75
CA ILE F 249 26.90 -13.03 -13.85
C ILE F 249 26.11 -12.87 -15.13
N SER F 250 26.37 -11.78 -15.85
CA SER F 250 25.70 -11.47 -17.10
C SER F 250 26.70 -11.62 -18.23
N ILE F 251 26.20 -12.08 -19.38
CA ILE F 251 27.01 -12.22 -20.60
C ILE F 251 26.30 -11.45 -21.71
N VAL F 252 27.03 -10.56 -22.39
CA VAL F 252 26.53 -9.83 -23.54
C VAL F 252 27.52 -10.04 -24.68
N LEU F 253 27.04 -10.52 -25.83
CA LEU F 253 27.91 -10.77 -26.99
C LEU F 253 27.33 -10.12 -28.22
N ASP F 254 28.17 -9.35 -28.94
CA ASP F 254 27.81 -8.73 -30.22
C ASP F 254 26.71 -7.67 -30.08
N ALA F 255 26.91 -6.75 -29.13
CA ALA F 255 26.08 -5.55 -29.08
C ALA F 255 26.54 -4.56 -30.14
N GLY F 256 25.68 -3.58 -30.41
CA GLY F 256 25.90 -2.70 -31.55
C GLY F 256 26.93 -1.62 -31.33
N THR F 257 27.03 -1.07 -30.13
CA THR F 257 28.02 -0.03 -29.85
C THR F 257 28.69 -0.31 -28.52
N ALA F 258 29.75 0.45 -28.24
CA ALA F 258 30.45 0.31 -26.98
C ALA F 258 29.56 0.68 -25.80
N GLU F 259 28.56 1.53 -26.01
CA GLU F 259 27.64 1.87 -24.94
C GLU F 259 26.53 0.85 -24.80
N LYS F 260 26.03 0.34 -25.94
CA LYS F 260 24.90 -0.58 -25.90
C LYS F 260 25.19 -1.86 -25.15
N ARG F 261 26.46 -2.32 -25.14
CA ARG F 261 26.76 -3.52 -24.36
C ARG F 261 26.50 -3.29 -22.88
N PHE F 262 26.72 -2.06 -22.40
CA PHE F 262 26.50 -1.72 -21.00
C PHE F 262 25.03 -1.45 -20.71
N LYS F 263 24.31 -0.82 -21.65
CA LYS F 263 22.86 -0.70 -21.52
C LYS F 263 22.17 -2.06 -21.43
N ASP F 264 22.60 -3.01 -22.28
CA ASP F 264 22.08 -4.38 -22.16
C ASP F 264 22.39 -4.96 -20.78
N THR F 265 23.60 -4.72 -20.28
CA THR F 265 24.00 -5.25 -18.98
C THR F 265 23.13 -4.68 -17.85
N GLU F 266 22.73 -3.40 -17.95
CA GLU F 266 21.85 -2.84 -16.94
C GLU F 266 20.51 -3.55 -16.91
N LYS F 267 19.98 -3.91 -18.09
CA LYS F 267 18.73 -4.65 -18.17
C LYS F 267 18.88 -6.03 -17.55
N LEU F 268 19.96 -6.73 -17.89
CA LEU F 268 20.19 -8.07 -17.37
C LEU F 268 20.45 -8.05 -15.87
N MET F 269 21.16 -7.05 -15.37
CA MET F 269 21.40 -6.95 -13.93
C MET F 269 20.10 -6.69 -13.18
N GLU F 270 19.23 -5.84 -13.73
CA GLU F 270 17.93 -5.66 -13.12
C GLU F 270 17.14 -6.97 -13.07
N VAL F 271 17.23 -7.77 -14.13
CA VAL F 271 16.57 -9.08 -14.12
C VAL F 271 17.18 -9.97 -13.06
N GLY F 272 18.51 -9.97 -12.96
CA GLY F 272 19.19 -10.88 -12.05
C GLY F 272 18.92 -10.61 -10.58
N PHE F 273 18.66 -9.35 -10.22
CA PHE F 273 18.41 -9.00 -8.83
C PHE F 273 16.92 -8.79 -8.53
N LYS F 274 16.03 -9.23 -9.42
CA LYS F 274 14.60 -9.04 -9.20
C LYS F 274 14.10 -10.01 -8.14
N GLN G 28 36.63 25.17 -51.93
CA GLN G 28 35.59 24.20 -52.28
C GLN G 28 35.18 24.40 -53.74
N PRO G 29 34.56 23.37 -54.36
CA PRO G 29 34.18 23.49 -55.78
C PRO G 29 33.06 24.49 -56.02
N ASN G 30 32.59 24.57 -57.26
CA ASN G 30 31.63 25.58 -57.69
C ASN G 30 30.36 24.85 -58.15
N LEU G 31 29.38 24.74 -57.28
CA LEU G 31 28.17 23.99 -57.57
C LEU G 31 27.03 24.96 -57.83
N TYR G 32 26.10 24.52 -58.70
CA TYR G 32 24.90 25.28 -59.02
C TYR G 32 23.73 24.45 -58.52
N LEU G 33 23.36 24.69 -57.27
CA LEU G 33 22.38 23.85 -56.59
C LEU G 33 21.03 24.55 -56.55
N SER G 34 19.98 23.75 -56.47
CA SER G 34 18.64 24.30 -56.31
C SER G 34 18.43 24.85 -54.90
N ALA G 35 19.02 24.17 -53.92
CA ALA G 35 18.79 24.48 -52.51
C ALA G 35 19.27 25.89 -52.16
N ASN G 36 18.58 26.49 -51.18
CA ASN G 36 19.03 27.74 -50.57
C ASN G 36 20.22 27.52 -49.64
N ALA G 37 20.20 26.43 -48.87
CA ALA G 37 21.32 26.09 -48.01
C ALA G 37 21.67 24.62 -48.20
N ALA G 38 22.97 24.32 -48.23
CA ALA G 38 23.39 22.94 -48.48
C ALA G 38 24.81 22.76 -47.99
N ALA G 39 25.14 21.52 -47.64
CA ALA G 39 26.47 21.21 -47.18
C ALA G 39 26.68 19.71 -47.26
N VAL G 40 27.94 19.31 -47.27
CA VAL G 40 28.30 17.90 -47.18
C VAL G 40 29.58 17.82 -46.36
N TYR G 41 29.63 16.81 -45.48
CA TYR G 41 30.67 16.71 -44.47
C TYR G 41 31.16 15.28 -44.40
N SER G 42 32.42 15.11 -44.04
CA SER G 42 32.94 13.80 -43.69
C SER G 42 32.72 13.57 -42.20
N VAL G 43 32.31 12.36 -41.86
CA VAL G 43 32.07 12.00 -40.47
C VAL G 43 33.39 11.81 -39.73
N GLU G 44 34.43 11.34 -40.42
CA GLU G 44 35.68 10.95 -39.75
C GLU G 44 36.33 12.12 -39.03
N ASN G 45 36.11 13.35 -39.52
CA ASN G 45 36.63 14.53 -38.84
C ASN G 45 35.61 15.66 -38.74
N GLY G 46 34.35 15.43 -39.12
CA GLY G 46 33.38 16.50 -39.12
C GLY G 46 33.71 17.64 -40.06
N GLU G 47 34.56 17.39 -41.07
CA GLU G 47 35.11 18.46 -41.87
C GLU G 47 34.19 18.79 -43.04
N ALA G 48 33.94 20.08 -43.24
CA ALA G 48 33.08 20.54 -44.31
C ALA G 48 33.77 20.38 -45.67
N LEU G 49 33.13 19.67 -46.60
CA LEU G 49 33.67 19.55 -47.96
C LEU G 49 33.01 20.51 -48.94
N TYR G 50 31.79 20.92 -48.67
CA TYR G 50 31.12 21.98 -49.39
C TYR G 50 30.11 22.60 -48.44
N GLU G 51 30.00 23.92 -48.47
CA GLU G 51 29.07 24.62 -47.60
C GLU G 51 28.48 25.83 -48.31
N GLN G 52 27.18 26.02 -48.14
CA GLN G 52 26.47 27.16 -48.67
C GLN G 52 25.36 27.53 -47.70
N ASN G 53 25.45 28.74 -47.12
CA ASN G 53 24.51 29.19 -46.08
C ASN G 53 24.40 28.19 -44.94
N ALA G 54 25.53 27.57 -44.58
CA ALA G 54 25.55 26.52 -43.57
C ALA G 54 25.19 27.02 -42.17
N ASP G 55 25.20 28.32 -41.94
CA ASP G 55 24.79 28.87 -40.67
C ASP G 55 23.42 29.52 -40.70
N LYS G 56 22.82 29.64 -41.88
CA LYS G 56 21.52 30.29 -42.00
C LYS G 56 20.47 29.45 -41.29
N VAL G 57 19.62 30.10 -40.50
CA VAL G 57 18.53 29.44 -39.80
C VAL G 57 17.40 29.18 -40.79
N MET G 58 17.00 27.92 -40.92
CA MET G 58 16.02 27.48 -41.90
C MET G 58 14.93 26.64 -41.24
N PRO G 59 13.72 26.66 -41.78
CA PRO G 59 12.71 25.67 -41.36
C PRO G 59 13.12 24.28 -41.84
N ILE G 60 12.88 23.27 -41.00
CA ILE G 60 13.33 21.92 -41.29
C ILE G 60 12.21 20.89 -41.39
N ALA G 61 11.00 21.18 -40.92
CA ALA G 61 9.84 20.31 -41.11
C ALA G 61 10.08 18.87 -40.66
N SER G 62 9.92 17.91 -41.58
CA SER G 62 9.91 16.49 -41.23
C SER G 62 11.28 15.99 -40.82
N LEU G 63 12.35 16.74 -41.10
CA LEU G 63 13.66 16.37 -40.59
C LEU G 63 13.67 16.27 -39.06
N SER G 64 12.70 16.90 -38.40
CA SER G 64 12.53 16.76 -36.95
C SER G 64 12.38 15.32 -36.50
N LYS G 65 11.81 14.48 -37.37
CA LYS G 65 11.56 13.09 -37.03
C LYS G 65 12.84 12.30 -36.75
N LEU G 66 14.01 12.82 -37.15
CA LEU G 66 15.27 12.15 -36.81
C LEU G 66 15.59 12.30 -35.32
N MET G 67 15.29 13.46 -34.74
CA MET G 67 15.39 13.58 -33.28
C MET G 67 14.37 12.69 -32.59
N THR G 68 13.16 12.60 -33.14
CA THR G 68 12.18 11.71 -32.53
C THR G 68 12.66 10.27 -32.57
N ALA G 69 13.21 9.84 -33.69
CA ALA G 69 13.78 8.49 -33.75
C ALA G 69 14.90 8.34 -32.75
N PHE G 70 15.79 9.33 -32.65
CA PHE G 70 16.87 9.31 -31.67
C PHE G 70 16.33 9.03 -30.28
N LEU G 71 15.29 9.78 -29.87
CA LEU G 71 14.75 9.62 -28.53
C LEU G 71 13.95 8.33 -28.37
N VAL G 72 13.41 7.76 -29.46
CA VAL G 72 12.80 6.44 -29.37
C VAL G 72 13.87 5.39 -29.06
N LEU G 73 14.95 5.38 -29.83
CA LEU G 73 16.01 4.39 -29.64
C LEU G 73 16.67 4.55 -28.27
N GLU G 74 16.80 5.79 -27.79
CA GLU G 74 17.35 6.00 -26.45
C GLU G 74 16.44 5.37 -25.40
N ALA G 75 15.13 5.50 -25.55
CA ALA G 75 14.19 4.95 -24.58
C ALA G 75 14.19 3.44 -24.58
N VAL G 76 14.32 2.80 -25.74
CA VAL G 76 14.40 1.34 -25.76
C VAL G 76 15.67 0.89 -25.07
N ASP G 77 16.80 1.56 -25.34
CA ASP G 77 18.07 1.20 -24.74
C ASP G 77 18.07 1.44 -23.23
N ASN G 78 17.28 2.42 -22.76
CA ASN G 78 17.16 2.75 -21.36
C ASN G 78 16.12 1.92 -20.63
N ASN G 79 15.58 0.87 -21.27
CA ASN G 79 14.56 0.00 -20.71
C ASN G 79 13.25 0.75 -20.44
N GLU G 80 13.03 1.89 -21.09
CA GLU G 80 11.85 2.71 -20.85
C GLU G 80 10.76 2.52 -21.90
N LEU G 81 11.02 1.72 -22.94
CA LEU G 81 10.07 1.56 -24.02
C LEU G 81 10.27 0.19 -24.64
N SER G 82 9.17 -0.44 -25.03
CA SER G 82 9.19 -1.76 -25.67
C SER G 82 8.84 -1.63 -27.15
N TRP G 83 9.56 -2.38 -28.00
CA TRP G 83 9.28 -2.34 -29.43
C TRP G 83 7.90 -2.90 -29.74
N ASP G 84 7.39 -3.79 -28.90
CA ASP G 84 6.15 -4.49 -29.19
C ASP G 84 4.93 -3.87 -28.51
N GLU G 85 5.09 -2.75 -27.80
CA GLU G 85 3.94 -2.09 -27.20
C GLU G 85 3.05 -1.46 -28.28
N LYS G 86 1.74 -1.58 -28.11
CA LYS G 86 0.77 -1.06 -29.08
C LYS G 86 0.22 0.29 -28.62
N LEU G 87 0.17 1.24 -29.53
CA LEU G 87 -0.36 2.57 -29.25
C LEU G 87 -1.41 2.93 -30.30
N ASP G 88 -2.33 3.83 -29.94
CA ASP G 88 -3.32 4.31 -30.89
C ASP G 88 -2.81 5.56 -31.56
N LEU G 89 -2.86 5.58 -32.89
CA LEU G 89 -2.48 6.77 -33.65
C LEU G 89 -3.29 7.98 -33.20
N VAL G 90 -2.60 9.08 -32.90
CA VAL G 90 -3.30 10.32 -32.61
C VAL G 90 -3.92 10.86 -33.88
N ARG G 91 -5.07 11.50 -33.75
CA ARG G 91 -5.71 12.15 -34.87
C ARG G 91 -5.08 13.51 -35.10
N LEU G 92 -4.74 13.80 -36.35
CA LEU G 92 -4.14 15.08 -36.71
C LEU G 92 -5.24 16.09 -37.01
N ASP G 93 -4.98 17.35 -36.65
CA ASP G 93 -5.94 18.41 -36.93
C ASP G 93 -6.12 18.62 -38.43
N ASP G 94 -5.09 18.30 -39.23
CA ASP G 94 -4.99 18.64 -40.64
C ASP G 94 -5.27 17.43 -41.52
N PRO G 95 -6.00 17.61 -42.62
CA PRO G 95 -6.10 16.53 -43.61
C PRO G 95 -4.93 16.56 -44.59
N SER G 96 -4.38 17.75 -44.86
CA SER G 96 -3.21 17.89 -45.72
C SER G 96 -1.92 17.30 -45.09
N ALA G 97 -1.99 16.66 -43.94
CA ALA G 97 -0.82 16.03 -43.33
C ALA G 97 -0.80 14.56 -43.71
N VAL G 98 0.33 14.11 -44.25
CA VAL G 98 0.48 12.69 -44.56
C VAL G 98 0.38 11.90 -43.27
N SER G 99 -0.33 10.78 -43.32
CA SER G 99 -0.57 9.99 -42.13
C SER G 99 -0.62 8.51 -42.47
N LEU G 100 -0.28 7.70 -41.47
CA LEU G 100 -0.39 6.26 -41.60
C LEU G 100 -1.85 5.81 -41.54
N TYR G 101 -2.69 6.50 -40.77
CA TYR G 101 -4.09 6.08 -40.72
C TYR G 101 -4.77 6.25 -42.06
N ALA G 102 -4.39 7.27 -42.84
CA ALA G 102 -5.06 7.52 -44.11
C ALA G 102 -4.88 6.36 -45.08
N ILE G 103 -3.70 5.74 -45.10
CA ILE G 103 -3.40 4.74 -46.13
C ILE G 103 -3.65 3.32 -45.66
N THR G 104 -4.01 3.11 -44.38
CA THR G 104 -4.23 1.77 -43.85
C THR G 104 -5.57 1.57 -43.17
N GLN G 105 -6.22 2.62 -42.67
CA GLN G 105 -7.45 2.53 -41.87
C GLN G 105 -7.25 1.79 -40.55
N LYS G 106 -6.02 1.62 -40.10
CA LYS G 106 -5.74 0.95 -38.84
C LYS G 106 -5.25 1.96 -37.82
N ARG G 107 -5.79 1.87 -36.60
CA ARG G 107 -5.55 2.83 -35.53
C ARG G 107 -4.43 2.39 -34.60
N THR G 108 -4.22 1.09 -34.42
CA THR G 108 -3.37 0.60 -33.34
C THR G 108 -2.16 -0.11 -33.93
N TRP G 109 -0.97 0.38 -33.58
CA TRP G 109 0.27 -0.11 -34.13
C TRP G 109 1.30 -0.34 -33.03
N SER G 110 2.23 -1.26 -33.28
CA SER G 110 3.33 -1.43 -32.35
C SER G 110 4.28 -0.24 -32.45
N VAL G 111 5.11 -0.08 -31.42
CA VAL G 111 6.12 0.98 -31.45
C VAL G 111 7.08 0.75 -32.62
N ARG G 112 7.51 -0.50 -32.83
CA ARG G 112 8.38 -0.81 -33.96
C ARG G 112 7.79 -0.31 -35.28
N ASP G 113 6.49 -0.57 -35.50
CA ASP G 113 5.87 -0.19 -36.76
C ASP G 113 5.72 1.33 -36.89
N LEU G 114 5.39 2.02 -35.78
CA LEU G 114 5.27 3.46 -35.84
C LEU G 114 6.62 4.13 -36.08
N TYR G 115 7.67 3.59 -35.46
CA TYR G 115 9.03 4.02 -35.74
C TYR G 115 9.34 3.84 -37.23
N SER G 116 8.97 2.70 -37.80
CA SER G 116 9.19 2.46 -39.22
C SER G 116 8.44 3.44 -40.12
N ALA G 117 7.15 3.67 -39.84
CA ALA G 117 6.37 4.59 -40.68
C ALA G 117 6.89 6.02 -40.60
N MET G 118 7.45 6.38 -39.45
CA MET G 118 8.02 7.72 -39.31
C MET G 118 9.23 7.89 -40.21
N LEU G 119 10.11 6.90 -40.27
CA LEU G 119 11.36 7.02 -41.01
C LEU G 119 11.21 6.74 -42.51
N THR G 120 10.28 5.87 -42.91
CA THR G 120 10.11 5.56 -44.34
C THR G 120 9.20 6.57 -45.03
N MET G 121 7.91 6.54 -44.71
CA MET G 121 6.90 7.34 -45.41
C MET G 121 6.66 8.69 -44.76
N SER G 122 7.36 9.02 -43.67
CA SER G 122 7.22 10.30 -42.99
C SER G 122 5.78 10.53 -42.48
N ALA G 123 5.23 9.52 -41.81
CA ALA G 123 3.89 9.63 -41.27
C ALA G 123 3.88 10.56 -40.05
N ASN G 124 3.16 11.67 -40.15
CA ASN G 124 3.15 12.65 -39.06
C ASN G 124 2.38 12.15 -37.84
N ASP G 125 1.35 11.32 -38.04
CA ASP G 125 0.59 10.84 -36.89
C ASP G 125 1.38 9.82 -36.09
N ALA G 126 2.22 9.03 -36.75
CA ALA G 126 3.09 8.10 -36.05
C ALA G 126 4.12 8.84 -35.20
N ALA G 127 4.72 9.89 -35.75
CA ALA G 127 5.69 10.66 -34.99
C ALA G 127 5.08 11.27 -33.74
N GLU G 128 3.88 11.86 -33.87
CA GLU G 128 3.20 12.45 -32.72
C GLU G 128 2.77 11.40 -31.69
N THR G 129 2.39 10.21 -32.16
CA THR G 129 2.05 9.12 -31.24
C THR G 129 3.27 8.71 -30.41
N LEU G 130 4.45 8.64 -31.05
CA LEU G 130 5.66 8.25 -30.33
C LEU G 130 6.08 9.30 -29.32
N GLY G 131 6.07 10.57 -29.73
CA GLY G 131 6.39 11.64 -28.78
C GLY G 131 5.44 11.67 -27.59
N ASP G 132 4.15 11.46 -27.83
CA ASP G 132 3.17 11.42 -26.74
C ASP G 132 3.48 10.30 -25.76
N ARG G 133 3.85 9.13 -26.28
CA ARG G 133 4.17 8.01 -25.41
C ARG G 133 5.43 8.30 -24.61
N LEU G 134 6.39 9.00 -25.21
CA LEU G 134 7.68 9.21 -24.58
C LEU G 134 7.59 10.23 -23.45
N ASP G 135 6.97 11.39 -23.70
CA ASP G 135 6.98 12.46 -22.72
C ASP G 135 5.67 13.21 -22.64
N GLY G 136 4.62 12.78 -23.34
CA GLY G 136 3.35 13.51 -23.29
C GLY G 136 3.50 14.92 -23.81
N ALA G 137 2.96 15.88 -23.06
CA ALA G 137 3.04 17.26 -23.54
C ALA G 137 4.42 17.87 -23.38
N ASP G 138 5.37 17.13 -22.79
CA ASP G 138 6.71 17.62 -22.53
C ASP G 138 7.73 17.12 -23.56
N PHE G 139 7.29 16.51 -24.66
CA PHE G 139 8.26 16.04 -25.64
C PHE G 139 9.13 17.13 -26.24
N PRO G 140 8.63 18.32 -26.61
CA PRO G 140 9.55 19.32 -27.18
C PRO G 140 10.71 19.67 -26.26
N LYS G 141 10.51 19.66 -24.95
CA LYS G 141 11.62 19.95 -24.05
C LYS G 141 12.69 18.87 -24.13
N GLU G 142 12.27 17.61 -24.22
CA GLU G 142 13.25 16.54 -24.35
C GLU G 142 13.91 16.56 -25.71
N MET G 143 13.21 17.01 -26.75
CA MET G 143 13.84 17.16 -28.07
C MET G 143 14.94 18.21 -28.01
N ASN G 144 14.66 19.34 -27.35
CA ASN G 144 15.62 20.44 -27.31
C ASN G 144 16.73 20.22 -26.29
N ASN G 145 16.45 19.43 -25.25
CA ASN G 145 17.48 18.97 -24.33
C ASN G 145 18.51 18.09 -25.05
N GLN G 146 18.02 17.16 -25.87
CA GLN G 146 18.91 16.30 -26.64
C GLN G 146 19.64 17.07 -27.73
N ALA G 147 19.01 18.10 -28.31
CA ALA G 147 19.72 18.93 -29.28
C ALA G 147 20.96 19.55 -28.63
N LYS G 148 20.77 20.18 -27.48
CA LYS G 148 21.89 20.70 -26.69
C LYS G 148 22.93 19.62 -26.42
N LYS G 149 22.48 18.47 -25.89
CA LYS G 149 23.39 17.40 -25.54
C LYS G 149 24.21 16.93 -26.74
N LEU G 150 23.65 17.05 -27.94
CA LEU G 150 24.32 16.55 -29.13
C LEU G 150 25.19 17.60 -29.79
N GLY G 151 25.36 18.76 -29.18
CA GLY G 151 26.23 19.76 -29.73
C GLY G 151 25.58 20.75 -30.67
N MET G 152 24.26 20.68 -30.85
CA MET G 152 23.56 21.64 -31.70
C MET G 152 23.54 23.02 -31.06
N SER G 153 23.63 24.04 -31.91
CA SER G 153 23.64 25.43 -31.47
C SER G 153 22.26 25.87 -30.99
N SER G 154 22.22 27.04 -30.37
CA SER G 154 20.95 27.57 -29.88
C SER G 154 20.06 28.09 -31.01
N LYS G 155 20.54 28.09 -32.25
CA LYS G 155 19.69 28.45 -33.37
C LYS G 155 18.74 27.32 -33.77
N THR G 156 18.93 26.14 -33.20
CA THR G 156 18.02 25.02 -33.42
C THR G 156 16.90 25.04 -32.39
N THR G 157 15.66 24.88 -32.86
CA THR G 157 14.52 24.73 -31.95
C THR G 157 13.52 23.78 -32.57
N PHE G 158 13.24 22.67 -31.88
CA PHE G 158 12.18 21.75 -32.24
C PHE G 158 10.89 22.15 -31.52
N VAL G 159 9.76 21.91 -32.19
CA VAL G 159 8.46 22.25 -31.63
C VAL G 159 7.53 21.06 -31.54
N SER G 160 7.82 19.95 -32.20
CA SER G 160 6.89 18.84 -32.25
C SER G 160 7.62 17.60 -32.75
N ALA G 161 7.08 16.44 -32.40
CA ALA G 161 7.71 15.19 -32.79
C ALA G 161 7.73 15.00 -34.31
N SER G 162 6.74 15.52 -35.01
CA SER G 162 6.62 15.36 -36.46
C SER G 162 7.27 16.49 -37.25
N GLY G 163 7.46 17.65 -36.62
CA GLY G 163 7.90 18.82 -37.33
C GLY G 163 6.78 19.73 -37.76
N LEU G 164 5.52 19.31 -37.57
CA LEU G 164 4.41 20.19 -37.87
C LEU G 164 4.45 21.41 -36.95
N ASP G 165 3.99 22.54 -37.49
CA ASP G 165 3.89 23.76 -36.70
C ASP G 165 2.98 23.55 -35.51
N VAL G 166 3.25 24.29 -34.44
CA VAL G 166 2.49 24.24 -33.20
C VAL G 166 2.32 25.66 -32.71
N ASP G 167 1.06 26.11 -32.58
CA ASP G 167 0.78 27.46 -32.09
C ASP G 167 1.51 28.50 -32.92
N GLY G 168 1.69 28.21 -34.20
CA GLY G 168 2.32 29.12 -35.12
C GLY G 168 3.83 29.16 -35.07
N LYS G 169 4.48 28.35 -34.24
CA LYS G 169 5.92 28.29 -34.25
C LYS G 169 6.38 27.09 -35.08
N SER G 170 7.52 27.24 -35.73
CA SER G 170 8.04 26.26 -36.67
C SER G 170 9.37 25.73 -36.19
N ALA G 171 9.64 24.47 -36.51
CA ALA G 171 10.94 23.86 -36.23
C ALA G 171 12.01 24.43 -37.15
N VAL G 172 13.12 24.89 -36.57
CA VAL G 172 14.19 25.49 -37.34
C VAL G 172 15.55 24.94 -36.89
N SER G 173 16.53 25.07 -37.78
CA SER G 173 17.90 24.61 -37.52
C SER G 173 18.80 25.23 -38.60
N THR G 174 20.04 24.79 -38.64
CA THR G 174 21.00 25.13 -39.69
C THR G 174 21.59 23.85 -40.24
N THR G 175 22.25 23.93 -41.41
CA THR G 175 22.80 22.69 -41.96
C THR G 175 23.95 22.18 -41.09
N LYS G 176 24.71 23.07 -40.46
CA LYS G 176 25.75 22.62 -39.53
C LYS G 176 25.13 21.87 -38.36
N ASP G 177 24.06 22.42 -37.78
CA ASP G 177 23.42 21.77 -36.64
C ASP G 177 22.83 20.42 -37.03
N LEU G 178 22.20 20.34 -38.21
CA LEU G 178 21.62 19.08 -38.67
C LEU G 178 22.67 18.02 -38.95
N PHE G 179 23.87 18.42 -39.38
CA PHE G 179 24.97 17.47 -39.49
C PHE G 179 25.33 16.87 -38.13
N LEU G 180 25.45 17.72 -37.10
CA LEU G 180 25.82 17.20 -35.79
C LEU G 180 24.79 16.22 -35.28
N LEU G 181 23.50 16.54 -35.43
CA LEU G 181 22.45 15.62 -35.00
C LEU G 181 22.57 14.29 -35.75
N SER G 182 22.72 14.35 -37.07
CA SER G 182 22.69 13.16 -37.90
C SER G 182 23.89 12.26 -37.64
N SER G 183 25.09 12.84 -37.53
CA SER G 183 26.25 12.00 -37.23
C SER G 183 26.15 11.42 -35.83
N LYS G 184 25.65 12.20 -34.87
CA LYS G 184 25.48 11.66 -33.52
C LYS G 184 24.39 10.59 -33.49
N LEU G 185 23.31 10.79 -34.26
CA LEU G 185 22.30 9.74 -34.34
C LEU G 185 22.90 8.45 -34.87
N ILE G 186 23.71 8.57 -35.92
CA ILE G 186 24.25 7.42 -36.63
C ILE G 186 25.34 6.73 -35.81
N SER G 187 26.18 7.51 -35.13
CA SER G 187 27.23 6.88 -34.35
C SER G 187 26.67 6.25 -33.08
N THR G 188 25.64 6.84 -32.48
CA THR G 188 25.07 6.32 -31.24
C THR G 188 24.15 5.13 -31.51
N HIS G 189 23.38 5.17 -32.60
CA HIS G 189 22.38 4.15 -32.92
C HIS G 189 22.52 3.75 -34.38
N PRO G 190 23.58 3.01 -34.73
CA PRO G 190 23.83 2.70 -36.14
C PRO G 190 22.77 1.80 -36.76
N GLU G 191 21.96 1.12 -35.94
CA GLU G 191 20.82 0.36 -36.44
C GLU G 191 19.79 1.24 -37.14
N VAL G 192 19.84 2.56 -36.96
CA VAL G 192 18.86 3.40 -37.65
C VAL G 192 19.00 3.24 -39.16
N LEU G 193 20.21 2.95 -39.65
CA LEU G 193 20.43 2.73 -41.06
C LEU G 193 19.80 1.43 -41.55
N GLU G 194 19.50 0.49 -40.64
CA GLU G 194 18.83 -0.73 -41.04
C GLU G 194 17.39 -0.49 -41.45
N THR G 195 16.81 0.64 -41.03
CA THR G 195 15.48 1.07 -41.46
C THR G 195 15.56 2.08 -42.60
N THR G 196 16.43 3.09 -42.51
CA THR G 196 16.47 4.10 -43.56
C THR G 196 17.14 3.63 -44.85
N SER G 197 17.77 2.44 -44.86
CA SER G 197 18.38 1.90 -46.08
C SER G 197 17.43 1.04 -46.89
N LYS G 198 16.20 0.84 -46.44
CA LYS G 198 15.29 -0.04 -47.14
C LYS G 198 14.33 0.77 -48.00
N PRO G 199 14.23 0.47 -49.30
CA PRO G 199 13.26 1.20 -50.13
C PRO G 199 11.83 0.93 -49.75
N THR G 200 11.52 -0.26 -49.22
CA THR G 200 10.22 -0.54 -48.62
C THR G 200 10.43 -1.32 -47.33
N VAL G 201 9.53 -1.11 -46.38
CA VAL G 201 9.56 -1.79 -45.10
C VAL G 201 8.21 -2.47 -44.91
N THR G 202 8.23 -3.77 -44.69
CA THR G 202 7.02 -4.51 -44.35
C THR G 202 6.84 -4.48 -42.84
N THR G 203 5.76 -3.85 -42.38
CA THR G 203 5.56 -3.72 -40.96
C THR G 203 5.27 -5.08 -40.34
N ASP G 204 5.25 -5.10 -39.00
CA ASP G 204 4.87 -6.33 -38.30
C ASP G 204 3.39 -6.63 -38.52
N LYS G 205 2.55 -5.58 -38.61
CA LYS G 205 1.16 -5.80 -38.96
C LYS G 205 1.05 -6.44 -40.35
N GLY G 206 1.73 -5.88 -41.33
CA GLY G 206 1.73 -6.43 -42.67
C GLY G 206 1.89 -5.37 -43.75
N ALA G 207 1.31 -4.20 -43.52
CA ALA G 207 1.35 -3.13 -44.52
C ALA G 207 2.79 -2.86 -44.97
N LYS G 208 2.94 -2.59 -46.26
CA LYS G 208 4.22 -2.22 -46.85
C LYS G 208 4.28 -0.71 -46.94
N LEU G 209 5.31 -0.12 -46.32
CA LEU G 209 5.54 1.31 -46.36
C LEU G 209 6.62 1.60 -47.40
N GLU G 210 6.45 2.68 -48.15
CA GLU G 210 7.40 3.04 -49.18
C GLU G 210 8.20 4.24 -48.74
N SER G 211 9.52 4.15 -48.94
CA SER G 211 10.42 5.21 -48.54
C SER G 211 10.29 6.40 -49.48
N THR G 212 10.41 7.60 -48.92
CA THR G 212 10.48 8.82 -49.70
C THR G 212 11.89 9.11 -50.20
N ASN G 213 12.85 8.24 -49.90
CA ASN G 213 14.23 8.45 -50.34
C ASN G 213 14.37 7.81 -51.70
N ASP G 214 14.25 8.62 -52.75
CA ASP G 214 14.30 8.13 -54.11
C ASP G 214 15.72 7.82 -54.59
N LEU G 215 16.74 8.05 -53.76
CA LEU G 215 18.12 7.81 -54.13
C LEU G 215 18.64 6.45 -53.69
N LEU G 216 17.87 5.69 -52.92
CA LEU G 216 18.29 4.36 -52.53
C LEU G 216 18.38 3.47 -53.76
N GLY G 217 19.50 2.78 -53.91
CA GLY G 217 19.75 1.99 -55.10
C GLY G 217 20.24 2.79 -56.28
N SER G 218 20.34 4.11 -56.14
CA SER G 218 20.75 5.01 -57.20
C SER G 218 22.14 5.57 -56.99
N ILE G 219 22.52 5.80 -55.74
CA ILE G 219 23.86 6.28 -55.39
C ILE G 219 24.52 5.15 -54.62
N GLN G 220 25.70 4.74 -55.09
CA GLN G 220 26.41 3.62 -54.48
C GLN G 220 26.74 3.94 -53.03
N GLY G 221 26.30 3.08 -52.12
CA GLY G 221 26.59 3.21 -50.70
C GLY G 221 25.59 4.00 -49.91
N LEU G 222 24.58 4.61 -50.53
CA LEU G 222 23.68 5.50 -49.81
C LEU G 222 22.68 4.71 -48.98
N ASP G 223 22.54 5.08 -47.70
CA ASP G 223 21.67 4.30 -46.81
C ASP G 223 20.81 5.15 -45.90
N GLY G 224 20.77 6.46 -46.06
CA GLY G 224 19.85 7.31 -45.34
C GLY G 224 19.78 8.65 -46.03
N LEU G 225 19.05 9.59 -45.44
CA LEU G 225 18.53 9.47 -44.08
C LEU G 225 17.06 9.88 -43.96
N LYS G 226 16.68 11.06 -44.47
CA LYS G 226 15.34 11.60 -44.24
C LYS G 226 15.04 12.76 -45.17
N THR G 227 13.84 12.77 -45.75
CA THR G 227 13.28 13.87 -46.53
C THR G 227 12.38 14.76 -45.68
N GLY G 228 12.11 15.95 -46.20
CA GLY G 228 11.08 16.81 -45.65
C GLY G 228 10.61 17.82 -46.67
N PHE G 229 9.38 18.29 -46.50
CA PHE G 229 8.84 19.36 -47.33
C PHE G 229 7.73 20.08 -46.59
N THR G 230 7.78 21.41 -46.61
CA THR G 230 6.61 22.26 -46.46
C THR G 230 6.72 23.35 -47.50
N ASP G 231 5.68 24.15 -47.63
CA ASP G 231 5.79 25.27 -48.56
C ASP G 231 6.82 26.28 -48.10
N GLU G 232 6.97 26.44 -46.79
CA GLU G 232 7.94 27.38 -46.26
C GLU G 232 9.35 26.80 -46.26
N ALA G 233 9.47 25.50 -46.02
CA ALA G 233 10.78 24.87 -45.98
C ALA G 233 11.31 24.51 -47.36
N GLY G 234 10.45 24.42 -48.38
CA GLY G 234 10.88 23.84 -49.65
C GLY G 234 11.19 22.37 -49.45
N TYR G 235 11.88 21.80 -50.46
CA TYR G 235 12.19 20.37 -50.50
C TYR G 235 13.56 20.11 -49.87
N CYS G 236 13.60 19.25 -48.87
CA CYS G 236 14.78 19.07 -48.05
C CYS G 236 15.17 17.60 -48.01
N PHE G 237 16.45 17.34 -47.79
CA PHE G 237 16.89 15.97 -47.67
C PHE G 237 18.21 15.92 -46.93
N ILE G 238 18.31 14.98 -46.01
CA ILE G 238 19.57 14.61 -45.36
C ILE G 238 19.96 13.25 -45.91
N GLY G 239 21.15 13.16 -46.46
CA GLY G 239 21.62 11.92 -47.03
C GLY G 239 22.89 11.46 -46.34
N THR G 240 23.19 10.19 -46.44
CA THR G 240 24.41 9.64 -45.87
C THR G 240 24.79 8.42 -46.68
N ALA G 241 26.09 8.26 -46.90
CA ALA G 241 26.60 7.15 -47.68
C ALA G 241 27.97 6.81 -47.15
N GLU G 242 28.33 5.54 -47.25
CA GLU G 242 29.65 5.07 -46.81
C GLU G 242 30.28 4.26 -47.93
N ARG G 243 31.55 4.55 -48.18
CA ARG G 243 32.33 3.78 -49.14
C ARG G 243 33.71 3.53 -48.53
N GLY G 244 34.05 2.26 -48.36
CA GLY G 244 35.41 1.89 -48.01
C GLY G 244 35.85 2.37 -46.65
N GLY G 245 34.93 2.57 -45.72
CA GLY G 245 35.26 3.09 -44.42
C GLY G 245 35.16 4.60 -44.29
N LYS G 246 34.72 5.30 -45.32
CA LYS G 246 34.48 6.74 -45.25
C LYS G 246 32.99 7.00 -45.34
N ARG G 247 32.44 7.70 -44.36
CA ARG G 247 31.03 8.07 -44.36
C ARG G 247 30.93 9.58 -44.55
N VAL G 248 29.97 10.00 -45.38
CA VAL G 248 29.69 11.42 -45.57
C VAL G 248 28.21 11.65 -45.30
N ILE G 249 27.90 12.88 -44.90
CA ILE G 249 26.52 13.30 -44.63
C ILE G 249 26.29 14.59 -45.41
N SER G 250 25.22 14.62 -46.20
CA SER G 250 24.87 15.77 -47.03
C SER G 250 23.55 16.34 -46.55
N ILE G 251 23.46 17.67 -46.56
CA ILE G 251 22.25 18.36 -46.14
C ILE G 251 21.81 19.26 -47.29
N VAL G 252 20.53 19.22 -47.62
CA VAL G 252 19.92 20.09 -48.62
C VAL G 252 18.64 20.68 -48.02
N LEU G 253 18.54 22.01 -48.02
CA LEU G 253 17.35 22.70 -47.54
C LEU G 253 16.83 23.67 -48.59
N ASP G 254 15.50 23.67 -48.78
CA ASP G 254 14.80 24.64 -49.62
C ASP G 254 15.13 24.48 -51.12
N ALA G 255 15.22 23.23 -51.59
CA ALA G 255 15.28 23.03 -53.03
C ALA G 255 13.91 23.29 -53.65
N GLY G 256 13.90 23.42 -54.97
CA GLY G 256 12.74 23.94 -55.70
C GLY G 256 11.68 22.93 -56.10
N THR G 257 12.06 21.67 -56.25
CA THR G 257 11.10 20.61 -56.58
C THR G 257 11.50 19.35 -55.84
N ALA G 258 10.60 18.36 -55.89
CA ALA G 258 10.84 17.10 -55.21
C ALA G 258 12.06 16.37 -55.79
N GLU G 259 12.32 16.51 -57.08
CA GLU G 259 13.47 15.84 -57.69
C GLU G 259 14.77 16.62 -57.49
N LYS G 260 14.69 17.95 -57.50
CA LYS G 260 15.89 18.77 -57.43
C LYS G 260 16.64 18.58 -56.12
N ARG G 261 15.94 18.34 -55.01
CA ARG G 261 16.65 18.02 -53.77
C ARG G 261 17.54 16.79 -53.95
N PHE G 262 17.12 15.83 -54.77
CA PHE G 262 17.94 14.64 -54.97
C PHE G 262 19.03 14.86 -56.01
N LYS G 263 18.79 15.72 -57.02
CA LYS G 263 19.88 16.09 -57.93
C LYS G 263 20.95 16.89 -57.21
N ASP G 264 20.56 17.79 -56.30
CA ASP G 264 21.52 18.49 -55.45
C ASP G 264 22.30 17.51 -54.59
N THR G 265 21.61 16.52 -54.02
CA THR G 265 22.29 15.51 -53.21
C THR G 265 23.30 14.71 -54.04
N GLU G 266 22.93 14.35 -55.27
CA GLU G 266 23.86 13.70 -56.18
C GLU G 266 25.15 14.50 -56.34
N LYS G 267 25.02 15.82 -56.51
CA LYS G 267 26.21 16.64 -56.67
C LYS G 267 27.05 16.68 -55.41
N LEU G 268 26.40 16.73 -54.24
CA LEU G 268 27.13 16.85 -52.99
C LEU G 268 27.89 15.56 -52.68
N MET G 269 27.30 14.42 -53.03
CA MET G 269 27.96 13.16 -52.75
C MET G 269 29.17 12.94 -53.64
N GLU G 270 29.14 13.43 -54.88
CA GLU G 270 30.33 13.31 -55.71
C GLU G 270 31.46 14.14 -55.12
N VAL G 271 31.16 15.35 -54.63
CA VAL G 271 32.16 16.15 -53.95
C VAL G 271 32.64 15.43 -52.70
N GLY G 272 31.71 14.84 -51.95
CA GLY G 272 32.06 14.20 -50.70
C GLY G 272 33.03 13.04 -50.86
N PHE G 273 32.96 12.34 -52.00
CA PHE G 273 33.84 11.19 -52.24
C PHE G 273 34.91 11.52 -53.27
N LYS G 274 35.22 12.79 -53.47
CA LYS G 274 36.20 13.22 -54.46
C LYS G 274 37.56 12.64 -54.15
N GLN H 28 5.33 -1.71 47.43
CA GLN H 28 4.05 -2.17 47.94
C GLN H 28 4.17 -2.56 49.43
N PRO H 29 3.04 -2.52 50.16
CA PRO H 29 3.10 -2.77 51.60
C PRO H 29 3.44 -4.23 51.93
N ASN H 30 3.98 -4.41 53.13
CA ASN H 30 4.31 -5.74 53.63
C ASN H 30 3.11 -6.25 54.42
N LEU H 31 2.34 -7.16 53.80
CA LEU H 31 1.12 -7.70 54.38
C LEU H 31 1.33 -9.17 54.72
N TYR H 32 0.57 -9.64 55.71
CA TYR H 32 0.62 -11.03 56.15
C TYR H 32 -0.76 -11.61 55.91
N LEU H 33 -0.92 -12.29 54.78
CA LEU H 33 -2.22 -12.78 54.37
C LEU H 33 -2.28 -14.28 54.53
N SER H 34 -3.49 -14.79 54.79
CA SER H 34 -3.71 -16.23 54.73
C SER H 34 -3.63 -16.74 53.29
N ALA H 35 -4.12 -15.95 52.34
CA ALA H 35 -4.21 -16.36 50.94
C ALA H 35 -2.87 -16.77 50.37
N ASN H 36 -2.91 -17.74 49.44
CA ASN H 36 -1.72 -18.11 48.68
C ASN H 36 -1.45 -17.12 47.55
N ALA H 37 -2.49 -16.63 46.90
CA ALA H 37 -2.33 -15.59 45.90
C ALA H 37 -3.34 -14.50 46.19
N ALA H 38 -2.91 -13.25 46.05
CA ALA H 38 -3.80 -12.14 46.34
C ALA H 38 -3.26 -10.88 45.68
N ALA H 39 -4.17 -9.98 45.34
CA ALA H 39 -3.79 -8.73 44.72
C ALA H 39 -4.93 -7.74 44.90
N VAL H 40 -4.61 -6.47 44.72
CA VAL H 40 -5.64 -5.43 44.68
C VAL H 40 -5.21 -4.42 43.63
N TYR H 41 -6.18 -3.94 42.84
CA TYR H 41 -5.93 -3.10 41.68
C TYR H 41 -6.83 -1.88 41.69
N SER H 42 -6.32 -0.78 41.17
CA SER H 42 -7.16 0.37 40.88
C SER H 42 -7.80 0.18 39.52
N VAL H 43 -9.11 0.47 39.42
CA VAL H 43 -9.82 0.27 38.17
C VAL H 43 -9.42 1.34 37.15
N GLU H 44 -9.06 2.53 37.63
CA GLU H 44 -8.84 3.68 36.76
C GLU H 44 -7.71 3.43 35.78
N ASN H 45 -6.59 2.91 36.27
CA ASN H 45 -5.44 2.64 35.41
C ASN H 45 -5.04 1.17 35.40
N GLY H 46 -5.87 0.28 35.96
CA GLY H 46 -5.49 -1.12 36.09
C GLY H 46 -4.23 -1.34 36.90
N GLU H 47 -3.78 -0.36 37.67
CA GLU H 47 -2.48 -0.41 38.31
C GLU H 47 -2.52 -1.27 39.58
N ALA H 48 -1.56 -2.18 39.70
CA ALA H 48 -1.49 -3.02 40.89
C ALA H 48 -0.99 -2.20 42.08
N LEU H 49 -1.70 -2.33 43.21
CA LEU H 49 -1.26 -1.68 44.43
C LEU H 49 -0.68 -2.68 45.43
N TYR H 50 -1.06 -3.95 45.31
CA TYR H 50 -0.41 -5.03 46.02
C TYR H 50 -0.61 -6.29 45.19
N GLU H 51 0.44 -7.11 45.11
CA GLU H 51 0.39 -8.38 44.39
C GLU H 51 1.20 -9.43 45.11
N GLN H 52 0.69 -10.66 45.10
CA GLN H 52 1.41 -11.80 45.68
C GLN H 52 1.05 -13.03 44.85
N ASN H 53 2.01 -13.59 44.10
CA ASN H 53 1.74 -14.72 43.20
C ASN H 53 0.64 -14.38 42.20
N ALA H 54 0.65 -13.14 41.71
CA ALA H 54 -0.42 -12.69 40.82
C ALA H 54 -0.45 -13.48 39.52
N ASP H 55 0.68 -14.04 39.09
CA ASP H 55 0.72 -14.80 37.85
C ASP H 55 0.54 -16.30 38.05
N LYS H 56 0.51 -16.78 39.29
CA LYS H 56 0.35 -18.20 39.57
C LYS H 56 -1.03 -18.70 39.16
N VAL H 57 -1.05 -19.86 38.51
CA VAL H 57 -2.30 -20.48 38.06
C VAL H 57 -2.95 -21.19 39.25
N MET H 58 -4.20 -20.85 39.53
CA MET H 58 -4.96 -21.31 40.68
C MET H 58 -6.32 -21.87 40.25
N PRO H 59 -6.83 -22.87 40.97
CA PRO H 59 -8.25 -23.22 40.82
C PRO H 59 -9.15 -22.13 41.40
N ILE H 60 -10.24 -21.80 40.69
CA ILE H 60 -11.08 -20.67 41.06
C ILE H 60 -12.49 -21.05 41.48
N ALA H 61 -12.96 -22.27 41.21
CA ALA H 61 -14.22 -22.78 41.73
C ALA H 61 -15.38 -21.85 41.37
N SER H 62 -16.17 -21.36 42.34
CA SER H 62 -17.42 -20.66 42.07
C SER H 62 -17.21 -19.27 41.49
N LEU H 63 -15.97 -18.78 41.48
CA LEU H 63 -15.64 -17.52 40.82
C LEU H 63 -15.97 -17.58 39.34
N SER H 64 -16.10 -18.78 38.76
CA SER H 64 -16.56 -18.99 37.40
C SER H 64 -17.92 -18.36 37.13
N LYS H 65 -18.76 -18.26 38.15
CA LYS H 65 -20.11 -17.77 37.98
C LYS H 65 -20.14 -16.30 37.56
N LEU H 66 -19.04 -15.58 37.72
CA LEU H 66 -18.98 -14.21 37.21
C LEU H 66 -18.91 -14.19 35.69
N MET H 67 -18.27 -15.20 35.08
CA MET H 67 -18.31 -15.30 33.62
C MET H 67 -19.70 -15.72 33.16
N THR H 68 -20.33 -16.65 33.88
CA THR H 68 -21.71 -16.98 33.55
C THR H 68 -22.61 -15.76 33.69
N ALA H 69 -22.44 -14.98 34.76
CA ALA H 69 -23.19 -13.74 34.91
C ALA H 69 -22.95 -12.81 33.73
N PHE H 70 -21.70 -12.69 33.29
CA PHE H 70 -21.37 -11.83 32.15
C PHE H 70 -22.14 -12.26 30.91
N LEU H 71 -22.14 -13.57 30.61
CA LEU H 71 -22.77 -14.04 29.39
C LEU H 71 -24.30 -13.96 29.47
N VAL H 72 -24.87 -14.10 30.66
CA VAL H 72 -26.31 -13.89 30.83
C VAL H 72 -26.68 -12.47 30.44
N LEU H 73 -25.93 -11.49 30.98
CA LEU H 73 -26.27 -10.09 30.74
C LEU H 73 -26.06 -9.72 29.28
N GLU H 74 -25.04 -10.29 28.64
CA GLU H 74 -24.82 -10.09 27.22
C GLU H 74 -26.02 -10.56 26.42
N ALA H 75 -26.53 -11.74 26.75
CA ALA H 75 -27.63 -12.33 25.98
C ALA H 75 -28.91 -11.52 26.11
N VAL H 76 -29.19 -10.98 27.31
CA VAL H 76 -30.33 -10.10 27.47
C VAL H 76 -30.17 -8.87 26.61
N ASP H 77 -28.97 -8.27 26.63
CA ASP H 77 -28.72 -7.07 25.82
C ASP H 77 -28.80 -7.37 24.34
N ASN H 78 -28.44 -8.59 23.95
CA ASN H 78 -28.47 -9.02 22.57
C ASN H 78 -29.81 -9.59 22.15
N ASN H 79 -30.85 -9.43 22.96
CA ASN H 79 -32.19 -9.84 22.61
C ASN H 79 -32.32 -11.35 22.50
N GLU H 80 -31.39 -12.09 23.09
CA GLU H 80 -31.37 -13.54 23.00
C GLU H 80 -31.89 -14.24 24.24
N LEU H 81 -32.31 -13.47 25.26
CA LEU H 81 -32.72 -14.03 26.53
C LEU H 81 -33.62 -13.04 27.25
N SER H 82 -34.67 -13.56 27.86
CA SER H 82 -35.65 -12.75 28.56
C SER H 82 -35.53 -13.01 30.06
N TRP H 83 -35.67 -11.94 30.85
CA TRP H 83 -35.58 -12.09 32.30
C TRP H 83 -36.73 -12.91 32.87
N ASP H 84 -37.88 -12.91 32.20
CA ASP H 84 -39.08 -13.57 32.70
C ASP H 84 -39.21 -15.02 32.25
N GLU H 85 -38.34 -15.51 31.38
CA GLU H 85 -38.44 -16.88 30.92
C GLU H 85 -38.19 -17.86 32.07
N LYS H 86 -39.03 -18.88 32.17
CA LYS H 86 -38.93 -19.89 33.22
C LYS H 86 -38.12 -21.09 32.75
N LEU H 87 -37.30 -21.63 33.65
CA LEU H 87 -36.46 -22.77 33.32
C LEU H 87 -36.54 -23.78 34.46
N ASP H 88 -36.27 -25.04 34.15
CA ASP H 88 -36.21 -26.08 35.17
C ASP H 88 -34.78 -26.27 35.65
N LEU H 89 -34.60 -26.31 36.97
CA LEU H 89 -33.28 -26.55 37.55
C LEU H 89 -32.73 -27.90 37.11
N VAL H 90 -31.51 -27.89 36.57
CA VAL H 90 -30.84 -29.16 36.27
C VAL H 90 -30.51 -29.86 37.58
N ARG H 91 -30.48 -31.19 37.54
CA ARG H 91 -30.12 -31.97 38.71
C ARG H 91 -28.62 -32.18 38.74
N LEU H 92 -28.01 -31.96 39.90
CA LEU H 92 -26.58 -32.10 40.05
C LEU H 92 -26.22 -33.52 40.47
N ASP H 93 -25.01 -33.95 40.10
CA ASP H 93 -24.53 -35.28 40.47
C ASP H 93 -24.15 -35.36 41.95
N ASP H 94 -23.88 -34.24 42.59
CA ASP H 94 -23.32 -34.24 43.93
C ASP H 94 -24.38 -33.94 44.98
N PRO H 95 -24.23 -34.49 46.18
CA PRO H 95 -25.05 -34.01 47.31
C PRO H 95 -24.39 -32.81 48.00
N SER H 96 -23.06 -32.77 47.95
CA SER H 96 -22.27 -31.73 48.61
C SER H 96 -22.21 -30.42 47.81
N ALA H 97 -22.73 -30.39 46.59
CA ALA H 97 -22.83 -29.13 45.87
C ALA H 97 -24.06 -28.37 46.37
N VAL H 98 -23.84 -27.09 46.71
CA VAL H 98 -24.93 -26.22 47.14
C VAL H 98 -25.87 -25.97 45.98
N SER H 99 -27.17 -25.95 46.27
CA SER H 99 -28.18 -25.87 45.22
C SER H 99 -29.36 -25.05 45.70
N LEU H 100 -30.02 -24.40 44.74
CA LEU H 100 -31.27 -23.70 45.02
C LEU H 100 -32.41 -24.68 45.27
N TYR H 101 -32.40 -25.84 44.62
CA TYR H 101 -33.48 -26.79 44.83
C TYR H 101 -33.48 -27.34 46.25
N ALA H 102 -32.30 -27.51 46.86
CA ALA H 102 -32.23 -28.09 48.19
C ALA H 102 -32.99 -27.26 49.21
N ILE H 103 -32.83 -25.93 49.17
CA ILE H 103 -33.40 -25.07 50.20
C ILE H 103 -34.81 -24.58 49.88
N THR H 104 -35.31 -24.79 48.65
CA THR H 104 -36.64 -24.33 48.30
C THR H 104 -37.61 -25.44 47.92
N GLN H 105 -37.14 -26.60 47.47
CA GLN H 105 -37.96 -27.65 46.88
C GLN H 105 -38.73 -27.18 45.65
N LYS H 106 -38.29 -26.11 45.00
CA LYS H 106 -38.96 -25.61 43.80
C LYS H 106 -38.04 -25.84 42.59
N ARG H 107 -38.58 -26.49 41.56
CA ARG H 107 -37.82 -26.86 40.38
C ARG H 107 -37.77 -25.76 39.32
N THR H 108 -38.80 -24.92 39.19
CA THR H 108 -38.93 -24.01 38.06
C THR H 108 -38.77 -22.57 38.51
N TRP H 109 -37.86 -21.84 37.86
CA TRP H 109 -37.53 -20.47 38.24
C TRP H 109 -37.35 -19.62 36.99
N SER H 110 -37.55 -18.32 37.16
CA SER H 110 -37.27 -17.37 36.07
C SER H 110 -35.77 -17.16 35.92
N VAL H 111 -35.38 -16.64 34.75
CA VAL H 111 -33.98 -16.34 34.50
C VAL H 111 -33.45 -15.33 35.50
N ARG H 112 -34.25 -14.31 35.81
CA ARG H 112 -33.84 -13.30 36.79
C ARG H 112 -33.57 -13.93 38.16
N ASP H 113 -34.43 -14.87 38.57
CA ASP H 113 -34.26 -15.51 39.87
C ASP H 113 -33.06 -16.45 39.91
N LEU H 114 -32.80 -17.18 38.81
CA LEU H 114 -31.62 -18.05 38.76
C LEU H 114 -30.33 -17.24 38.74
N TYR H 115 -30.35 -16.12 38.02
CA TYR H 115 -29.22 -15.20 38.02
C TYR H 115 -28.94 -14.65 39.42
N SER H 116 -30.00 -14.24 40.12
CA SER H 116 -29.85 -13.81 41.51
C SER H 116 -29.27 -14.91 42.39
N ALA H 117 -29.82 -16.13 42.29
CA ALA H 117 -29.36 -17.20 43.17
C ALA H 117 -27.88 -17.53 42.92
N MET H 118 -27.47 -17.53 41.66
CA MET H 118 -26.09 -17.82 41.33
C MET H 118 -25.13 -16.82 41.98
N LEU H 119 -25.52 -15.54 42.01
CA LEU H 119 -24.63 -14.50 42.50
C LEU H 119 -24.69 -14.34 44.02
N THR H 120 -25.86 -14.51 44.63
CA THR H 120 -25.98 -14.36 46.08
C THR H 120 -25.52 -15.60 46.83
N MET H 121 -26.28 -16.69 46.74
CA MET H 121 -25.96 -17.89 47.52
C MET H 121 -25.01 -18.84 46.82
N SER H 122 -24.62 -18.55 45.57
CA SER H 122 -23.70 -19.39 44.80
C SER H 122 -24.32 -20.76 44.49
N ALA H 123 -25.59 -20.74 44.05
CA ALA H 123 -26.31 -21.97 43.73
C ALA H 123 -25.76 -22.62 42.45
N ASN H 124 -25.19 -23.82 42.58
CA ASN H 124 -24.55 -24.49 41.46
C ASN H 124 -25.55 -24.94 40.41
N ASP H 125 -26.76 -25.30 40.83
CA ASP H 125 -27.73 -25.77 39.84
C ASP H 125 -28.28 -24.62 39.01
N ALA H 126 -28.41 -23.42 39.62
CA ALA H 126 -28.86 -22.26 38.86
C ALA H 126 -27.86 -21.89 37.78
N ALA H 127 -26.56 -21.94 38.11
CA ALA H 127 -25.52 -21.58 37.15
C ALA H 127 -25.51 -22.52 35.95
N GLU H 128 -25.59 -23.83 36.21
CA GLU H 128 -25.64 -24.83 35.14
C GLU H 128 -26.92 -24.73 34.31
N THR H 129 -28.03 -24.37 34.95
CA THR H 129 -29.26 -24.18 34.21
C THR H 129 -29.16 -22.99 33.25
N LEU H 130 -28.52 -21.89 33.70
CA LEU H 130 -28.35 -20.74 32.83
C LEU H 130 -27.42 -21.05 31.66
N GLY H 131 -26.29 -21.69 31.93
CA GLY H 131 -25.38 -22.06 30.86
C GLY H 131 -25.98 -23.02 29.87
N ASP H 132 -26.84 -23.94 30.34
CA ASP H 132 -27.54 -24.86 29.45
C ASP H 132 -28.49 -24.11 28.52
N ARG H 133 -29.25 -23.16 29.07
CA ARG H 133 -30.16 -22.36 28.25
C ARG H 133 -29.38 -21.51 27.24
N LEU H 134 -28.21 -21.02 27.64
CA LEU H 134 -27.47 -20.10 26.78
C LEU H 134 -26.85 -20.83 25.59
N ASP H 135 -26.19 -21.95 25.83
CA ASP H 135 -25.47 -22.59 24.73
C ASP H 135 -25.48 -24.11 24.82
N GLY H 136 -26.36 -24.70 25.62
CA GLY H 136 -26.36 -26.14 25.77
C GLY H 136 -25.00 -26.68 26.12
N ALA H 137 -24.58 -27.73 25.41
CA ALA H 137 -23.32 -28.39 25.74
C ALA H 137 -22.10 -27.57 25.33
N ASP H 138 -22.29 -26.44 24.66
CA ASP H 138 -21.22 -25.62 24.14
C ASP H 138 -20.97 -24.35 24.95
N PHE H 139 -21.48 -24.29 26.18
CA PHE H 139 -21.26 -23.11 27.01
C PHE H 139 -19.80 -22.92 27.43
N PRO H 140 -19.04 -23.98 27.73
CA PRO H 140 -17.62 -23.74 28.02
C PRO H 140 -16.86 -23.05 26.90
N LYS H 141 -17.17 -23.37 25.64
CA LYS H 141 -16.49 -22.67 24.55
C LYS H 141 -16.82 -21.18 24.57
N GLU H 142 -18.05 -20.83 24.92
CA GLU H 142 -18.41 -19.43 24.97
C GLU H 142 -17.86 -18.72 26.20
N MET H 143 -17.70 -19.44 27.31
CA MET H 143 -16.99 -18.87 28.45
C MET H 143 -15.55 -18.55 28.09
N ASN H 144 -14.86 -19.50 27.43
CA ASN H 144 -13.46 -19.31 27.10
C ASN H 144 -13.27 -18.32 25.94
N ASN H 145 -14.22 -18.26 25.00
CA ASN H 145 -14.17 -17.19 24.00
C ASN H 145 -14.32 -15.83 24.65
N GLN H 146 -15.26 -15.71 25.59
CA GLN H 146 -15.41 -14.43 26.26
C GLN H 146 -14.21 -14.10 27.11
N ALA H 147 -13.57 -15.12 27.71
CA ALA H 147 -12.36 -14.86 28.49
C ALA H 147 -11.31 -14.22 27.60
N LYS H 148 -11.12 -14.79 26.42
CA LYS H 148 -10.18 -14.23 25.45
C LYS H 148 -10.56 -12.82 25.05
N LYS H 149 -11.86 -12.58 24.80
CA LYS H 149 -12.31 -11.26 24.38
C LYS H 149 -12.06 -10.21 25.45
N LEU H 150 -12.02 -10.61 26.71
CA LEU H 150 -11.87 -9.64 27.78
C LEU H 150 -10.42 -9.40 28.17
N GLY H 151 -9.47 -9.94 27.41
CA GLY H 151 -8.07 -9.72 27.69
C GLY H 151 -7.45 -10.70 28.63
N MET H 152 -8.15 -11.77 29.00
CA MET H 152 -7.58 -12.77 29.90
C MET H 152 -6.52 -13.60 29.18
N SER H 153 -5.47 -13.96 29.92
CA SER H 153 -4.38 -14.73 29.37
C SER H 153 -4.82 -16.17 29.13
N SER H 154 -4.00 -16.89 28.37
CA SER H 154 -4.30 -18.28 28.05
C SER H 154 -4.15 -19.21 29.25
N LYS H 155 -3.71 -18.70 30.40
CA LYS H 155 -3.68 -19.49 31.63
C LYS H 155 -5.06 -19.68 32.24
N THR H 156 -6.06 -18.95 31.77
CA THR H 156 -7.43 -19.09 32.24
C THR H 156 -8.15 -20.14 31.41
N THR H 157 -8.79 -21.10 32.06
CA THR H 157 -9.62 -22.07 31.38
C THR H 157 -10.87 -22.31 32.20
N PHE H 158 -12.02 -21.98 31.66
CA PHE H 158 -13.28 -22.33 32.28
C PHE H 158 -13.72 -23.69 31.79
N VAL H 159 -14.40 -24.43 32.66
CA VAL H 159 -14.87 -25.77 32.32
C VAL H 159 -16.36 -25.96 32.50
N SER H 160 -17.04 -25.07 33.24
CA SER H 160 -18.47 -25.24 33.51
C SER H 160 -19.05 -23.91 33.98
N ALA H 161 -20.37 -23.80 33.88
CA ALA H 161 -21.04 -22.57 34.25
C ALA H 161 -20.90 -22.28 35.74
N SER H 162 -20.93 -23.33 36.58
CA SER H 162 -20.87 -23.16 38.02
C SER H 162 -19.46 -23.12 38.56
N GLY H 163 -18.49 -23.66 37.84
CA GLY H 163 -17.15 -23.85 38.33
C GLY H 163 -16.89 -25.25 38.86
N LEU H 164 -17.89 -26.12 38.86
CA LEU H 164 -17.69 -27.50 39.28
C LEU H 164 -16.80 -28.22 38.27
N ASP H 165 -15.98 -29.15 38.77
CA ASP H 165 -15.14 -29.97 37.92
C ASP H 165 -15.97 -30.69 36.88
N VAL H 166 -15.40 -30.89 35.70
CA VAL H 166 -16.04 -31.62 34.61
C VAL H 166 -15.05 -32.63 34.08
N ASP H 167 -15.38 -33.92 34.22
CA ASP H 167 -14.53 -35.02 33.77
C ASP H 167 -13.11 -34.92 34.36
N GLY H 168 -13.03 -34.46 35.60
CA GLY H 168 -11.76 -34.33 36.27
C GLY H 168 -10.96 -33.10 35.92
N LYS H 169 -11.49 -32.23 35.06
CA LYS H 169 -10.85 -30.96 34.76
C LYS H 169 -11.43 -29.87 35.64
N SER H 170 -10.57 -28.97 36.12
CA SER H 170 -10.94 -27.89 37.03
C SER H 170 -10.79 -26.54 36.34
N ALA H 171 -11.56 -25.56 36.81
CA ALA H 171 -11.46 -24.20 36.30
C ALA H 171 -10.30 -23.48 36.95
N VAL H 172 -9.44 -22.85 36.14
CA VAL H 172 -8.24 -22.20 36.65
C VAL H 172 -8.14 -20.80 36.07
N SER H 173 -7.38 -19.96 36.77
CA SER H 173 -7.10 -18.60 36.32
C SER H 173 -5.91 -18.08 37.13
N THR H 174 -5.63 -16.79 36.98
CA THR H 174 -4.68 -16.07 37.83
C THR H 174 -5.37 -14.84 38.40
N THR H 175 -4.82 -14.26 39.47
CA THR H 175 -5.46 -13.06 40.01
C THR H 175 -5.39 -11.91 39.01
N LYS H 176 -4.36 -11.87 38.17
CA LYS H 176 -4.31 -10.83 37.13
C LYS H 176 -5.48 -10.98 36.16
N ASP H 177 -5.73 -12.20 35.69
CA ASP H 177 -6.82 -12.42 34.73
C ASP H 177 -8.17 -12.19 35.37
N LEU H 178 -8.34 -12.63 36.63
CA LEU H 178 -9.61 -12.41 37.33
C LEU H 178 -9.91 -10.94 37.55
N PHE H 179 -8.87 -10.11 37.70
CA PHE H 179 -9.09 -8.67 37.71
C PHE H 179 -9.63 -8.18 36.37
N LEU H 180 -9.01 -8.61 35.26
CA LEU H 180 -9.46 -8.14 33.96
C LEU H 180 -10.90 -8.56 33.70
N LEU H 181 -11.28 -9.76 34.10
CA LEU H 181 -12.67 -10.16 33.92
C LEU H 181 -13.60 -9.33 34.79
N SER H 182 -13.22 -9.10 36.05
CA SER H 182 -14.11 -8.41 36.98
C SER H 182 -14.28 -6.95 36.59
N SER H 183 -13.19 -6.27 36.24
CA SER H 183 -13.30 -4.88 35.82
C SER H 183 -14.11 -4.77 34.52
N LYS H 184 -13.89 -5.71 33.59
CA LYS H 184 -14.68 -5.70 32.36
C LYS H 184 -16.14 -6.03 32.63
N LEU H 185 -16.42 -6.97 33.53
CA LEU H 185 -17.82 -7.24 33.87
C LEU H 185 -18.48 -5.99 34.42
N ILE H 186 -17.78 -5.27 35.29
CA ILE H 186 -18.39 -4.13 35.97
C ILE H 186 -18.52 -2.94 35.02
N SER H 187 -17.53 -2.70 34.16
CA SER H 187 -17.67 -1.53 33.29
C SER H 187 -18.69 -1.78 32.19
N THR H 188 -18.79 -3.01 31.69
CA THR H 188 -19.75 -3.34 30.65
C THR H 188 -21.16 -3.48 31.19
N HIS H 189 -21.33 -4.10 32.37
CA HIS H 189 -22.65 -4.32 32.96
C HIS H 189 -22.63 -3.83 34.40
N PRO H 190 -22.71 -2.52 34.62
CA PRO H 190 -22.63 -2.00 35.99
C PRO H 190 -23.81 -2.39 36.85
N GLU H 191 -24.94 -2.78 36.27
CA GLU H 191 -26.06 -3.27 37.05
C GLU H 191 -25.76 -4.58 37.79
N VAL H 192 -24.65 -5.25 37.48
CA VAL H 192 -24.32 -6.44 38.25
C VAL H 192 -24.19 -6.10 39.73
N LEU H 193 -23.71 -4.90 40.05
CA LEU H 193 -23.55 -4.46 41.42
C LEU H 193 -24.88 -4.23 42.13
N GLU H 194 -25.95 -3.98 41.39
CA GLU H 194 -27.28 -3.91 42.00
C GLU H 194 -27.69 -5.25 42.60
N THR H 195 -27.13 -6.34 42.13
CA THR H 195 -27.42 -7.63 42.74
C THR H 195 -26.38 -8.02 43.79
N THR H 196 -25.08 -7.85 43.48
CA THR H 196 -24.04 -8.32 44.40
C THR H 196 -23.88 -7.41 45.62
N SER H 197 -24.41 -6.19 45.59
CA SER H 197 -24.36 -5.31 46.75
C SER H 197 -25.40 -5.64 47.80
N LYS H 198 -26.37 -6.51 47.48
CA LYS H 198 -27.51 -6.74 48.36
C LYS H 198 -27.21 -7.89 49.32
N PRO H 199 -27.30 -7.67 50.63
CA PRO H 199 -27.07 -8.78 51.58
C PRO H 199 -28.11 -9.88 51.48
N THR H 200 -29.33 -9.56 51.05
CA THR H 200 -30.35 -10.56 50.76
C THR H 200 -31.12 -10.10 49.53
N VAL H 201 -31.57 -11.07 48.74
CA VAL H 201 -32.35 -10.81 47.55
C VAL H 201 -33.66 -11.55 47.68
N THR H 202 -34.77 -10.83 47.62
CA THR H 202 -36.08 -11.44 47.53
C THR H 202 -36.38 -11.76 46.07
N THR H 203 -36.53 -13.04 45.76
CA THR H 203 -36.75 -13.42 44.38
C THR H 203 -38.15 -13.01 43.90
N ASP H 204 -38.33 -13.03 42.58
CA ASP H 204 -39.67 -12.86 42.03
C ASP H 204 -40.64 -13.87 42.60
N LYS H 205 -40.20 -15.13 42.71
CA LYS H 205 -41.10 -16.15 43.25
C LYS H 205 -41.44 -15.86 44.71
N GLY H 206 -40.49 -15.33 45.48
CA GLY H 206 -40.76 -15.00 46.86
C GLY H 206 -39.57 -15.24 47.76
N ALA H 207 -38.98 -16.43 47.64
CA ALA H 207 -37.91 -16.88 48.52
C ALA H 207 -36.80 -15.84 48.64
N LYS H 208 -36.23 -15.74 49.84
CA LYS H 208 -35.13 -14.82 50.11
C LYS H 208 -33.82 -15.59 50.09
N LEU H 209 -32.87 -15.11 49.28
CA LEU H 209 -31.53 -15.66 49.20
C LEU H 209 -30.58 -14.76 49.96
N GLU H 210 -29.71 -15.39 50.76
CA GLU H 210 -28.73 -14.66 51.56
C GLU H 210 -27.37 -14.70 50.87
N SER H 211 -26.72 -13.53 50.81
CA SER H 211 -25.43 -13.42 50.16
C SER H 211 -24.34 -14.11 50.98
N THR H 212 -23.41 -14.75 50.27
CA THR H 212 -22.20 -15.30 50.88
C THR H 212 -21.14 -14.23 51.16
N ASN H 213 -21.39 -12.98 50.80
CA ASN H 213 -20.42 -11.90 50.96
C ASN H 213 -20.59 -11.28 52.34
N ASP H 214 -19.80 -11.74 53.31
CA ASP H 214 -19.93 -11.29 54.68
C ASP H 214 -19.47 -9.85 54.89
N LEU H 215 -18.78 -9.23 53.92
CA LEU H 215 -18.25 -7.90 54.14
C LEU H 215 -19.21 -6.80 53.73
N LEU H 216 -20.36 -7.14 53.16
CA LEU H 216 -21.37 -6.15 52.83
C LEU H 216 -21.83 -5.48 54.11
N GLY H 217 -21.89 -4.16 54.13
CA GLY H 217 -22.20 -3.43 55.33
C GLY H 217 -21.08 -3.31 56.34
N SER H 218 -19.93 -3.94 56.08
CA SER H 218 -18.77 -3.92 56.96
C SER H 218 -17.65 -3.03 56.46
N ILE H 219 -17.37 -3.04 55.16
CA ILE H 219 -16.38 -2.16 54.56
C ILE H 219 -17.12 -1.06 53.83
N GLN H 220 -16.82 0.19 54.15
CA GLN H 220 -17.52 1.30 53.53
C GLN H 220 -17.26 1.31 52.04
N GLY H 221 -18.35 1.30 51.26
CA GLY H 221 -18.27 1.36 49.82
C GLY H 221 -18.28 0.01 49.14
N LEU H 222 -18.19 -1.09 49.87
CA LEU H 222 -18.07 -2.40 49.25
C LEU H 222 -19.39 -2.86 48.66
N ASP H 223 -19.37 -3.32 47.40
CA ASP H 223 -20.61 -3.69 46.76
C ASP H 223 -20.49 -4.92 45.85
N GLY H 224 -19.43 -5.72 46.02
CA GLY H 224 -19.26 -6.97 45.30
C GLY H 224 -18.04 -7.69 45.86
N LEU H 225 -17.74 -8.86 45.31
CA LEU H 225 -18.33 -9.37 44.08
C LEU H 225 -18.74 -10.85 44.19
N LYS H 226 -17.83 -11.74 44.62
CA LYS H 226 -18.13 -13.17 44.57
C LYS H 226 -17.18 -13.97 45.44
N THR H 227 -17.73 -14.90 46.22
CA THR H 227 -16.94 -15.86 46.98
C THR H 227 -16.75 -17.15 46.18
N GLY H 228 -15.81 -17.97 46.62
CA GLY H 228 -15.75 -19.36 46.18
C GLY H 228 -14.99 -20.20 47.19
N PHE H 229 -15.29 -21.49 47.18
CA PHE H 229 -14.51 -22.45 47.97
C PHE H 229 -14.64 -23.85 47.37
N THR H 230 -13.51 -24.55 47.26
CA THR H 230 -13.43 -25.99 47.21
C THR H 230 -12.22 -26.39 48.04
N ASP H 231 -12.10 -27.69 48.34
CA ASP H 231 -10.96 -28.13 49.15
C ASP H 231 -9.64 -27.82 48.45
N GLU H 232 -9.61 -28.00 47.14
CA GLU H 232 -8.41 -27.74 46.36
C GLU H 232 -8.16 -26.24 46.20
N ALA H 233 -9.22 -25.45 46.05
CA ALA H 233 -9.07 -24.02 45.82
C ALA H 233 -9.00 -23.19 47.12
N GLY H 234 -9.30 -23.77 48.27
CA GLY H 234 -9.39 -22.99 49.47
C GLY H 234 -10.45 -21.90 49.35
N TYR H 235 -10.45 -21.02 50.35
CA TYR H 235 -11.44 -19.96 50.45
C TYR H 235 -11.03 -18.75 49.63
N CYS H 236 -11.90 -18.32 48.74
CA CYS H 236 -11.58 -17.31 47.73
C CYS H 236 -12.62 -16.19 47.74
N PHE H 237 -12.19 -14.99 47.37
CA PHE H 237 -13.13 -13.88 47.30
C PHE H 237 -12.63 -12.82 46.34
N ILE H 238 -13.51 -12.38 45.45
CA ILE H 238 -13.28 -11.16 44.68
C ILE H 238 -14.15 -10.07 45.28
N GLY H 239 -13.53 -8.97 45.69
CA GLY H 239 -14.24 -7.87 46.31
C GLY H 239 -14.06 -6.63 45.48
N THR H 240 -15.02 -5.73 45.57
CA THR H 240 -14.88 -4.45 44.89
C THR H 240 -15.56 -3.39 45.73
N ALA H 241 -14.98 -2.18 45.72
CA ALA H 241 -15.49 -1.07 46.51
C ALA H 241 -15.24 0.21 45.74
N GLU H 242 -16.10 1.20 45.94
CA GLU H 242 -15.94 2.50 45.30
C GLU H 242 -16.07 3.59 46.34
N ARG H 243 -15.10 4.49 46.38
CA ARG H 243 -15.15 5.68 47.21
C ARG H 243 -14.74 6.90 46.39
N GLY H 244 -15.60 7.90 46.37
CA GLY H 244 -15.25 9.21 45.83
C GLY H 244 -14.82 9.18 44.38
N GLY H 245 -15.41 8.31 43.58
CA GLY H 245 -15.04 8.16 42.20
C GLY H 245 -13.92 7.17 41.94
N LYS H 246 -13.33 6.58 42.97
CA LYS H 246 -12.23 5.62 42.82
C LYS H 246 -12.72 4.23 43.16
N ARG H 247 -12.60 3.30 42.21
CA ARG H 247 -13.01 1.91 42.41
C ARG H 247 -11.77 1.03 42.46
N VAL H 248 -11.77 0.07 43.39
CA VAL H 248 -10.70 -0.91 43.52
C VAL H 248 -11.30 -2.31 43.44
N ILE H 249 -10.50 -3.26 43.00
CA ILE H 249 -10.91 -4.66 42.92
C ILE H 249 -9.85 -5.51 43.62
N SER H 250 -10.28 -6.35 44.56
CA SER H 250 -9.38 -7.19 45.32
C SER H 250 -9.61 -8.66 45.00
N ILE H 251 -8.54 -9.44 44.92
CA ILE H 251 -8.61 -10.87 44.65
C ILE H 251 -7.88 -11.61 45.76
N VAL H 252 -8.51 -12.64 46.30
CA VAL H 252 -7.94 -13.50 47.32
C VAL H 252 -8.21 -14.94 46.90
N LEU H 253 -7.17 -15.76 46.83
CA LEU H 253 -7.31 -17.16 46.45
C LEU H 253 -6.59 -18.06 47.45
N ASP H 254 -7.26 -19.12 47.89
CA ASP H 254 -6.65 -20.15 48.76
C ASP H 254 -6.33 -19.62 50.16
N ALA H 255 -7.25 -18.84 50.72
CA ALA H 255 -7.19 -18.53 52.14
C ALA H 255 -7.57 -19.77 52.94
N GLY H 256 -7.25 -19.75 54.24
CA GLY H 256 -7.34 -20.95 55.05
C GLY H 256 -8.64 -21.21 55.77
N THR H 257 -9.46 -20.17 55.97
CA THR H 257 -10.79 -20.36 56.55
C THR H 257 -11.77 -19.43 55.85
N ALA H 258 -13.06 -19.70 56.07
CA ALA H 258 -14.09 -18.85 55.48
C ALA H 258 -13.96 -17.41 55.95
N GLU H 259 -13.50 -17.19 57.19
CA GLU H 259 -13.37 -15.82 57.67
C GLU H 259 -12.07 -15.17 57.20
N LYS H 260 -10.99 -15.96 57.05
CA LYS H 260 -9.69 -15.39 56.73
C LYS H 260 -9.68 -14.76 55.33
N ARG H 261 -10.42 -15.32 54.38
CA ARG H 261 -10.50 -14.67 53.06
C ARG H 261 -11.03 -13.24 53.19
N PHE H 262 -11.93 -13.00 54.14
CA PHE H 262 -12.47 -11.67 54.37
C PHE H 262 -11.51 -10.78 55.18
N LYS H 263 -10.74 -11.35 56.11
CA LYS H 263 -9.75 -10.54 56.81
C LYS H 263 -8.64 -10.10 55.86
N ASP H 264 -8.22 -10.99 54.94
CA ASP H 264 -7.31 -10.62 53.86
C ASP H 264 -7.90 -9.51 52.99
N THR H 265 -9.19 -9.62 52.66
CA THR H 265 -9.83 -8.58 51.87
C THR H 265 -9.82 -7.24 52.59
N GLU H 266 -10.04 -7.25 53.90
CA GLU H 266 -9.95 -6.02 54.67
C GLU H 266 -8.57 -5.39 54.54
N LYS H 267 -7.53 -6.21 54.57
CA LYS H 267 -6.19 -5.65 54.45
C LYS H 267 -5.96 -5.05 53.07
N LEU H 268 -6.41 -5.74 52.02
CA LEU H 268 -6.18 -5.28 50.65
C LEU H 268 -6.96 -4.01 50.34
N MET H 269 -8.16 -3.88 50.90
CA MET H 269 -8.96 -2.69 50.65
C MET H 269 -8.34 -1.46 51.30
N GLU H 270 -7.81 -1.60 52.51
CA GLU H 270 -7.12 -0.47 53.13
C GLU H 270 -5.91 -0.05 52.28
N VAL H 271 -5.22 -1.01 51.69
CA VAL H 271 -4.14 -0.69 50.77
C VAL H 271 -4.71 0.01 49.54
N GLY H 272 -5.79 -0.54 48.98
CA GLY H 272 -6.34 0.02 47.77
C GLY H 272 -6.73 1.49 47.89
N PHE H 273 -7.11 1.93 49.09
CA PHE H 273 -7.55 3.31 49.27
C PHE H 273 -6.54 4.18 50.03
N LYS H 274 -5.27 3.76 50.11
CA LYS H 274 -4.29 4.52 50.89
C LYS H 274 -4.03 5.86 50.22
#